data_6W74
# 
_entry.id   6W74 
# 
_audit_conform.dict_name       mmcif_pdbx.dic 
_audit_conform.dict_version    5.380 
_audit_conform.dict_location   http://mmcif.pdb.org/dictionaries/ascii/mmcif_pdbx.dic 
# 
loop_
_database_2.database_id 
_database_2.database_code 
_database_2.pdbx_database_accession 
_database_2.pdbx_DOI 
PDB   6W74         pdb_00006w74 10.2210/pdb6w74/pdb 
WWPDB D_1000247752 ?            ?                   
# 
_pdbx_database_status.status_code                     REL 
_pdbx_database_status.status_code_sf                  REL 
_pdbx_database_status.status_code_mr                  ? 
_pdbx_database_status.entry_id                        6W74 
_pdbx_database_status.recvd_initial_deposition_date   2020-03-18 
_pdbx_database_status.SG_entry                        N 
_pdbx_database_status.deposit_site                    RCSB 
_pdbx_database_status.process_site                    RCSB 
_pdbx_database_status.status_code_cs                  ? 
_pdbx_database_status.status_code_nmr_data            ? 
_pdbx_database_status.methods_development_category    ? 
_pdbx_database_status.pdb_format_compatible           Y 
# 
loop_
_audit_author.name 
_audit_author.pdbx_ordinal 
_audit_author.identifier_ORCID 
'Calabrese, M.F.' 1 0000-0002-9394-3686 
'Schiemer, J.S.'  2 ?                   
# 
_citation.abstract                  ? 
_citation.abstract_id_CAS           ? 
_citation.book_id_ISBN              ? 
_citation.book_publisher            ? 
_citation.book_publisher_city       ? 
_citation.book_title                ? 
_citation.coordinate_linkage        ? 
_citation.country                   US 
_citation.database_id_Medline       ? 
_citation.details                   ? 
_citation.id                        primary 
_citation.journal_abbrev            Nat.Chem.Biol. 
_citation.journal_id_ASTM           ? 
_citation.journal_id_CSD            ? 
_citation.journal_id_ISSN           1552-4469 
_citation.journal_full              ? 
_citation.journal_issue             ? 
_citation.journal_volume            ? 
_citation.language                  ? 
_citation.page_first                ? 
_citation.page_last                 ? 
_citation.title                     'Structural Characterization of BTK:PROTAC:cIAP Ternary Complexes: From Snapshots to Ensembles' 
_citation.year                      2020 
_citation.database_id_CSD           ? 
_citation.pdbx_database_id_DOI      ? 
_citation.pdbx_database_id_PubMed   ? 
_citation.unpublished_flag          ? 
# 
loop_
_citation_author.citation_id 
_citation_author.name 
_citation_author.ordinal 
_citation_author.identifier_ORCID 
primary 'Calabrese, M.F.' 1  0000-0002-9394-3686 
primary 'Schiemer, J.S.'  2  ?                   
primary 'Horst, R.'       3  ?                   
primary 'Meng, Y.'        4  ?                   
primary 'Montgomery, J.'  5  ?                   
primary 'Xu, Y.'          6  ?                   
primary 'Feng, X.'        7  ?                   
primary 'Borzilleri, K.'  8  ?                   
primary 'Uccello, D.P.'   9  ?                   
primary 'Leverett, C.'    10 ?                   
primary 'Brown, S.'       11 ?                   
primary 'Che, Y.'         12 ?                   
primary 'Brown, M.F.'     13 ?                   
primary 'Hayward, M.M.'   14 ?                   
primary 'Gilbert, A.M.'   15 ?                   
primary 'Noe, M.C.'       16 ?                   
# 
_cell.angle_alpha                  90.000 
_cell.angle_alpha_esd              ? 
_cell.angle_beta                   105.700 
_cell.angle_beta_esd               ? 
_cell.angle_gamma                  90.000 
_cell.angle_gamma_esd              ? 
_cell.entry_id                     6W74 
_cell.details                      ? 
_cell.formula_units_Z              ? 
_cell.length_a                     49.037 
_cell.length_a_esd                 ? 
_cell.length_b                     33.651 
_cell.length_b_esd                 ? 
_cell.length_c                     57.610 
_cell.length_c_esd                 ? 
_cell.volume                       ? 
_cell.volume_esd                   ? 
_cell.Z_PDB                        4 
_cell.reciprocal_angle_alpha       ? 
_cell.reciprocal_angle_beta        ? 
_cell.reciprocal_angle_gamma       ? 
_cell.reciprocal_angle_alpha_esd   ? 
_cell.reciprocal_angle_beta_esd    ? 
_cell.reciprocal_angle_gamma_esd   ? 
_cell.reciprocal_length_a          ? 
_cell.reciprocal_length_b          ? 
_cell.reciprocal_length_c          ? 
_cell.reciprocal_length_a_esd      ? 
_cell.reciprocal_length_b_esd      ? 
_cell.reciprocal_length_c_esd      ? 
_cell.pdbx_unique_axis             ? 
# 
_symmetry.entry_id                         6W74 
_symmetry.cell_setting                     ? 
_symmetry.Int_Tables_number                5 
_symmetry.space_group_name_Hall            ? 
_symmetry.space_group_name_H-M             'C 1 2 1' 
_symmetry.pdbx_full_space_group_name_H-M   ? 
# 
loop_
_entity.id 
_entity.type 
_entity.src_method 
_entity.pdbx_description 
_entity.formula_weight 
_entity.pdbx_number_of_molecules 
_entity.pdbx_ec 
_entity.pdbx_mutation 
_entity.pdbx_fragment 
_entity.details 
1 polymer     man 'Baculoviral IAP repeat-containing protein 2' 11318.731 1  2.3.2.27 ? ? ? 
2 non-polymer syn 'ZINC ION' 65.409    1  ?        ? ? ? 
3 non-polymer syn 
;14-{[(3S)-2-(N-methyl-L-alanyl-3-methyl-L-valyl)-3-{[(1R)-1,2,3,4-tetrahydronaphthalen-1-yl]carbamoyl}-1,2,3,4-tetrahydroisoquinolin-7-yl]oxy}-3,6,9,12-tetraoxatetradecan-1-yl (3R)-3-{5-amino-4-carbamoyl-3-[4-(2,4-difluorophenoxy)phenyl]-1H-pyrazol-1-yl}piperidine-1-carboxylate
;
1180.341  1  ?        ? ? ? 
4 water       nat water 18.015    51 ?        ? ? ? 
# 
_entity_name_com.entity_id   1 
_entity_name_com.name        
;Cellular inhibitor of apoptosis 1,C-IAP1,IAP homolog B,Inhibitor of apoptosis protein 2,hIAP2,RING finger protein 48,RING-type E3 ubiquitin transferase BIRC2,TNFR2-TRAF-signaling complex protein 2
;
# 
_entity_poly.entity_id                      1 
_entity_poly.type                           'polypeptide(L)' 
_entity_poly.nstd_linkage                   no 
_entity_poly.nstd_monomer                   no 
_entity_poly.pdbx_seq_one_letter_code       
;GSGPGSSISNLSMQTHAARMRTFMYWPSSVPVQPEQLASAGFYYVGRNDDVKCFCCDGGLRCWESGDDPWVEHAKWFPRC
EFLIRMKGQEFVDEIQGRY
;
_entity_poly.pdbx_seq_one_letter_code_can   
;GSGPGSSISNLSMQTHAARMRTFMYWPSSVPVQPEQLASAGFYYVGRNDDVKCFCCDGGLRCWESGDDPWVEHAKWFPRC
EFLIRMKGQEFVDEIQGRY
;
_entity_poly.pdbx_strand_id                 A 
_entity_poly.pdbx_target_identifier         ? 
# 
loop_
_entity_poly_seq.entity_id 
_entity_poly_seq.num 
_entity_poly_seq.mon_id 
_entity_poly_seq.hetero 
1 1  GLY n 
1 2  SER n 
1 3  GLY n 
1 4  PRO n 
1 5  GLY n 
1 6  SER n 
1 7  SER n 
1 8  ILE n 
1 9  SER n 
1 10 ASN n 
1 11 LEU n 
1 12 SER n 
1 13 MET n 
1 14 GLN n 
1 15 THR n 
1 16 HIS n 
1 17 ALA n 
1 18 ALA n 
1 19 ARG n 
1 20 MET n 
1 21 ARG n 
1 22 THR n 
1 23 PHE n 
1 24 MET n 
1 25 TYR n 
1 26 TRP n 
1 27 PRO n 
1 28 SER n 
1 29 SER n 
1 30 VAL n 
1 31 PRO n 
1 32 VAL n 
1 33 GLN n 
1 34 PRO n 
1 35 GLU n 
1 36 GLN n 
1 37 LEU n 
1 38 ALA n 
1 39 SER n 
1 40 ALA n 
1 41 GLY n 
1 42 PHE n 
1 43 TYR n 
1 44 TYR n 
1 45 VAL n 
1 46 GLY n 
1 47 ARG n 
1 48 ASN n 
1 49 ASP n 
1 50 ASP n 
1 51 VAL n 
1 52 LYS n 
1 53 CYS n 
1 54 PHE n 
1 55 CYS n 
1 56 CYS n 
1 57 ASP n 
1 58 GLY n 
1 59 GLY n 
1 60 LEU n 
1 61 ARG n 
1 62 CYS n 
1 63 TRP n 
1 64 GLU n 
1 65 SER n 
1 66 GLY n 
1 67 ASP n 
1 68 ASP n 
1 69 PRO n 
1 70 TRP n 
1 71 VAL n 
1 72 GLU n 
1 73 HIS n 
1 74 ALA n 
1 75 LYS n 
1 76 TRP n 
1 77 PHE n 
1 78 PRO n 
1 79 ARG n 
1 80 CYS n 
1 81 GLU n 
1 82 PHE n 
1 83 LEU n 
1 84 ILE n 
1 85 ARG n 
1 86 MET n 
1 87 LYS n 
1 88 GLY n 
1 89 GLN n 
1 90 GLU n 
1 91 PHE n 
1 92 VAL n 
1 93 ASP n 
1 94 GLU n 
1 95 ILE n 
1 96 GLN n 
1 97 GLY n 
1 98 ARG n 
1 99 TYR n 
# 
_entity_src_gen.entity_id                          1 
_entity_src_gen.pdbx_src_id                        1 
_entity_src_gen.pdbx_alt_source_flag               sample 
_entity_src_gen.pdbx_seq_type                      'Biological sequence' 
_entity_src_gen.pdbx_beg_seq_num                   1 
_entity_src_gen.pdbx_end_seq_num                   99 
_entity_src_gen.gene_src_common_name               Human 
_entity_src_gen.gene_src_genus                     ? 
_entity_src_gen.pdbx_gene_src_gene                 'BIRC2, API1, MIHB, RNF48' 
_entity_src_gen.gene_src_species                   ? 
_entity_src_gen.gene_src_strain                    ? 
_entity_src_gen.gene_src_tissue                    ? 
_entity_src_gen.gene_src_tissue_fraction           ? 
_entity_src_gen.gene_src_details                   ? 
_entity_src_gen.pdbx_gene_src_fragment             ? 
_entity_src_gen.pdbx_gene_src_scientific_name      'Homo sapiens' 
_entity_src_gen.pdbx_gene_src_ncbi_taxonomy_id     9606 
_entity_src_gen.pdbx_gene_src_variant              ? 
_entity_src_gen.pdbx_gene_src_cell_line            ? 
_entity_src_gen.pdbx_gene_src_atcc                 ? 
_entity_src_gen.pdbx_gene_src_organ                ? 
_entity_src_gen.pdbx_gene_src_organelle            ? 
_entity_src_gen.pdbx_gene_src_cell                 ? 
_entity_src_gen.pdbx_gene_src_cellular_location    ? 
_entity_src_gen.host_org_common_name               ? 
_entity_src_gen.pdbx_host_org_scientific_name      'Escherichia coli' 
_entity_src_gen.pdbx_host_org_ncbi_taxonomy_id     562 
_entity_src_gen.host_org_genus                     ? 
_entity_src_gen.pdbx_host_org_gene                 ? 
_entity_src_gen.pdbx_host_org_organ                ? 
_entity_src_gen.host_org_species                   ? 
_entity_src_gen.pdbx_host_org_tissue               ? 
_entity_src_gen.pdbx_host_org_tissue_fraction      ? 
_entity_src_gen.pdbx_host_org_strain               ? 
_entity_src_gen.pdbx_host_org_variant              ? 
_entity_src_gen.pdbx_host_org_cell_line            ? 
_entity_src_gen.pdbx_host_org_atcc                 ? 
_entity_src_gen.pdbx_host_org_culture_collection   ? 
_entity_src_gen.pdbx_host_org_cell                 ? 
_entity_src_gen.pdbx_host_org_organelle            ? 
_entity_src_gen.pdbx_host_org_cellular_location    ? 
_entity_src_gen.pdbx_host_org_vector_type          ? 
_entity_src_gen.pdbx_host_org_vector               ? 
_entity_src_gen.host_org_details                   ? 
_entity_src_gen.expression_system_id               ? 
_entity_src_gen.plasmid_name                       ? 
_entity_src_gen.plasmid_details                    ? 
_entity_src_gen.pdbx_description                   ? 
# 
_struct_ref.id                         1 
_struct_ref.db_name                    UNP 
_struct_ref.db_code                    BIRC2_HUMAN 
_struct_ref.pdbx_db_accession          Q13490 
_struct_ref.pdbx_db_isoform            ? 
_struct_ref.entity_id                  1 
_struct_ref.pdbx_seq_one_letter_code   
;SISNLSMQTHAARMRTFMYWPSSVPVQPEQLASAGFYYVGRNDDVKCFCCDGGLRCWESGDDPWVEHAKWFPRCEFLIRM
KGQEFVDEIQGRY
;
_struct_ref.pdbx_align_begin           260 
# 
_struct_ref_seq.align_id                      1 
_struct_ref_seq.ref_id                        1 
_struct_ref_seq.pdbx_PDB_id_code              6W74 
_struct_ref_seq.pdbx_strand_id                A 
_struct_ref_seq.seq_align_beg                 7 
_struct_ref_seq.pdbx_seq_align_beg_ins_code   ? 
_struct_ref_seq.seq_align_end                 99 
_struct_ref_seq.pdbx_seq_align_end_ins_code   ? 
_struct_ref_seq.pdbx_db_accession             Q13490 
_struct_ref_seq.db_align_beg                  260 
_struct_ref_seq.pdbx_db_align_beg_ins_code    ? 
_struct_ref_seq.db_align_end                  352 
_struct_ref_seq.pdbx_db_align_end_ins_code    ? 
_struct_ref_seq.pdbx_auth_seq_align_beg       260 
_struct_ref_seq.pdbx_auth_seq_align_end       352 
# 
loop_
_struct_ref_seq_dif.align_id 
_struct_ref_seq_dif.pdbx_pdb_id_code 
_struct_ref_seq_dif.mon_id 
_struct_ref_seq_dif.pdbx_pdb_strand_id 
_struct_ref_seq_dif.seq_num 
_struct_ref_seq_dif.pdbx_pdb_ins_code 
_struct_ref_seq_dif.pdbx_seq_db_name 
_struct_ref_seq_dif.pdbx_seq_db_accession_code 
_struct_ref_seq_dif.db_mon_id 
_struct_ref_seq_dif.pdbx_seq_db_seq_num 
_struct_ref_seq_dif.details 
_struct_ref_seq_dif.pdbx_auth_seq_num 
_struct_ref_seq_dif.pdbx_ordinal 
1 6W74 GLY A 1 ? UNP Q13490 ? ? 'expression tag' 254 1 
1 6W74 SER A 2 ? UNP Q13490 ? ? 'expression tag' 255 2 
1 6W74 GLY A 3 ? UNP Q13490 ? ? 'expression tag' 256 3 
1 6W74 PRO A 4 ? UNP Q13490 ? ? 'expression tag' 257 4 
1 6W74 GLY A 5 ? UNP Q13490 ? ? 'expression tag' 258 5 
1 6W74 SER A 6 ? UNP Q13490 ? ? 'expression tag' 259 6 
# 
loop_
_chem_comp.id 
_chem_comp.type 
_chem_comp.mon_nstd_flag 
_chem_comp.name 
_chem_comp.pdbx_synonyms 
_chem_comp.formula 
_chem_comp.formula_weight 
ALA 'L-peptide linking' y ALANINE ? 'C3 H7 N O2'        89.093   
ARG 'L-peptide linking' y ARGININE ? 'C6 H15 N4 O2 1'    175.209  
ASN 'L-peptide linking' y ASPARAGINE ? 'C4 H8 N2 O3'       132.118  
ASP 'L-peptide linking' y 'ASPARTIC ACID' ? 'C4 H7 N O4'        133.103  
CYS 'L-peptide linking' y CYSTEINE ? 'C3 H7 N O2 S'      121.158  
GLN 'L-peptide linking' y GLUTAMINE ? 'C5 H10 N2 O3'      146.144  
GLU 'L-peptide linking' y 'GLUTAMIC ACID' ? 'C5 H9 N O4'        147.129  
GLY 'peptide linking'   y GLYCINE ? 'C2 H5 N O2'        75.067   
HIS 'L-peptide linking' y HISTIDINE ? 'C6 H10 N3 O2 1'    156.162  
HOH non-polymer         . WATER ? 'H2 O'              18.015   
ILE 'L-peptide linking' y ISOLEUCINE ? 'C6 H13 N O2'       131.173  
LEU 'L-peptide linking' y LEUCINE ? 'C6 H13 N O2'       131.173  
LYS 'L-peptide linking' y LYSINE ? 'C6 H15 N2 O2 1'    147.195  
MET 'L-peptide linking' y METHIONINE ? 'C5 H11 N O2 S'     149.211  
PHE 'L-peptide linking' y PHENYLALANINE ? 'C9 H11 N O2'       165.189  
PRO 'L-peptide linking' y PROLINE ? 'C5 H9 N O2'        115.130  
SER 'L-peptide linking' y SERINE ? 'C3 H7 N O3'        105.093  
THR 'L-peptide linking' y THREONINE ? 'C4 H9 N O3'        119.119  
TKY non-polymer         . 
;14-{[(3S)-2-(N-methyl-L-alanyl-3-methyl-L-valyl)-3-{[(1R)-1,2,3,4-tetrahydronaphthalen-1-yl]carbamoyl}-1,2,3,4-tetrahydroisoquinolin-7-yl]oxy}-3,6,9,12-tetraoxatetradecan-1-yl (3R)-3-{5-amino-4-carbamoyl-3-[4-(2,4-difluorophenoxy)phenyl]-1H-pyrazol-1-yl}piperidine-1-carboxylate
;
? 'C62 H79 F2 N9 O12' 1180.341 
TRP 'L-peptide linking' y TRYPTOPHAN ? 'C11 H12 N2 O2'     204.225  
TYR 'L-peptide linking' y TYROSINE ? 'C9 H11 N O3'       181.189  
VAL 'L-peptide linking' y VALINE ? 'C5 H11 N O2'       117.146  
ZN  non-polymer         . 'ZINC ION' ? 'Zn 2'              65.409   
# 
_exptl.absorpt_coefficient_mu     ? 
_exptl.absorpt_correction_T_max   ? 
_exptl.absorpt_correction_T_min   ? 
_exptl.absorpt_correction_type    ? 
_exptl.absorpt_process_details    ? 
_exptl.entry_id                   6W74 
_exptl.crystals_number            1 
_exptl.details                    ? 
_exptl.method                     'X-RAY DIFFRACTION' 
_exptl.method_details             ? 
# 
_exptl_crystal.colour                      ? 
_exptl_crystal.density_diffrn              ? 
_exptl_crystal.density_Matthews            2.02 
_exptl_crystal.density_method              ? 
_exptl_crystal.density_percent_sol         39.15 
_exptl_crystal.description                 ? 
_exptl_crystal.F_000                       ? 
_exptl_crystal.id                          1 
_exptl_crystal.preparation                 ? 
_exptl_crystal.size_max                    ? 
_exptl_crystal.size_mid                    ? 
_exptl_crystal.size_min                    ? 
_exptl_crystal.size_rad                    ? 
_exptl_crystal.colour_lustre               ? 
_exptl_crystal.colour_modifier             ? 
_exptl_crystal.colour_primary              ? 
_exptl_crystal.density_meas                ? 
_exptl_crystal.density_meas_esd            ? 
_exptl_crystal.density_meas_gt             ? 
_exptl_crystal.density_meas_lt             ? 
_exptl_crystal.density_meas_temp           ? 
_exptl_crystal.density_meas_temp_esd       ? 
_exptl_crystal.density_meas_temp_gt        ? 
_exptl_crystal.density_meas_temp_lt        ? 
_exptl_crystal.pdbx_crystal_image_url      ? 
_exptl_crystal.pdbx_crystal_image_format   ? 
_exptl_crystal.pdbx_mosaicity              ? 
_exptl_crystal.pdbx_mosaicity_esd          ? 
# 
_exptl_crystal_grow.apparatus       ? 
_exptl_crystal_grow.atmosphere      ? 
_exptl_crystal_grow.crystal_id      1 
_exptl_crystal_grow.details         ? 
_exptl_crystal_grow.method          'VAPOR DIFFUSION, SITTING DROP' 
_exptl_crystal_grow.method_ref      ? 
_exptl_crystal_grow.pH              ? 
_exptl_crystal_grow.pressure        ? 
_exptl_crystal_grow.pressure_esd    ? 
_exptl_crystal_grow.seeding         ? 
_exptl_crystal_grow.seeding_ref     ? 
_exptl_crystal_grow.temp            298 
_exptl_crystal_grow.temp_details    ? 
_exptl_crystal_grow.temp_esd        ? 
_exptl_crystal_grow.time            ? 
_exptl_crystal_grow.pdbx_details    '0.2M Magnesium Acetate Tetrahydrate, 20% w/v PEG3350' 
_exptl_crystal_grow.pdbx_pH_range   ? 
# 
_diffrn.ambient_environment              ? 
_diffrn.ambient_temp                     100 
_diffrn.ambient_temp_details             ? 
_diffrn.ambient_temp_esd                 ? 
_diffrn.crystal_id                       1 
_diffrn.crystal_support                  ? 
_diffrn.crystal_treatment                ? 
_diffrn.details                          ? 
_diffrn.id                               1 
_diffrn.ambient_pressure                 ? 
_diffrn.ambient_pressure_esd             ? 
_diffrn.ambient_pressure_gt              ? 
_diffrn.ambient_pressure_lt              ? 
_diffrn.ambient_temp_gt                  ? 
_diffrn.ambient_temp_lt                  ? 
_diffrn.pdbx_serial_crystal_experiment   N 
# 
_diffrn_detector.details                      ? 
_diffrn_detector.detector                     PIXEL 
_diffrn_detector.diffrn_id                    1 
_diffrn_detector.type                         'DECTRIS EIGER X 16M' 
_diffrn_detector.area_resol_mean              ? 
_diffrn_detector.dtime                        ? 
_diffrn_detector.pdbx_frames_total            ? 
_diffrn_detector.pdbx_collection_time_total   ? 
_diffrn_detector.pdbx_collection_date         2019-02-03 
_diffrn_detector.pdbx_frequency               ? 
# 
_diffrn_radiation.collimation                      ? 
_diffrn_radiation.diffrn_id                        1 
_diffrn_radiation.filter_edge                      ? 
_diffrn_radiation.inhomogeneity                    ? 
_diffrn_radiation.monochromator                    ? 
_diffrn_radiation.polarisn_norm                    ? 
_diffrn_radiation.polarisn_ratio                   ? 
_diffrn_radiation.probe                            ? 
_diffrn_radiation.type                             ? 
_diffrn_radiation.xray_symbol                      ? 
_diffrn_radiation.wavelength_id                    1 
_diffrn_radiation.pdbx_monochromatic_or_laue_m_l   M 
_diffrn_radiation.pdbx_wavelength_list             ? 
_diffrn_radiation.pdbx_wavelength                  ? 
_diffrn_radiation.pdbx_diffrn_protocol             'SINGLE WAVELENGTH' 
_diffrn_radiation.pdbx_analyzer                    ? 
_diffrn_radiation.pdbx_scattering_type             x-ray 
# 
_diffrn_radiation_wavelength.id           1 
_diffrn_radiation_wavelength.wavelength   0.99988 
_diffrn_radiation_wavelength.wt           1.0 
# 
_diffrn_source.current                     ? 
_diffrn_source.details                     ? 
_diffrn_source.diffrn_id                   1 
_diffrn_source.power                       ? 
_diffrn_source.size                        ? 
_diffrn_source.source                      SYNCHROTRON 
_diffrn_source.target                      ? 
_diffrn_source.type                        'SLS BEAMLINE X06SA' 
_diffrn_source.voltage                     ? 
_diffrn_source.take-off_angle              ? 
_diffrn_source.pdbx_wavelength_list        0.99988 
_diffrn_source.pdbx_wavelength             ? 
_diffrn_source.pdbx_synchrotron_beamline   X06SA 
_diffrn_source.pdbx_synchrotron_site       SLS 
# 
_reflns.B_iso_Wilson_estimate            34.150 
_reflns.entry_id                         6W74 
_reflns.data_reduction_details           ? 
_reflns.data_reduction_method            ? 
_reflns.d_resolution_high                2.1 
_reflns.d_resolution_low                 27.4 
_reflns.details                          ? 
_reflns.limit_h_max                      ? 
_reflns.limit_h_min                      ? 
_reflns.limit_k_max                      ? 
_reflns.limit_k_min                      ? 
_reflns.limit_l_max                      ? 
_reflns.limit_l_min                      ? 
_reflns.number_all                       ? 
_reflns.number_obs                       4750 
_reflns.observed_criterion               ? 
_reflns.observed_criterion_F_max         ? 
_reflns.observed_criterion_F_min         ? 
_reflns.observed_criterion_I_max         ? 
_reflns.observed_criterion_I_min         ? 
_reflns.observed_criterion_sigma_F       ? 
_reflns.observed_criterion_sigma_I       ? 
_reflns.percent_possible_obs             88.6 
_reflns.R_free_details                   ? 
_reflns.Rmerge_F_all                     ? 
_reflns.Rmerge_F_obs                     ? 
_reflns.Friedel_coverage                 ? 
_reflns.number_gt                        ? 
_reflns.threshold_expression             ? 
_reflns.pdbx_redundancy                  3.3 
_reflns.pdbx_Rmerge_I_obs                0.07 
_reflns.pdbx_Rmerge_I_all                ? 
_reflns.pdbx_Rsym_value                  ? 
_reflns.pdbx_netI_over_av_sigmaI         ? 
_reflns.pdbx_netI_over_sigmaI            9.9 
_reflns.pdbx_res_netI_over_av_sigmaI_2   ? 
_reflns.pdbx_res_netI_over_sigmaI_2      ? 
_reflns.pdbx_chi_squared                 ? 
_reflns.pdbx_scaling_rejects             ? 
_reflns.pdbx_d_res_high_opt              ? 
_reflns.pdbx_d_res_low_opt               ? 
_reflns.pdbx_d_res_opt_method            ? 
_reflns.phase_calculation_details        ? 
_reflns.pdbx_Rrim_I_all                  ? 
_reflns.pdbx_Rpim_I_all                  ? 
_reflns.pdbx_d_opt                       ? 
_reflns.pdbx_number_measured_all         ? 
_reflns.pdbx_diffrn_id                   1 
_reflns.pdbx_ordinal                     1 
_reflns.pdbx_CC_half                     0.997 
_reflns.pdbx_CC_star                     ? 
_reflns.pdbx_R_split                     ? 
# 
_reflns_shell.d_res_high                  2.107 
_reflns_shell.d_res_low                   2.116 
_reflns_shell.meanI_over_sigI_all         ? 
_reflns_shell.meanI_over_sigI_obs         2.3 
_reflns_shell.number_measured_all         ? 
_reflns_shell.number_measured_obs         ? 
_reflns_shell.number_possible             ? 
_reflns_shell.number_unique_all           ? 
_reflns_shell.number_unique_obs           63 
_reflns_shell.percent_possible_all        ? 
_reflns_shell.percent_possible_obs        ? 
_reflns_shell.Rmerge_F_all                ? 
_reflns_shell.Rmerge_F_obs                ? 
_reflns_shell.Rmerge_I_all                ? 
_reflns_shell.Rmerge_I_obs                0.418 
_reflns_shell.meanI_over_sigI_gt          ? 
_reflns_shell.meanI_over_uI_all           ? 
_reflns_shell.meanI_over_uI_gt            ? 
_reflns_shell.number_measured_gt          ? 
_reflns_shell.number_unique_gt            ? 
_reflns_shell.percent_possible_gt         ? 
_reflns_shell.Rmerge_F_gt                 ? 
_reflns_shell.Rmerge_I_gt                 ? 
_reflns_shell.pdbx_redundancy             ? 
_reflns_shell.pdbx_Rsym_value             ? 
_reflns_shell.pdbx_chi_squared            ? 
_reflns_shell.pdbx_netI_over_sigmaI_all   ? 
_reflns_shell.pdbx_netI_over_sigmaI_obs   ? 
_reflns_shell.pdbx_Rrim_I_all             ? 
_reflns_shell.pdbx_Rpim_I_all             ? 
_reflns_shell.pdbx_rejects                ? 
_reflns_shell.pdbx_ordinal                1 
_reflns_shell.pdbx_diffrn_id              1 
_reflns_shell.pdbx_CC_half                0.96 
_reflns_shell.pdbx_CC_star                ? 
_reflns_shell.pdbx_R_split                ? 
# 
_refine.aniso_B[1][1]                            -5.0515 
_refine.aniso_B[1][2]                            0.0000 
_refine.aniso_B[1][3]                            -8.0202 
_refine.aniso_B[2][2]                            -1.8921 
_refine.aniso_B[2][3]                            0.0000 
_refine.aniso_B[3][3]                            6.9435 
_refine.B_iso_max                                90.230 
_refine.B_iso_mean                               43.3400 
_refine.B_iso_min                                23.050 
_refine.correlation_coeff_Fo_to_Fc               0.9430 
_refine.correlation_coeff_Fo_to_Fc_free          0.8960 
_refine.details                                  ? 
_refine.diff_density_max                         ? 
_refine.diff_density_max_esd                     ? 
_refine.diff_density_min                         ? 
_refine.diff_density_min_esd                     ? 
_refine.diff_density_rms                         ? 
_refine.diff_density_rms_esd                     ? 
_refine.entry_id                                 6W74 
_refine.pdbx_refine_id                           'X-RAY DIFFRACTION' 
_refine.ls_abs_structure_details                 ? 
_refine.ls_abs_structure_Flack                   ? 
_refine.ls_abs_structure_Flack_esd               ? 
_refine.ls_abs_structure_Rogers                  ? 
_refine.ls_abs_structure_Rogers_esd              ? 
_refine.ls_d_res_high                            2.1100 
_refine.ls_d_res_low                             27.4000 
_refine.ls_extinction_coef                       ? 
_refine.ls_extinction_coef_esd                   ? 
_refine.ls_extinction_expression                 ? 
_refine.ls_extinction_method                     ? 
_refine.ls_goodness_of_fit_all                   ? 
_refine.ls_goodness_of_fit_all_esd               ? 
_refine.ls_goodness_of_fit_obs                   ? 
_refine.ls_goodness_of_fit_obs_esd               ? 
_refine.ls_hydrogen_treatment                    ? 
_refine.ls_matrix_type                           ? 
_refine.ls_number_constraints                    ? 
_refine.ls_number_parameters                     ? 
_refine.ls_number_reflns_all                     ? 
_refine.ls_number_reflns_obs                     4746 
_refine.ls_number_reflns_R_free                  244 
_refine.ls_number_reflns_R_work                  ? 
_refine.ls_number_restraints                     ? 
_refine.ls_percent_reflns_obs                    88.6000 
_refine.ls_percent_reflns_R_free                 5.1400 
_refine.ls_R_factor_all                          ? 
_refine.ls_R_factor_obs                          0.1910 
_refine.ls_R_factor_R_free                       0.2580 
_refine.ls_R_factor_R_free_error                 ? 
_refine.ls_R_factor_R_free_error_details         ? 
_refine.ls_R_factor_R_work                       0.1870 
_refine.ls_R_Fsqd_factor_obs                     ? 
_refine.ls_R_I_factor_obs                        ? 
_refine.ls_redundancy_reflns_all                 ? 
_refine.ls_redundancy_reflns_obs                 ? 
_refine.ls_restrained_S_all                      ? 
_refine.ls_restrained_S_obs                      ? 
_refine.ls_shift_over_esd_max                    ? 
_refine.ls_shift_over_esd_mean                   ? 
_refine.ls_structure_factor_coef                 ? 
_refine.ls_weighting_details                     ? 
_refine.ls_weighting_scheme                      ? 
_refine.ls_wR_factor_all                         ? 
_refine.ls_wR_factor_obs                         ? 
_refine.ls_wR_factor_R_free                      ? 
_refine.ls_wR_factor_R_work                      ? 
_refine.occupancy_max                            ? 
_refine.occupancy_min                            ? 
_refine.solvent_model_details                    ? 
_refine.solvent_model_param_bsol                 ? 
_refine.solvent_model_param_ksol                 ? 
_refine.pdbx_R_complete                          ? 
_refine.ls_R_factor_gt                           ? 
_refine.ls_goodness_of_fit_gt                    ? 
_refine.ls_goodness_of_fit_ref                   ? 
_refine.ls_shift_over_su_max                     ? 
_refine.ls_shift_over_su_max_lt                  ? 
_refine.ls_shift_over_su_mean                    ? 
_refine.ls_shift_over_su_mean_lt                 ? 
_refine.pdbx_ls_sigma_I                          ? 
_refine.pdbx_ls_sigma_F                          0.000 
_refine.pdbx_ls_sigma_Fsqd                       ? 
_refine.pdbx_data_cutoff_high_absF               ? 
_refine.pdbx_data_cutoff_high_rms_absF           ? 
_refine.pdbx_data_cutoff_low_absF                ? 
_refine.pdbx_isotropic_thermal_model             ? 
_refine.pdbx_ls_cross_valid_method               THROUGHOUT 
_refine.pdbx_method_to_determine_struct          'MOLECULAR REPLACEMENT' 
_refine.pdbx_starting_model                      4kmn 
_refine.pdbx_stereochemistry_target_values       ? 
_refine.pdbx_R_Free_selection_details            RANDOM 
_refine.pdbx_stereochem_target_val_spec_case     ? 
_refine.pdbx_overall_ESU_R                       ? 
_refine.pdbx_overall_ESU_R_Free                  ? 
_refine.pdbx_solvent_vdw_probe_radii             ? 
_refine.pdbx_solvent_ion_probe_radii             ? 
_refine.pdbx_solvent_shrinkage_radii             ? 
_refine.pdbx_real_space_R                        ? 
_refine.pdbx_density_correlation                 ? 
_refine.pdbx_pd_number_of_powder_patterns        ? 
_refine.pdbx_pd_number_of_points                 ? 
_refine.pdbx_pd_meas_number_of_points            ? 
_refine.pdbx_pd_proc_ls_prof_R_factor            ? 
_refine.pdbx_pd_proc_ls_prof_wR_factor           ? 
_refine.pdbx_pd_Marquardt_correlation_coeff      ? 
_refine.pdbx_pd_Fsqrd_R_factor                   ? 
_refine.pdbx_pd_ls_matrix_band_width             ? 
_refine.pdbx_overall_phase_error                 ? 
_refine.pdbx_overall_SU_R_free_Cruickshank_DPI   0.2280 
_refine.pdbx_overall_SU_R_free_Blow_DPI          0.2320 
_refine.pdbx_overall_SU_R_Blow_DPI               0.3060 
_refine.pdbx_TLS_residual_ADP_flag               ? 
_refine.pdbx_diffrn_id                           1 
_refine.overall_SU_B                             ? 
_refine.overall_SU_ML                            ? 
_refine.overall_SU_R_Cruickshank_DPI             0.2810 
_refine.overall_SU_R_free                        ? 
_refine.overall_FOM_free_R_set                   ? 
_refine.overall_FOM_work_R_set                   ? 
_refine.pdbx_average_fsc_overall                 ? 
_refine.pdbx_average_fsc_work                    ? 
_refine.pdbx_average_fsc_free                    ? 
# 
_refine_analyze.entry_id                        6W74 
_refine_analyze.pdbx_refine_id                  'X-RAY DIFFRACTION' 
_refine_analyze.Luzzati_coordinate_error_free   ? 
_refine_analyze.Luzzati_coordinate_error_obs    0.290 
_refine_analyze.Luzzati_d_res_low_free          ? 
_refine_analyze.Luzzati_d_res_low_obs           ? 
_refine_analyze.Luzzati_sigma_a_free            ? 
_refine_analyze.Luzzati_sigma_a_free_details    ? 
_refine_analyze.Luzzati_sigma_a_obs             ? 
_refine_analyze.Luzzati_sigma_a_obs_details     ? 
_refine_analyze.number_disordered_residues      ? 
_refine_analyze.occupancy_sum_hydrogen          ? 
_refine_analyze.occupancy_sum_non_hydrogen      ? 
_refine_analyze.RG_d_res_high                   ? 
_refine_analyze.RG_d_res_low                    ? 
_refine_analyze.RG_free                         ? 
_refine_analyze.RG_work                         ? 
_refine_analyze.RG_free_work_ratio              ? 
_refine_analyze.pdbx_Luzzati_d_res_high_obs     ? 
# 
_refine_hist.pdbx_refine_id                   'X-RAY DIFFRACTION' 
_refine_hist.cycle_id                         final 
_refine_hist.details                          ? 
_refine_hist.d_res_high                       2.1100 
_refine_hist.d_res_low                        27.4000 
_refine_hist.number_atoms_solvent             51 
_refine_hist.number_atoms_total               775 
_refine_hist.number_reflns_all                ? 
_refine_hist.number_reflns_obs                ? 
_refine_hist.number_reflns_R_free             ? 
_refine_hist.number_reflns_R_work             ? 
_refine_hist.R_factor_all                     ? 
_refine_hist.R_factor_obs                     ? 
_refine_hist.R_factor_R_free                  ? 
_refine_hist.R_factor_R_work                  ? 
_refine_hist.pdbx_number_residues_total       87 
_refine_hist.pdbx_B_iso_mean_ligand           56.82 
_refine_hist.pdbx_B_iso_mean_solvent          49.16 
_refine_hist.pdbx_number_atoms_protein        684 
_refine_hist.pdbx_number_atoms_nucleic_acid   0 
_refine_hist.pdbx_number_atoms_ligand         40 
_refine_hist.pdbx_number_atoms_lipid          ? 
_refine_hist.pdbx_number_atoms_carb           ? 
_refine_hist.pdbx_pseudo_atom_details         ? 
# 
loop_
_refine_ls_restr.pdbx_refine_id 
_refine_ls_restr.criterion 
_refine_ls_restr.dev_ideal 
_refine_ls_restr.dev_ideal_target 
_refine_ls_restr.number 
_refine_ls_restr.rejects 
_refine_ls_restr.type 
_refine_ls_restr.weight 
_refine_ls_restr.pdbx_restraint_function 
'X-RAY DIFFRACTION' ? ?      ? 246  ? t_dihedral_angle_d        2.000  SINUSOIDAL   
'X-RAY DIFFRACTION' ? ?      ? ?    ? t_trig_c_planes           ?      ?            
'X-RAY DIFFRACTION' ? ?      ? 143  ? t_gen_planes              5.000  HARMONIC     
'X-RAY DIFFRACTION' ? ?      ? 750  ? t_it                      20.000 HARMONIC     
'X-RAY DIFFRACTION' ? ?      ? 0    ? t_nbd                     5.000  SEMIHARMONIC 
'X-RAY DIFFRACTION' ? ?      ? ?    ? t_improper_torsion        ?      ?            
'X-RAY DIFFRACTION' ? ?      ? ?    ? t_pseud_angle             ?      ?            
'X-RAY DIFFRACTION' ? ?      ? 88   ? t_chiral_improper_torsion 5.000  SEMIHARMONIC 
'X-RAY DIFFRACTION' ? ?      ? ?    ? t_sum_occupancies         ?      ?            
'X-RAY DIFFRACTION' ? ?      ? ?    ? t_utility_distance        ?      ?            
'X-RAY DIFFRACTION' ? ?      ? ?    ? t_utility_angle           ?      ?            
'X-RAY DIFFRACTION' ? ?      ? ?    ? t_utility_torsion         ?      ?            
'X-RAY DIFFRACTION' ? ?      ? 899  ? t_ideal_dist_contact      4.000  SEMIHARMONIC 
'X-RAY DIFFRACTION' ? 0.007  ? 750  ? t_bond_d                  2.000  HARMONIC     
'X-RAY DIFFRACTION' ? 0.860  ? 1023 ? t_angle_deg               2.000  HARMONIC     
'X-RAY DIFFRACTION' ? 2.250  ? ?    ? t_omega_torsion           ?      ?            
'X-RAY DIFFRACTION' ? 15.490 ? ?    ? t_other_torsion           ?      ?            
# 
_refine_ls_shell.pdbx_refine_id                   'X-RAY DIFFRACTION' 
_refine_ls_shell.d_res_high                       2.1100 
_refine_ls_shell.d_res_low                        2.1600 
_refine_ls_shell.number_reflns_all                396 
_refine_ls_shell.number_reflns_obs                ? 
_refine_ls_shell.number_reflns_R_free             19 
_refine_ls_shell.number_reflns_R_work             377 
_refine_ls_shell.percent_reflns_obs               98.7600 
_refine_ls_shell.percent_reflns_R_free            4.8000 
_refine_ls_shell.R_factor_all                     0.2191 
_refine_ls_shell.R_factor_obs                     ? 
_refine_ls_shell.R_factor_R_free                  0.2817 
_refine_ls_shell.R_factor_R_free_error            0.0000 
_refine_ls_shell.R_factor_R_work                  0.2157 
_refine_ls_shell.redundancy_reflns_all            ? 
_refine_ls_shell.redundancy_reflns_obs            ? 
_refine_ls_shell.wR_factor_all                    ? 
_refine_ls_shell.wR_factor_obs                    ? 
_refine_ls_shell.wR_factor_R_free                 ? 
_refine_ls_shell.wR_factor_R_work                 ? 
_refine_ls_shell.pdbx_R_complete                  ? 
_refine_ls_shell.pdbx_total_number_of_bins_used   12 
_refine_ls_shell.pdbx_phase_error                 ? 
_refine_ls_shell.pdbx_fsc_work                    ? 
_refine_ls_shell.pdbx_fsc_free                    ? 
# 
_struct.entry_id                     6W74 
_struct.title                        'Structure of cIAP with compound 15' 
_struct.pdbx_model_details           ? 
_struct.pdbx_formula_weight          ? 
_struct.pdbx_formula_weight_method   ? 
_struct.pdbx_model_type_details      ? 
_struct.pdbx_CASP_flag               N 
# 
_struct_keywords.entry_id        6W74 
_struct_keywords.text            'cIAP E3 PROTAC, LIGASE' 
_struct_keywords.pdbx_keywords   LIGASE 
# 
loop_
_struct_asym.id 
_struct_asym.pdbx_blank_PDB_chainid_flag 
_struct_asym.pdbx_modified 
_struct_asym.entity_id 
_struct_asym.details 
A N N 1 ? 
B N N 2 ? 
C N N 3 ? 
D N N 4 ? 
# 
loop_
_struct_conf.conf_type_id 
_struct_conf.id 
_struct_conf.pdbx_PDB_helix_id 
_struct_conf.beg_label_comp_id 
_struct_conf.beg_label_asym_id 
_struct_conf.beg_label_seq_id 
_struct_conf.pdbx_beg_PDB_ins_code 
_struct_conf.end_label_comp_id 
_struct_conf.end_label_asym_id 
_struct_conf.end_label_seq_id 
_struct_conf.pdbx_end_PDB_ins_code 
_struct_conf.beg_auth_comp_id 
_struct_conf.beg_auth_asym_id 
_struct_conf.beg_auth_seq_id 
_struct_conf.end_auth_comp_id 
_struct_conf.end_auth_asym_id 
_struct_conf.end_auth_seq_id 
_struct_conf.pdbx_PDB_helix_class 
_struct_conf.details 
_struct_conf.pdbx_PDB_helix_length 
HELX_P HELX_P1 AA1 THR A 15 ? THR A 22 ? THR A 268 THR A 275 1 ? 8  
HELX_P HELX_P2 AA2 GLN A 33 ? ALA A 40 ? GLN A 286 ALA A 293 1 ? 8  
HELX_P HELX_P3 AA3 ASP A 68 ? PHE A 77 ? ASP A 321 PHE A 330 1 ? 10 
HELX_P HELX_P4 AA4 CYS A 80 ? GLY A 88 ? CYS A 333 GLY A 341 1 ? 9  
HELX_P HELX_P5 AA5 GLY A 88 ? GLN A 96 ? GLY A 341 GLN A 349 1 ? 9  
# 
_struct_conf_type.id          HELX_P 
_struct_conf_type.criteria    ? 
_struct_conf_type.reference   ? 
# 
loop_
_struct_conn.id 
_struct_conn.conn_type_id 
_struct_conn.pdbx_leaving_atom_flag 
_struct_conn.pdbx_PDB_id 
_struct_conn.ptnr1_label_asym_id 
_struct_conn.ptnr1_label_comp_id 
_struct_conn.ptnr1_label_seq_id 
_struct_conn.ptnr1_label_atom_id 
_struct_conn.pdbx_ptnr1_label_alt_id 
_struct_conn.pdbx_ptnr1_PDB_ins_code 
_struct_conn.pdbx_ptnr1_standard_comp_id 
_struct_conn.ptnr1_symmetry 
_struct_conn.ptnr2_label_asym_id 
_struct_conn.ptnr2_label_comp_id 
_struct_conn.ptnr2_label_seq_id 
_struct_conn.ptnr2_label_atom_id 
_struct_conn.pdbx_ptnr2_label_alt_id 
_struct_conn.pdbx_ptnr2_PDB_ins_code 
_struct_conn.ptnr1_auth_asym_id 
_struct_conn.ptnr1_auth_comp_id 
_struct_conn.ptnr1_auth_seq_id 
_struct_conn.ptnr2_auth_asym_id 
_struct_conn.ptnr2_auth_comp_id 
_struct_conn.ptnr2_auth_seq_id 
_struct_conn.ptnr2_symmetry 
_struct_conn.pdbx_ptnr3_label_atom_id 
_struct_conn.pdbx_ptnr3_label_seq_id 
_struct_conn.pdbx_ptnr3_label_comp_id 
_struct_conn.pdbx_ptnr3_label_asym_id 
_struct_conn.pdbx_ptnr3_label_alt_id 
_struct_conn.pdbx_ptnr3_PDB_ins_code 
_struct_conn.details 
_struct_conn.pdbx_dist_value 
_struct_conn.pdbx_value_order 
_struct_conn.pdbx_role 
metalc1 metalc ? ? A CYS 53 SG  ? ? ? 1_555 B ZN . ZN ? ? A CYS 306 A ZN 401 1_555 ? ? ? ? ? ? ? 2.383 ? ? 
metalc2 metalc ? ? A CYS 56 SG  ? ? ? 1_555 B ZN . ZN ? ? A CYS 309 A ZN 401 1_555 ? ? ? ? ? ? ? 2.376 ? ? 
metalc3 metalc ? ? A HIS 73 NE2 ? ? ? 1_555 B ZN . ZN ? ? A HIS 326 A ZN 401 1_555 ? ? ? ? ? ? ? 2.003 ? ? 
metalc4 metalc ? ? A CYS 80 SG  ? ? ? 1_555 B ZN . ZN ? ? A CYS 333 A ZN 401 1_555 ? ? ? ? ? ? ? 2.287 ? ? 
# 
_struct_conn_type.id          metalc 
_struct_conn_type.criteria    ? 
_struct_conn_type.reference   ? 
# 
_struct_sheet.id               AA1 
_struct_sheet.type             ? 
_struct_sheet.number_strands   3 
_struct_sheet.details          ? 
# 
loop_
_struct_sheet_order.sheet_id 
_struct_sheet_order.range_id_1 
_struct_sheet_order.range_id_2 
_struct_sheet_order.offset 
_struct_sheet_order.sense 
AA1 1 2 ? anti-parallel 
AA1 2 3 ? anti-parallel 
# 
loop_
_struct_sheet_range.sheet_id 
_struct_sheet_range.id 
_struct_sheet_range.beg_label_comp_id 
_struct_sheet_range.beg_label_asym_id 
_struct_sheet_range.beg_label_seq_id 
_struct_sheet_range.pdbx_beg_PDB_ins_code 
_struct_sheet_range.end_label_comp_id 
_struct_sheet_range.end_label_asym_id 
_struct_sheet_range.end_label_seq_id 
_struct_sheet_range.pdbx_end_PDB_ins_code 
_struct_sheet_range.beg_auth_comp_id 
_struct_sheet_range.beg_auth_asym_id 
_struct_sheet_range.beg_auth_seq_id 
_struct_sheet_range.end_auth_comp_id 
_struct_sheet_range.end_auth_asym_id 
_struct_sheet_range.end_auth_seq_id 
AA1 1 PHE A 42 ? TYR A 44 ? PHE A 295 TYR A 297 
AA1 2 VAL A 51 ? CYS A 53 ? VAL A 304 CYS A 306 
AA1 3 GLY A 59 ? LEU A 60 ? GLY A 312 LEU A 313 
# 
loop_
_pdbx_struct_sheet_hbond.sheet_id 
_pdbx_struct_sheet_hbond.range_id_1 
_pdbx_struct_sheet_hbond.range_id_2 
_pdbx_struct_sheet_hbond.range_1_label_atom_id 
_pdbx_struct_sheet_hbond.range_1_label_comp_id 
_pdbx_struct_sheet_hbond.range_1_label_asym_id 
_pdbx_struct_sheet_hbond.range_1_label_seq_id 
_pdbx_struct_sheet_hbond.range_1_PDB_ins_code 
_pdbx_struct_sheet_hbond.range_1_auth_atom_id 
_pdbx_struct_sheet_hbond.range_1_auth_comp_id 
_pdbx_struct_sheet_hbond.range_1_auth_asym_id 
_pdbx_struct_sheet_hbond.range_1_auth_seq_id 
_pdbx_struct_sheet_hbond.range_2_label_atom_id 
_pdbx_struct_sheet_hbond.range_2_label_comp_id 
_pdbx_struct_sheet_hbond.range_2_label_asym_id 
_pdbx_struct_sheet_hbond.range_2_label_seq_id 
_pdbx_struct_sheet_hbond.range_2_PDB_ins_code 
_pdbx_struct_sheet_hbond.range_2_auth_atom_id 
_pdbx_struct_sheet_hbond.range_2_auth_comp_id 
_pdbx_struct_sheet_hbond.range_2_auth_asym_id 
_pdbx_struct_sheet_hbond.range_2_auth_seq_id 
AA1 1 2 N TYR A 43 ? N TYR A 296 O LYS A 52 ? O LYS A 305 
AA1 2 3 N VAL A 51 ? N VAL A 304 O LEU A 60 ? O LEU A 313 
# 
loop_
_struct_site.id 
_struct_site.pdbx_evidence_code 
_struct_site.pdbx_auth_asym_id 
_struct_site.pdbx_auth_comp_id 
_struct_site.pdbx_auth_seq_id 
_struct_site.pdbx_auth_ins_code 
_struct_site.pdbx_num_residues 
_struct_site.details 
AC1 Software A ZN  401 ? 4 'binding site for residue ZN A 401'  
AC2 Software A TKY 402 ? 7 'binding site for residue TKY A 402' 
# 
loop_
_struct_site_gen.id 
_struct_site_gen.site_id 
_struct_site_gen.pdbx_num_res 
_struct_site_gen.label_comp_id 
_struct_site_gen.label_asym_id 
_struct_site_gen.label_seq_id 
_struct_site_gen.pdbx_auth_ins_code 
_struct_site_gen.auth_comp_id 
_struct_site_gen.auth_asym_id 
_struct_site_gen.auth_seq_id 
_struct_site_gen.label_atom_id 
_struct_site_gen.label_alt_id 
_struct_site_gen.symmetry 
_struct_site_gen.details 
1  AC1 4 CYS A 53 ? CYS A 306 . ? 1_555 ? 
2  AC1 4 CYS A 56 ? CYS A 309 . ? 1_555 ? 
3  AC1 4 HIS A 73 ? HIS A 326 . ? 1_555 ? 
4  AC1 4 CYS A 80 ? CYS A 333 . ? 1_555 ? 
5  AC2 7 ASP A 50 ? ASP A 303 . ? 1_555 ? 
6  AC2 7 GLY A 59 ? GLY A 312 . ? 1_555 ? 
7  AC2 7 LEU A 60 ? LEU A 313 . ? 1_555 ? 
8  AC2 7 ARG A 61 ? ARG A 314 . ? 1_555 ? 
9  AC2 7 ASP A 67 ? ASP A 320 . ? 1_555 ? 
10 AC2 7 GLU A 72 ? GLU A 325 . ? 1_555 ? 
11 AC2 7 TRP A 76 ? TRP A 329 . ? 1_555 ? 
# 
_atom_sites.entry_id                    6W74 
_atom_sites.Cartn_transf_matrix[1][1]   ? 
_atom_sites.Cartn_transf_matrix[1][2]   ? 
_atom_sites.Cartn_transf_matrix[1][3]   ? 
_atom_sites.Cartn_transf_matrix[2][1]   ? 
_atom_sites.Cartn_transf_matrix[2][2]   ? 
_atom_sites.Cartn_transf_matrix[2][3]   ? 
_atom_sites.Cartn_transf_matrix[3][1]   ? 
_atom_sites.Cartn_transf_matrix[3][2]   ? 
_atom_sites.Cartn_transf_matrix[3][3]   ? 
_atom_sites.Cartn_transf_vector[1]      ? 
_atom_sites.Cartn_transf_vector[2]      ? 
_atom_sites.Cartn_transf_vector[3]      ? 
_atom_sites.fract_transf_matrix[1][1]   -0.01707002 
_atom_sites.fract_transf_matrix[1][2]   -0.00828201 
_atom_sites.fract_transf_matrix[1][3]   -0.00942087 
_atom_sites.fract_transf_matrix[2][1]   0.00575816 
_atom_sites.fract_transf_matrix[2][2]   0.01591633 
_atom_sites.fract_transf_matrix[2][3]   -0.02442568 
_atom_sites.fract_transf_matrix[3][1]   0.00578125 
_atom_sites.fract_transf_matrix[3][2]   -0.01490058 
_atom_sites.fract_transf_matrix[3][3]   -0.00834667 
_atom_sites.fract_transf_vector[1]      1.247333 
_atom_sites.fract_transf_vector[2]      0.172616 
_atom_sites.fract_transf_vector[3]      0.236419 
_atom_sites.solution_primary            ? 
_atom_sites.solution_secondary          ? 
_atom_sites.solution_hydrogens          ? 
_atom_sites.special_details             ? 
# 
loop_
_atom_type.symbol 
C  
N  
O  
S  
ZN 
# 
loop_
_atom_site.group_PDB 
_atom_site.id 
_atom_site.type_symbol 
_atom_site.label_atom_id 
_atom_site.label_alt_id 
_atom_site.label_comp_id 
_atom_site.label_asym_id 
_atom_site.label_entity_id 
_atom_site.label_seq_id 
_atom_site.pdbx_PDB_ins_code 
_atom_site.Cartn_x 
_atom_site.Cartn_y 
_atom_site.Cartn_z 
_atom_site.occupancy 
_atom_site.B_iso_or_equiv 
_atom_site.pdbx_formal_charge 
_atom_site.auth_seq_id 
_atom_site.auth_comp_id 
_atom_site.auth_asym_id 
_atom_site.auth_atom_id 
_atom_site.pdbx_PDB_model_num 
ATOM   1   N  N   . MET A 1 13 ? 5.293   -10.152 7.918   1.00 50.08 ? 266 MET A N   1 
ATOM   2   C  CA  . MET A 1 13 ? 5.348   -9.141  6.858   1.00 49.33 ? 266 MET A CA  1 
ATOM   3   C  C   . MET A 1 13 ? 5.752   -7.774  7.441   1.00 52.26 ? 266 MET A C   1 
ATOM   4   O  O   . MET A 1 13 ? 5.546   -6.732  6.813   1.00 50.58 ? 266 MET A O   1 
ATOM   5   C  CB  . MET A 1 13 ? 3.986   -9.053  6.135   1.00 51.53 ? 266 MET A CB  1 
ATOM   6   C  CG  . MET A 1 13 ? 3.550   -10.343 5.479   1.00 55.02 ? 266 MET A CG  1 
ATOM   7   S  SD  . MET A 1 13 ? 4.434   -10.694 3.950   1.00 59.21 ? 266 MET A SD  1 
ATOM   8   C  CE  . MET A 1 13 ? 4.009   -12.403 3.753   1.00 56.13 ? 266 MET A CE  1 
ATOM   9   N  N   . GLN A 1 14 ? 6.348   -7.794  8.643   1.00 49.55 ? 267 GLN A N   1 
ATOM   10  C  CA  . GLN A 1 14 ? 6.757   -6.598  9.384   1.00 50.05 ? 267 GLN A CA  1 
ATOM   11  C  C   . GLN A 1 14 ? 7.897   -5.810  8.734   1.00 52.50 ? 267 GLN A C   1 
ATOM   12  O  O   . GLN A 1 14 ? 7.960   -4.593  8.902   1.00 52.13 ? 267 GLN A O   1 
ATOM   13  C  CB  . GLN A 1 14 ? 7.099   -6.946  10.847  1.00 52.02 ? 267 GLN A CB  1 
ATOM   14  C  CG  . GLN A 1 14 ? 6.049   -7.808  11.575  1.00 72.60 ? 267 GLN A CG  1 
ATOM   15  C  CD  . GLN A 1 14 ? 4.646   -7.251  11.483  1.00 90.23 ? 267 GLN A CD  1 
ATOM   16  O  OE1 . GLN A 1 14 ? 4.318   -6.217  12.076  1.00 87.26 ? 267 GLN A OE1 1 
ATOM   17  N  NE2 . GLN A 1 14 ? 3.788   -7.926  10.728  1.00 79.17 ? 267 GLN A NE2 1 
ATOM   18  N  N   . THR A 1 15 ? 8.778   -6.489  7.994   1.00 47.90 ? 268 THR A N   1 
ATOM   19  C  CA  . THR A 1 15 ? 9.920   -5.859  7.329   1.00 47.53 ? 268 THR A CA  1 
ATOM   20  C  C   . THR A 1 15 ? 9.699   -5.654  5.833   1.00 49.42 ? 268 THR A C   1 
ATOM   21  O  O   . THR A 1 15 ? 8.974   -6.426  5.199   1.00 47.52 ? 268 THR A O   1 
ATOM   22  C  CB  . THR A 1 15 ? 11.216  -6.641  7.598   1.00 56.26 ? 268 THR A CB  1 
ATOM   23  O  OG1 . THR A 1 15 ? 11.001  -8.027  7.331   1.00 56.60 ? 268 THR A OG1 1 
ATOM   24  C  CG2 . THR A 1 15 ? 11.734  -6.449  9.011   1.00 55.21 ? 268 THR A CG2 1 
ATOM   25  N  N   . HIS A 1 16 ? 10.360  -4.625  5.274   1.00 46.43 ? 269 HIS A N   1 
ATOM   26  C  CA  . HIS A 1 16 ? 10.310  -4.273  3.855   1.00 47.43 ? 269 HIS A CA  1 
ATOM   27  C  C   . HIS A 1 16 ? 10.757  -5.455  2.972   1.00 51.23 ? 269 HIS A C   1 
ATOM   28  O  O   . HIS A 1 16 ? 10.079  -5.765  1.987   1.00 50.22 ? 269 HIS A O   1 
ATOM   29  C  CB  . HIS A 1 16 ? 11.174  -3.029  3.586   1.00 48.56 ? 269 HIS A CB  1 
ATOM   30  C  CG  . HIS A 1 16 ? 10.943  -2.415  2.242   1.00 52.26 ? 269 HIS A CG  1 
ATOM   31  N  ND1 . HIS A 1 16 ? 11.664  -2.815  1.130   1.00 54.26 ? 269 HIS A ND1 1 
ATOM   32  C  CD2 . HIS A 1 16 ? 10.087  -1.433  1.877   1.00 54.06 ? 269 HIS A CD2 1 
ATOM   33  C  CE1 . HIS A 1 16 ? 11.220  -2.072  0.129   1.00 53.64 ? 269 HIS A CE1 1 
ATOM   34  N  NE2 . HIS A 1 16 ? 10.266  -1.231  0.526   1.00 53.84 ? 269 HIS A NE2 1 
ATOM   35  N  N   . ALA A 1 17 ? 11.861  -6.137  3.366   1.00 48.08 ? 270 ALA A N   1 
ATOM   36  C  CA  . ALA A 1 17 ? 12.428  -7.292  2.672   1.00 48.27 ? 270 ALA A CA  1 
ATOM   37  C  C   . ALA A 1 17 ? 11.452  -8.470  2.593   1.00 53.48 ? 270 ALA A C   1 
ATOM   38  O  O   . ALA A 1 17 ? 11.377  -9.118  1.552   1.00 53.80 ? 270 ALA A O   1 
ATOM   39  C  CB  . ALA A 1 17 ? 13.722  -7.725  3.342   1.00 49.28 ? 270 ALA A CB  1 
ATOM   40  N  N   . ALA A 1 18 ? 10.699  -8.740  3.682   1.00 50.30 ? 271 ALA A N   1 
ATOM   41  C  CA  . ALA A 1 18 ? 9.707   -9.818  3.717   1.00 49.92 ? 271 ALA A CA  1 
ATOM   42  C  C   . ALA A 1 18 ? 8.517   -9.507  2.792   1.00 51.32 ? 271 ALA A C   1 
ATOM   43  O  O   . ALA A 1 18 ? 7.982   -10.425 2.167   1.00 51.54 ? 271 ALA A O   1 
ATOM   44  C  CB  . ALA A 1 18 ? 9.225   -10.047 5.140   1.00 51.00 ? 271 ALA A CB  1 
ATOM   45  N  N   . ARG A 1 19 ? 8.117   -8.219  2.698   1.00 44.61 ? 272 ARG A N   1 
ATOM   46  C  CA  . ARG A 1 19 ? 7.020   -7.778  1.823   1.00 43.15 ? 272 ARG A CA  1 
ATOM   47  C  C   . ARG A 1 19 ? 7.439   -7.851  0.360   1.00 46.10 ? 272 ARG A C   1 
ATOM   48  O  O   . ARG A 1 19 ? 6.678   -8.363  -0.460  1.00 44.14 ? 272 ARG A O   1 
ATOM   49  C  CB  . ARG A 1 19 ? 6.514   -6.373  2.192   1.00 39.38 ? 272 ARG A CB  1 
ATOM   50  C  CG  . ARG A 1 19 ? 5.893   -6.319  3.587   1.00 41.73 ? 272 ARG A CG  1 
ATOM   51  C  CD  . ARG A 1 19 ? 5.100   -5.061  3.883   1.00 41.28 ? 272 ARG A CD  1 
ATOM   52  N  NE  . ARG A 1 19 ? 5.921   -3.849  3.977   1.00 41.68 ? 272 ARG A NE  1 
ATOM   53  C  CZ  . ARG A 1 19 ? 6.545   -3.436  5.078   1.00 53.33 ? 272 ARG A CZ  1 
ATOM   54  N  NH1 . ARG A 1 19 ? 6.499   -4.159  6.188   1.00 37.60 ? 272 ARG A NH1 1 
ATOM   55  N  NH2 . ARG A 1 19 ? 7.238   -2.304  5.070   1.00 41.66 ? 272 ARG A NH2 1 
ATOM   56  N  N   . MET A 1 20 ? 8.675   -7.385  0.052   1.00 43.55 ? 273 MET A N   1 
ATOM   57  C  CA  . MET A 1 20 ? 9.276   -7.398  -1.289  1.00 43.99 ? 273 MET A CA  1 
ATOM   58  C  C   . MET A 1 20 ? 9.342   -8.795  -1.882  1.00 48.19 ? 273 MET A C   1 
ATOM   59  O  O   . MET A 1 20 ? 9.065   -8.958  -3.068  1.00 48.44 ? 273 MET A O   1 
ATOM   60  C  CB  . MET A 1 20 ? 10.686  -6.777  -1.274  1.00 46.24 ? 273 MET A CB  1 
ATOM   61  C  CG  . MET A 1 20 ? 10.673  -5.265  -1.235  1.00 49.70 ? 273 MET A CG  1 
ATOM   62  S  SD  . MET A 1 20 ? 9.940   -4.495  -2.697  1.00 53.62 ? 273 MET A SD  1 
ATOM   63  C  CE  . MET A 1 20 ? 11.368  -4.459  -3.791  1.00 50.44 ? 273 MET A CE  1 
ATOM   64  N  N   . ARG A 1 21 ? 9.685   -9.798  -1.047  1.00 44.56 ? 274 ARG A N   1 
ATOM   65  C  CA  . ARG A 1 21 ? 9.799   -11.208 -1.416  1.00 44.33 ? 274 ARG A CA  1 
ATOM   66  C  C   . ARG A 1 21 ? 8.489   -11.801 -1.929  1.00 48.64 ? 274 ARG A C   1 
ATOM   67  O  O   . ARG A 1 21 ? 8.530   -12.704 -2.755  1.00 48.79 ? 274 ARG A O   1 
ATOM   68  C  CB  . ARG A 1 21 ? 10.331  -12.032 -0.233  1.00 45.62 ? 274 ARG A CB  1 
ATOM   69  N  N   . THR A 1 22 ? 7.334   -11.291 -1.460  1.00 45.48 ? 275 THR A N   1 
ATOM   70  C  CA  . THR A 1 22 ? 6.010   -11.759 -1.904  1.00 45.38 ? 275 THR A CA  1 
ATOM   71  C  C   . THR A 1 22 ? 5.684   -11.261 -3.323  1.00 48.76 ? 275 THR A C   1 
ATOM   72  O  O   . THR A 1 22 ? 4.737   -11.749 -3.946  1.00 48.99 ? 275 THR A O   1 
ATOM   73  C  CB  . THR A 1 22 ? 4.908   -11.315 -0.923  1.00 53.74 ? 275 THR A CB  1 
ATOM   74  O  OG1 . THR A 1 22 ? 4.635   -9.924  -1.094  1.00 54.14 ? 275 THR A OG1 1 
ATOM   75  C  CG2 . THR A 1 22 ? 5.244   -11.612 0.515   1.00 51.52 ? 275 THR A CG2 1 
ATOM   76  N  N   . PHE A 1 23 ? 6.449   -10.272 -3.813  1.00 44.53 ? 276 PHE A N   1 
ATOM   77  C  CA  . PHE A 1 23 ? 6.260   -9.665  -5.126  1.00 44.45 ? 276 PHE A CA  1 
ATOM   78  C  C   . PHE A 1 23 ? 7.145   -10.302 -6.180  1.00 50.88 ? 276 PHE A C   1 
ATOM   79  O  O   . PHE A 1 23 ? 7.213   -9.811  -7.308  1.00 50.00 ? 276 PHE A O   1 
ATOM   80  C  CB  . PHE A 1 23 ? 6.501   -8.153  -5.057  1.00 45.64 ? 276 PHE A CB  1 
ATOM   81  C  CG  . PHE A 1 23 ? 5.424   -7.373  -4.349  1.00 46.04 ? 276 PHE A CG  1 
ATOM   82  C  CD1 . PHE A 1 23 ? 4.218   -7.096  -4.978  1.00 48.48 ? 276 PHE A CD1 1 
ATOM   83  C  CD2 . PHE A 1 23 ? 5.635   -6.870  -3.075  1.00 47.94 ? 276 PHE A CD2 1 
ATOM   84  C  CE1 . PHE A 1 23 ? 3.219   -6.368  -4.323  1.00 49.59 ? 276 PHE A CE1 1 
ATOM   85  C  CE2 . PHE A 1 23 ? 4.638   -6.141  -2.421  1.00 50.72 ? 276 PHE A CE2 1 
ATOM   86  C  CZ  . PHE A 1 23 ? 3.437   -5.892  -3.049  1.00 48.67 ? 276 PHE A CZ  1 
ATOM   87  N  N   . MET A 1 24 ? 7.806   -11.417 -5.819  1.00 49.86 ? 277 MET A N   1 
ATOM   88  C  CA  . MET A 1 24 ? 8.679   -12.176 -6.712  1.00 50.76 ? 277 MET A CA  1 
ATOM   89  C  C   . MET A 1 24 ? 7.873   -12.709 -7.901  1.00 57.19 ? 277 MET A C   1 
ATOM   90  O  O   . MET A 1 24 ? 8.399   -12.801 -9.013  1.00 57.53 ? 277 MET A O   1 
ATOM   91  C  CB  . MET A 1 24 ? 9.340   -13.322 -5.945  1.00 53.10 ? 277 MET A CB  1 
ATOM   92  N  N   . TYR A 1 25 ? 6.580   -12.997 -7.668  1.00 55.18 ? 278 TYR A N   1 
ATOM   93  C  CA  . TYR A 1 25 ? 5.658   -13.493 -8.681  1.00 55.72 ? 278 TYR A CA  1 
ATOM   94  C  C   . TYR A 1 25 ? 4.546   -12.472 -9.024  1.00 59.70 ? 278 TYR A C   1 
ATOM   95  O  O   . TYR A 1 25 ? 3.511   -12.852 -9.572  1.00 59.31 ? 278 TYR A O   1 
ATOM   96  C  CB  . TYR A 1 25 ? 5.101   -14.875 -8.276  1.00 57.44 ? 278 TYR A CB  1 
ATOM   97  C  CG  . TYR A 1 25 ? 6.168   -15.906 -7.966  1.00 60.70 ? 278 TYR A CG  1 
ATOM   98  C  CD1 . TYR A 1 25 ? 7.163   -16.212 -8.892  1.00 63.02 ? 278 TYR A CD1 1 
ATOM   99  C  CD2 . TYR A 1 25 ? 6.168   -16.595 -6.757  1.00 61.86 ? 278 TYR A CD2 1 
ATOM   100 C  CE1 . TYR A 1 25 ? 8.151   -17.155 -8.611  1.00 65.00 ? 278 TYR A CE1 1 
ATOM   101 C  CE2 . TYR A 1 25 ? 7.136   -17.564 -6.477  1.00 62.88 ? 278 TYR A CE2 1 
ATOM   102 C  CZ  . TYR A 1 25 ? 8.129   -17.834 -7.403  1.00 72.64 ? 278 TYR A CZ  1 
ATOM   103 O  OH  . TYR A 1 25 ? 9.081   -18.795 -7.142  1.00 76.31 ? 278 TYR A OH  1 
ATOM   104 N  N   . TRP A 1 26 ? 4.796   -11.168 -8.751  1.00 56.57 ? 279 TRP A N   1 
ATOM   105 C  CA  . TRP A 1 26 ? 3.883   -10.060 -9.073  1.00 56.63 ? 279 TRP A CA  1 
ATOM   106 C  C   . TRP A 1 26 ? 3.733   -9.957  -10.607 1.00 63.58 ? 279 TRP A C   1 
ATOM   107 O  O   . TRP A 1 26 ? 4.747   -10.062 -11.305 1.00 65.17 ? 279 TRP A O   1 
ATOM   108 C  CB  . TRP A 1 26 ? 4.421   -8.740  -8.483  1.00 54.59 ? 279 TRP A CB  1 
ATOM   109 C  CG  . TRP A 1 26 ? 3.595   -7.512  -8.739  1.00 54.77 ? 279 TRP A CG  1 
ATOM   110 C  CD1 . TRP A 1 26 ? 3.913   -6.473  -9.563  1.00 57.58 ? 279 TRP A CD1 1 
ATOM   111 C  CD2 . TRP A 1 26 ? 2.378   -7.143  -8.075  1.00 54.23 ? 279 TRP A CD2 1 
ATOM   112 N  NE1 . TRP A 1 26 ? 2.945   -5.496  -9.486  1.00 56.83 ? 279 TRP A NE1 1 
ATOM   113 C  CE2 . TRP A 1 26 ? 1.985   -5.888  -8.590  1.00 57.99 ? 279 TRP A CE2 1 
ATOM   114 C  CE3 . TRP A 1 26 ? 1.549   -7.775  -7.137  1.00 55.19 ? 279 TRP A CE3 1 
ATOM   115 C  CZ2 . TRP A 1 26 ? 0.815   -5.241  -8.173  1.00 57.24 ? 279 TRP A CZ2 1 
ATOM   116 C  CZ3 . TRP A 1 26 ? 0.391   -7.131  -6.724  1.00 56.65 ? 279 TRP A CZ3 1 
ATOM   117 C  CH2 . TRP A 1 26 ? 0.027   -5.886  -7.250  1.00 57.24 ? 279 TRP A CH2 1 
ATOM   118 N  N   . PRO A 1 27 ? 2.499   -9.807  -11.159 1.00 60.78 ? 280 PRO A N   1 
ATOM   119 C  CA  . PRO A 1 27 ? 2.350   -9.740  -12.627 1.00 60.71 ? 280 PRO A CA  1 
ATOM   120 C  C   . PRO A 1 27 ? 3.064   -8.559  -13.274 1.00 65.74 ? 280 PRO A C   1 
ATOM   121 O  O   . PRO A 1 27 ? 3.156   -7.493  -12.670 1.00 65.23 ? 280 PRO A O   1 
ATOM   122 C  CB  . PRO A 1 27 ? 0.834   -9.661  -12.834 1.00 62.38 ? 280 PRO A CB  1 
ATOM   123 C  CG  . PRO A 1 27 ? 0.236   -10.130 -11.549 1.00 66.96 ? 280 PRO A CG  1 
ATOM   124 C  CD  . PRO A 1 27 ? 1.190   -9.688  -10.488 1.00 62.43 ? 280 PRO A CD  1 
ATOM   125 N  N   . SER A 1 28 ? 3.581   -8.763  -14.500 1.00 63.20 ? 281 SER A N   1 
ATOM   126 C  CA  . SER A 1 28 ? 4.312   -7.742  -15.258 1.00 63.32 ? 281 SER A CA  1 
ATOM   127 C  C   . SER A 1 28 ? 3.420   -6.600  -15.772 1.00 67.71 ? 281 SER A C   1 
ATOM   128 O  O   . SER A 1 28 ? 3.883   -5.459  -15.871 1.00 67.58 ? 281 SER A O   1 
ATOM   129 C  CB  . SER A 1 28 ? 5.096   -8.375  -16.406 1.00 66.00 ? 281 SER A CB  1 
ATOM   130 O  OG  . SER A 1 28 ? 4.259   -9.020  -17.353 1.00 74.41 ? 281 SER A OG  1 
ATOM   131 N  N   . SER A 1 29 ? 2.148   -6.908  -16.083 1.00 63.76 ? 282 SER A N   1 
ATOM   132 C  CA  . SER A 1 29 ? 1.161   -5.959  -16.612 1.00 63.05 ? 282 SER A CA  1 
ATOM   133 C  C   . SER A 1 29 ? 0.749   -4.816  -15.661 1.00 64.00 ? 282 SER A C   1 
ATOM   134 O  O   . SER A 1 29 ? 0.333   -3.764  -16.152 1.00 63.39 ? 282 SER A O   1 
ATOM   135 C  CB  . SER A 1 29 ? -0.082  -6.700  -17.085 1.00 66.96 ? 282 SER A CB  1 
ATOM   136 O  OG  . SER A 1 29 ? -0.728  -7.379  -16.019 1.00 76.35 ? 282 SER A OG  1 
ATOM   137 N  N   . VAL A 1 30 ? 0.841   -5.024  -14.326 1.00 58.55 ? 283 VAL A N   1 
ATOM   138 C  CA  . VAL A 1 30 ? 0.446   -4.032  -13.313 1.00 57.48 ? 283 VAL A CA  1 
ATOM   139 C  C   . VAL A 1 30 ? 1.360   -2.780  -13.358 1.00 59.78 ? 283 VAL A C   1 
ATOM   140 O  O   . VAL A 1 30 ? 2.576   -2.909  -13.191 1.00 58.77 ? 283 VAL A O   1 
ATOM   141 C  CB  . VAL A 1 30 ? 0.311   -4.621  -11.883 1.00 61.12 ? 283 VAL A CB  1 
ATOM   142 C  CG1 . VAL A 1 30 ? -0.392  -3.635  -10.955 1.00 60.69 ? 283 VAL A CG1 1 
ATOM   143 C  CG2 . VAL A 1 30 ? -0.438  -5.954  -11.900 1.00 60.96 ? 283 VAL A CG2 1 
ATOM   144 N  N   . PRO A 1 31 ? 0.793   -1.569  -13.596 1.00 56.00 ? 284 PRO A N   1 
ATOM   145 C  CA  . PRO A 1 31 ? 1.639   -0.365  -13.695 1.00 55.53 ? 284 PRO A CA  1 
ATOM   146 C  C   . PRO A 1 31 ? 1.960   0.315   -12.352 1.00 56.77 ? 284 PRO A C   1 
ATOM   147 O  O   . PRO A 1 31 ? 1.988   1.551   -12.252 1.00 56.61 ? 284 PRO A O   1 
ATOM   148 C  CB  . PRO A 1 31 ? 0.850   0.531   -14.652 1.00 57.66 ? 284 PRO A CB  1 
ATOM   149 C  CG  . PRO A 1 31 ? -0.583  0.155   -14.414 1.00 62.47 ? 284 PRO A CG  1 
ATOM   150 C  CD  . PRO A 1 31 ? -0.628  -1.239  -13.833 1.00 57.90 ? 284 PRO A CD  1 
ATOM   151 N  N   . VAL A 1 32 ? 2.202   -0.510  -11.317 1.00 50.35 ? 285 VAL A N   1 
ATOM   152 C  CA  . VAL A 1 32 ? 2.605   -0.107  -9.969  1.00 48.50 ? 285 VAL A CA  1 
ATOM   153 C  C   . VAL A 1 32 ? 3.770   -1.040  -9.602  1.00 50.04 ? 285 VAL A C   1 
ATOM   154 O  O   . VAL A 1 32 ? 3.650   -2.259  -9.745  1.00 48.78 ? 285 VAL A O   1 
ATOM   155 C  CB  . VAL A 1 32 ? 1.451   -0.136  -8.917  1.00 51.71 ? 285 VAL A CB  1 
ATOM   156 C  CG1 . VAL A 1 32 ? 1.929   0.392   -7.569  1.00 51.05 ? 285 VAL A CG1 1 
ATOM   157 C  CG2 . VAL A 1 32 ? 0.234   0.660   -9.387  1.00 51.48 ? 285 VAL A CG2 1 
ATOM   158 N  N   . GLN A 1 33 ? 4.901   -0.464  -9.164  1.00 46.02 ? 286 GLN A N   1 
ATOM   159 C  CA  . GLN A 1 33 ? 6.110   -1.217  -8.820  1.00 44.95 ? 286 GLN A CA  1 
ATOM   160 C  C   . GLN A 1 33 ? 6.109   -1.807  -7.405  1.00 46.58 ? 286 GLN A C   1 
ATOM   161 O  O   . GLN A 1 33 ? 5.765   -1.109  -6.447  1.00 44.98 ? 286 GLN A O   1 
ATOM   162 C  CB  . GLN A 1 33 ? 7.368   -0.365  -9.045  1.00 46.38 ? 286 GLN A CB  1 
ATOM   163 N  N   . PRO A 1 34 ? 6.538   -3.085  -7.261  1.00 42.13 ? 287 PRO A N   1 
ATOM   164 C  CA  . PRO A 1 34 ? 6.614   -3.712  -5.925  1.00 41.46 ? 287 PRO A CA  1 
ATOM   165 C  C   . PRO A 1 34 ? 7.314   -2.887  -4.839  1.00 43.96 ? 287 PRO A C   1 
ATOM   166 O  O   . PRO A 1 34 ? 6.855   -2.887  -3.695  1.00 43.29 ? 287 PRO A O   1 
ATOM   167 C  CB  . PRO A 1 34 ? 7.385   -5.004  -6.210  1.00 43.20 ? 287 PRO A CB  1 
ATOM   168 C  CG  . PRO A 1 34 ? 6.980   -5.358  -7.588  1.00 47.46 ? 287 PRO A CG  1 
ATOM   169 C  CD  . PRO A 1 34 ? 6.960   -4.039  -8.308  1.00 43.34 ? 287 PRO A CD  1 
ATOM   170 N  N   . GLU A 1 35 ? 8.412   -2.176  -5.195  1.00 39.91 ? 288 GLU A N   1 
ATOM   171 C  CA  . GLU A 1 35 ? 9.191   -1.338  -4.278  1.00 39.41 ? 288 GLU A CA  1 
ATOM   172 C  C   . GLU A 1 35 ? 8.319   -0.299  -3.562  1.00 41.10 ? 288 GLU A C   1 
ATOM   173 O  O   . GLU A 1 35 ? 8.446   -0.128  -2.347  1.00 40.43 ? 288 GLU A O   1 
ATOM   174 C  CB  . GLU A 1 35 ? 10.358  -0.667  -5.024  1.00 41.17 ? 288 GLU A CB  1 
ATOM   175 C  CG  . GLU A 1 35 ? 11.431  -0.059  -4.131  1.00 55.77 ? 288 GLU A CG  1 
ATOM   176 C  CD  . GLU A 1 35 ? 11.110  1.295   -3.522  1.00 82.74 ? 288 GLU A CD  1 
ATOM   177 O  OE1 . GLU A 1 35 ? 10.707  2.211   -4.277  1.00 82.72 ? 288 GLU A OE1 1 
ATOM   178 O  OE2 . GLU A 1 35 ? 11.254  1.438   -2.285  1.00 77.79 ? 288 GLU A OE2 1 
ATOM   179 N  N   . GLN A 1 36 ? 7.451   0.391   -4.318  1.00 36.06 ? 289 GLN A N   1 
ATOM   180 C  CA  . GLN A 1 36 ? 6.582   1.441   -3.806  1.00 35.73 ? 289 GLN A CA  1 
ATOM   181 C  C   . GLN A 1 36 ? 5.442   0.861   -2.956  1.00 38.40 ? 289 GLN A C   1 
ATOM   182 O  O   . GLN A 1 36 ? 5.084   1.446   -1.928  1.00 38.46 ? 289 GLN A O   1 
ATOM   183 C  CB  . GLN A 1 36 ? 6.062   2.304   -4.962  1.00 37.25 ? 289 GLN A CB  1 
ATOM   184 N  N   . LEU A 1 37 ? 4.913   -0.312  -3.357  1.00 33.18 ? 290 LEU A N   1 
ATOM   185 C  CA  . LEU A 1 37 ? 3.857   -1.014  -2.627  1.00 32.71 ? 290 LEU A CA  1 
ATOM   186 C  C   . LEU A 1 37 ? 4.359   -1.460  -1.254  1.00 34.94 ? 290 LEU A C   1 
ATOM   187 O  O   . LEU A 1 37 ? 3.725   -1.147  -0.254  1.00 32.35 ? 290 LEU A O   1 
ATOM   188 C  CB  . LEU A 1 37 ? 3.332   -2.222  -3.431  1.00 32.96 ? 290 LEU A CB  1 
ATOM   189 C  CG  . LEU A 1 37 ? 2.489   -1.885  -4.658  1.00 37.76 ? 290 LEU A CG  1 
ATOM   190 C  CD1 . LEU A 1 37 ? 2.503   -3.018  -5.667  1.00 37.57 ? 290 LEU A CD1 1 
ATOM   191 C  CD2 . LEU A 1 37 ? 1.075   -1.491  -4.271  1.00 39.79 ? 290 LEU A CD2 1 
ATOM   192 N  N   . ALA A 1 38 ? 5.519   -2.153  -1.215  1.00 33.53 ? 291 ALA A N   1 
ATOM   193 C  CA  . ALA A 1 38 ? 6.158   -2.665  0.004   1.00 33.65 ? 291 ALA A CA  1 
ATOM   194 C  C   . ALA A 1 38 ? 6.552   -1.564  0.972   1.00 38.84 ? 291 ALA A C   1 
ATOM   195 O  O   . ALA A 1 38 ? 6.490   -1.784  2.177   1.00 39.65 ? 291 ALA A O   1 
ATOM   196 C  CB  . ALA A 1 38 ? 7.364   -3.517  -0.347  1.00 34.12 ? 291 ALA A CB  1 
ATOM   197 N  N   . SER A 1 39 ? 6.954   -0.380  0.450   1.00 35.16 ? 292 SER A N   1 
ATOM   198 C  CA  . SER A 1 39 ? 7.338   0.787   1.253   1.00 34.39 ? 292 SER A CA  1 
ATOM   199 C  C   . SER A 1 39 ? 6.120   1.325   2.000   1.00 37.85 ? 292 SER A C   1 
ATOM   200 O  O   . SER A 1 39 ? 6.234   1.724   3.164   1.00 38.94 ? 292 SER A O   1 
ATOM   201 C  CB  . SER A 1 39 ? 7.931   1.873   0.367   1.00 37.12 ? 292 SER A CB  1 
ATOM   202 O  OG  . SER A 1 39 ? 9.145   1.420   -0.206  1.00 50.48 ? 292 SER A OG  1 
ATOM   203 N  N   . ALA A 1 40 ? 4.952   1.297   1.334   1.00 32.50 ? 293 ALA A N   1 
ATOM   204 C  CA  . ALA A 1 40 ? 3.667   1.739   1.868   1.00 31.75 ? 293 ALA A CA  1 
ATOM   205 C  C   . ALA A 1 40 ? 2.994   0.655   2.734   1.00 34.79 ? 293 ALA A C   1 
ATOM   206 O  O   . ALA A 1 40 ? 1.837   0.808   3.108   1.00 34.05 ? 293 ALA A O   1 
ATOM   207 C  CB  . ALA A 1 40 ? 2.755   2.184   0.731   1.00 32.51 ? 293 ALA A CB  1 
ATOM   208 N  N   . GLY A 1 41 ? 3.743   -0.402  3.069   1.00 31.14 ? 294 GLY A N   1 
ATOM   209 C  CA  . GLY A 1 41 ? 3.307   -1.475  3.954   1.00 30.87 ? 294 GLY A CA  1 
ATOM   210 C  C   . GLY A 1 41 ? 2.543   -2.621  3.337   1.00 34.90 ? 294 GLY A C   1 
ATOM   211 O  O   . GLY A 1 41 ? 2.061   -3.494  4.067   1.00 34.54 ? 294 GLY A O   1 
ATOM   212 N  N   . PHE A 1 42 ? 2.468   -2.664  1.997   1.00 30.91 ? 295 PHE A N   1 
ATOM   213 C  CA  . PHE A 1 42 ? 1.736   -3.703  1.294   1.00 30.00 ? 295 PHE A CA  1 
ATOM   214 C  C   . PHE A 1 42 ? 2.584   -4.886  0.891   1.00 36.17 ? 295 PHE A C   1 
ATOM   215 O  O   . PHE A 1 42 ? 3.771   -4.734  0.585   1.00 36.05 ? 295 PHE A O   1 
ATOM   216 C  CB  . PHE A 1 42 ? 1.028   -3.129  0.055   1.00 31.30 ? 295 PHE A CB  1 
ATOM   217 C  CG  . PHE A 1 42 ? 0.028   -2.043  0.349   1.00 32.53 ? 295 PHE A CG  1 
ATOM   218 C  CD1 . PHE A 1 42 ? -1.141  -2.322  1.046   1.00 34.12 ? 295 PHE A CD1 1 
ATOM   219 C  CD2 . PHE A 1 42 ? 0.259   -0.734  -0.059  1.00 34.48 ? 295 PHE A CD2 1 
ATOM   220 C  CE1 . PHE A 1 42 ? -2.065  -1.317  1.319   1.00 34.44 ? 295 PHE A CE1 1 
ATOM   221 C  CE2 . PHE A 1 42 ? -0.670  0.271   0.213   1.00 36.88 ? 295 PHE A CE2 1 
ATOM   222 C  CZ  . PHE A 1 42 ? -1.825  -0.029  0.901   1.00 34.18 ? 295 PHE A CZ  1 
ATOM   223 N  N   . TYR A 1 43 ? 1.951   -6.068  0.848   1.00 33.44 ? 296 TYR A N   1 
ATOM   224 C  CA  . TYR A 1 43 ? 2.546   -7.318  0.374   1.00 33.87 ? 296 TYR A CA  1 
ATOM   225 C  C   . TYR A 1 43 ? 1.527   -8.005  -0.516  1.00 39.57 ? 296 TYR A C   1 
ATOM   226 O  O   . TYR A 1 43 ? 0.326   -7.891  -0.263  1.00 38.32 ? 296 TYR A O   1 
ATOM   227 C  CB  . TYR A 1 43 ? 2.996   -8.249  1.527   1.00 35.02 ? 296 TYR A CB  1 
ATOM   228 C  CG  . TYR A 1 43 ? 1.882   -8.677  2.459   1.00 36.24 ? 296 TYR A CG  1 
ATOM   229 C  CD1 . TYR A 1 43 ? 1.528   -7.901  3.555   1.00 37.79 ? 296 TYR A CD1 1 
ATOM   230 C  CD2 . TYR A 1 43 ? 1.221   -9.890  2.277   1.00 37.14 ? 296 TYR A CD2 1 
ATOM   231 C  CE1 . TYR A 1 43 ? 0.503   -8.288  4.416   1.00 38.56 ? 296 TYR A CE1 1 
ATOM   232 C  CE2 . TYR A 1 43 ? 0.198   -10.292 3.138   1.00 37.98 ? 296 TYR A CE2 1 
ATOM   233 C  CZ  . TYR A 1 43 ? -0.162  -9.482  4.203   1.00 43.45 ? 296 TYR A CZ  1 
ATOM   234 O  OH  . TYR A 1 43 ? -1.175  -9.850  5.057   1.00 43.35 ? 296 TYR A OH  1 
ATOM   235 N  N   . TYR A 1 44 ? 2.007   -8.718  -1.547  1.00 39.18 ? 297 TYR A N   1 
ATOM   236 C  CA  . TYR A 1 44 ? 1.174   -9.471  -2.478  1.00 40.99 ? 297 TYR A CA  1 
ATOM   237 C  C   . TYR A 1 44 ? 0.743   -10.765 -1.784  1.00 48.88 ? 297 TYR A C   1 
ATOM   238 O  O   . TYR A 1 44 ? 1.590   -11.527 -1.304  1.00 48.61 ? 297 TYR A O   1 
ATOM   239 C  CB  . TYR A 1 44 ? 1.958   -9.772  -3.776  1.00 42.87 ? 297 TYR A CB  1 
ATOM   240 C  CG  . TYR A 1 44 ? 1.198   -10.546 -4.835  1.00 45.59 ? 297 TYR A CG  1 
ATOM   241 C  CD1 . TYR A 1 44 ? -0.096  -10.183 -5.200  1.00 46.60 ? 297 TYR A CD1 1 
ATOM   242 C  CD2 . TYR A 1 44 ? 1.801   -11.593 -5.528  1.00 47.59 ? 297 TYR A CD2 1 
ATOM   243 C  CE1 . TYR A 1 44 ? -0.785  -10.862 -6.199  1.00 46.48 ? 297 TYR A CE1 1 
ATOM   244 C  CE2 . TYR A 1 44 ? 1.123   -12.278 -6.536  1.00 49.01 ? 297 TYR A CE2 1 
ATOM   245 C  CZ  . TYR A 1 44 ? -0.177  -11.919 -6.857  1.00 56.57 ? 297 TYR A CZ  1 
ATOM   246 O  OH  . TYR A 1 44 ? -0.867  -12.602 -7.833  1.00 58.60 ? 297 TYR A OH  1 
ATOM   247 N  N   . VAL A 1 45 ? -0.572  -11.008 -1.730  1.00 48.28 ? 298 VAL A N   1 
ATOM   248 C  CA  . VAL A 1 45 ? -1.141  -12.195 -1.076  1.00 49.77 ? 298 VAL A CA  1 
ATOM   249 C  C   . VAL A 1 45 ? -1.105  -13.456 -1.981  1.00 58.36 ? 298 VAL A C   1 
ATOM   250 O  O   . VAL A 1 45 ? -1.545  -14.534 -1.555  1.00 58.73 ? 298 VAL A O   1 
ATOM   251 C  CB  . VAL A 1 45 ? -2.562  -11.915 -0.512  1.00 53.46 ? 298 VAL A CB  1 
ATOM   252 C  CG1 . VAL A 1 45 ? -2.526  -10.832 0.561   1.00 52.90 ? 298 VAL A CG1 1 
ATOM   253 C  CG2 . VAL A 1 45 ? -3.551  -11.558 -1.619  1.00 53.31 ? 298 VAL A CG2 1 
ATOM   254 N  N   . GLY A 1 46 ? -0.569  -13.304 -3.200  1.00 56.93 ? 299 GLY A N   1 
ATOM   255 C  CA  . GLY A 1 46 ? -0.492  -14.378 -4.187  1.00 57.92 ? 299 GLY A CA  1 
ATOM   256 C  C   . GLY A 1 46 ? -1.849  -14.660 -4.803  1.00 63.40 ? 299 GLY A C   1 
ATOM   257 O  O   . GLY A 1 46 ? -2.285  -15.811 -4.826  1.00 64.16 ? 299 GLY A O   1 
ATOM   258 N  N   . ARG A 1 47 ? -2.548  -13.590 -5.264  1.00 59.57 ? 300 ARG A N   1 
ATOM   259 C  CA  . ARG A 1 47 ? -3.887  -13.630 -5.860  1.00 58.44 ? 300 ARG A CA  1 
ATOM   260 C  C   . ARG A 1 47 ? -4.130  -12.388 -6.713  1.00 58.42 ? 300 ARG A C   1 
ATOM   261 O  O   . ARG A 1 47 ? -4.245  -11.300 -6.157  1.00 56.95 ? 300 ARG A O   1 
ATOM   262 C  CB  . ARG A 1 47 ? -4.960  -13.721 -4.758  1.00 60.20 ? 300 ARG A CB  1 
ATOM   263 N  N   . ASN A 1 48 ? -4.210  -12.551 -8.059  1.00 53.68 ? 301 ASN A N   1 
ATOM   264 C  CA  . ASN A 1 48 ? -4.449  -11.482 -9.050  1.00 52.63 ? 301 ASN A CA  1 
ATOM   265 C  C   . ASN A 1 48 ? -3.436  -10.339 -8.853  1.00 54.38 ? 301 ASN A C   1 
ATOM   266 O  O   . ASN A 1 48 ? -2.249  -10.533 -9.117  1.00 55.20 ? 301 ASN A O   1 
ATOM   267 C  CB  . ASN A 1 48 ? -5.914  -10.968 -8.978  1.00 54.09 ? 301 ASN A CB  1 
ATOM   268 C  CG  . ASN A 1 48 ? -6.966  -12.025 -8.716  1.00 70.15 ? 301 ASN A CG  1 
ATOM   269 O  OD1 . ASN A 1 48 ? -6.868  -13.161 -9.176  1.00 62.34 ? 301 ASN A OD1 1 
ATOM   270 N  ND2 . ASN A 1 48 ? -8.005  -11.669 -7.971  1.00 58.63 ? 301 ASN A ND2 1 
ATOM   271 N  N   . ASP A 1 49 ? -3.899  -9.174  -8.356  1.00 46.98 ? 302 ASP A N   1 
ATOM   272 C  CA  . ASP A 1 49 ? -3.067  -8.025  -8.006  1.00 45.54 ? 302 ASP A CA  1 
ATOM   273 C  C   . ASP A 1 49 ? -3.484  -7.516  -6.608  1.00 44.91 ? 302 ASP A C   1 
ATOM   274 O  O   . ASP A 1 49 ? -3.293  -6.343  -6.277  1.00 43.75 ? 302 ASP A O   1 
ATOM   275 C  CB  . ASP A 1 49 ? -3.088  -6.933  -9.106  1.00 47.53 ? 302 ASP A CB  1 
ATOM   276 C  CG  . ASP A 1 49 ? -4.329  -6.061  -9.197  1.00 56.50 ? 302 ASP A CG  1 
ATOM   277 O  OD1 . ASP A 1 49 ? -5.426  -6.542  -8.831  1.00 58.44 ? 302 ASP A OD1 1 
ATOM   278 O  OD2 . ASP A 1 49 ? -4.206  -4.905  -9.652  1.00 59.29 ? 302 ASP A OD2 1 
ATOM   279 N  N   . ASP A 1 50 ? -4.062  -8.436  -5.794  1.00 38.71 ? 303 ASP A N   1 
ATOM   280 C  CA  . ASP A 1 50 ? -4.525  -8.178  -4.436  1.00 37.85 ? 303 ASP A CA  1 
ATOM   281 C  C   . ASP A 1 50 ? -3.333  -8.060  -3.514  1.00 39.76 ? 303 ASP A C   1 
ATOM   282 O  O   . ASP A 1 50 ? -2.483  -8.951  -3.477  1.00 37.84 ? 303 ASP A O   1 
ATOM   283 C  CB  . ASP A 1 50 ? -5.447  -9.301  -3.901  1.00 39.42 ? 303 ASP A CB  1 
ATOM   284 C  CG  . ASP A 1 50 ? -6.687  -9.642  -4.700  1.00 49.40 ? 303 ASP A CG  1 
ATOM   285 O  OD1 . ASP A 1 50 ? -7.118  -8.805  -5.515  1.00 50.09 ? 303 ASP A OD1 1 
ATOM   286 O  OD2 . ASP A 1 50 ? -7.239  -10.755 -4.497  1.00 57.01 ? 303 ASP A OD2 1 
ATOM   287 N  N   . VAL A 1 51 ? -3.287  -6.943  -2.770  1.00 35.10 ? 304 VAL A N   1 
ATOM   288 C  CA  . VAL A 1 51 ? -2.280  -6.638  -1.762  1.00 33.86 ? 304 VAL A CA  1 
ATOM   289 C  C   . VAL A 1 51 ? -3.014  -6.343  -0.446  1.00 38.66 ? 304 VAL A C   1 
ATOM   290 O  O   . VAL A 1 51 ? -4.195  -5.981  -0.457  1.00 37.30 ? 304 VAL A O   1 
ATOM   291 C  CB  . VAL A 1 51 ? -1.306  -5.485  -2.155  1.00 36.90 ? 304 VAL A CB  1 
ATOM   292 C  CG1 . VAL A 1 51 ? -0.490  -5.836  -3.395  1.00 36.46 ? 304 VAL A CG1 1 
ATOM   293 C  CG2 . VAL A 1 51 ? -2.037  -4.153  -2.338  1.00 36.32 ? 304 VAL A CG2 1 
ATOM   294 N  N   . LYS A 1 52 ? -2.314  -6.528  0.677   1.00 36.00 ? 305 LYS A N   1 
ATOM   295 C  CA  . LYS A 1 52 ? -2.827  -6.246  2.009   1.00 35.39 ? 305 LYS A CA  1 
ATOM   296 C  C   . LYS A 1 52 ? -1.751  -5.508  2.766   1.00 37.20 ? 305 LYS A C   1 
ATOM   297 O  O   . LYS A 1 52 ? -0.575  -5.804  2.584   1.00 36.41 ? 305 LYS A O   1 
ATOM   298 C  CB  . LYS A 1 52 ? -3.190  -7.542  2.762   1.00 38.15 ? 305 LYS A CB  1 
ATOM   299 C  CG  . LYS A 1 52 ? -4.489  -8.189  2.303   1.00 51.88 ? 305 LYS A CG  1 
ATOM   300 C  CD  . LYS A 1 52 ? -5.567  -8.116  3.350   1.00 60.61 ? 305 LYS A CD  1 
ATOM   301 C  CE  . LYS A 1 52 ? -6.829  -8.777  2.872   1.00 75.03 ? 305 LYS A CE  1 
ATOM   302 N  NZ  . LYS A 1 52 ? -7.864  -8.822  3.938   1.00 87.82 ? 305 LYS A NZ  1 
ATOM   303 N  N   . CYS A 1 53 ? -2.144  -4.553  3.613   1.00 32.27 ? 306 CYS A N   1 
ATOM   304 C  CA  . CYS A 1 53 ? -1.191  -3.855  4.456   1.00 31.43 ? 306 CYS A CA  1 
ATOM   305 C  C   . CYS A 1 53 ? -0.914  -4.763  5.651   1.00 34.39 ? 306 CYS A C   1 
ATOM   306 O  O   . CYS A 1 53 ? -1.846  -5.345  6.199   1.00 33.64 ? 306 CYS A O   1 
ATOM   307 C  CB  . CYS A 1 53 ? -1.724  -2.492  4.891   1.00 31.49 ? 306 CYS A CB  1 
ATOM   308 S  SG  . CYS A 1 53 ? -0.853  -1.787  6.311   1.00 35.10 ? 306 CYS A SG  1 
ATOM   309 N  N   . PHE A 1 54 ? 0.358   -4.895  6.041   1.00 31.90 ? 307 PHE A N   1 
ATOM   310 C  CA  . PHE A 1 54 ? 0.802   -5.770  7.145   1.00 31.83 ? 307 PHE A CA  1 
ATOM   311 C  C   . PHE A 1 54 ? 0.245   -5.339  8.505   1.00 37.43 ? 307 PHE A C   1 
ATOM   312 O  O   . PHE A 1 54 ? 0.093   -6.156  9.417   1.00 37.63 ? 307 PHE A O   1 
ATOM   313 C  CB  . PHE A 1 54 ? 2.346   -5.811  7.192   1.00 33.20 ? 307 PHE A CB  1 
ATOM   314 C  CG  . PHE A 1 54 ? 3.001   -4.649  7.904   1.00 34.63 ? 307 PHE A CG  1 
ATOM   315 C  CD1 . PHE A 1 54 ? 3.182   -3.429  7.262   1.00 37.68 ? 307 PHE A CD1 1 
ATOM   316 C  CD2 . PHE A 1 54 ? 3.406   -4.762  9.231   1.00 36.87 ? 307 PHE A CD2 1 
ATOM   317 C  CE1 . PHE A 1 54 ? 3.755   -2.345  7.933   1.00 38.43 ? 307 PHE A CE1 1 
ATOM   318 C  CE2 . PHE A 1 54 ? 3.982   -3.678  9.902   1.00 39.49 ? 307 PHE A CE2 1 
ATOM   319 C  CZ  . PHE A 1 54 ? 4.158   -2.480  9.245   1.00 37.87 ? 307 PHE A CZ  1 
ATOM   320 N  N   . CYS A 1 55 ? -0.041  -4.041  8.626   1.00 34.48 ? 308 CYS A N   1 
ATOM   321 C  CA  . CYS A 1 55 ? -0.474  -3.379  9.838   1.00 34.67 ? 308 CYS A CA  1 
ATOM   322 C  C   . CYS A 1 55 ? -1.987  -3.352  10.035  1.00 34.00 ? 308 CYS A C   1 
ATOM   323 O  O   . CYS A 1 55 ? -2.470  -3.888  11.026  1.00 33.49 ? 308 CYS A O   1 
ATOM   324 C  CB  . CYS A 1 55 ? 0.127   -1.979  9.866   1.00 36.56 ? 308 CYS A CB  1 
ATOM   325 S  SG  . CYS A 1 55 ? -0.425  -0.959  11.241  1.00 41.35 ? 308 CYS A SG  1 
ATOM   326 N  N   . CYS A 1 56 ? -2.724  -2.712  9.120   1.00 28.64 ? 309 CYS A N   1 
ATOM   327 C  CA  . CYS A 1 56 ? -4.174  -2.562  9.221   1.00 27.57 ? 309 CYS A CA  1 
ATOM   328 C  C   . CYS A 1 56 ? -4.945  -3.689  8.582   1.00 31.80 ? 309 CYS A C   1 
ATOM   329 O  O   . CYS A 1 56 ? -6.151  -3.740  8.773   1.00 31.47 ? 309 CYS A O   1 
ATOM   330 C  CB  . CYS A 1 56 ? -4.626  -1.206  8.679   1.00 26.97 ? 309 CYS A CB  1 
ATOM   331 S  SG  . CYS A 1 56 ? -4.489  -1.039  6.879   1.00 30.35 ? 309 CYS A SG  1 
ATOM   332 N  N   . ASP A 1 57 ? -4.275  -4.577  7.801   1.00 29.49 ? 310 ASP A N   1 
ATOM   333 C  CA  . ASP A 1 57 ? -4.917  -5.684  7.069   1.00 29.11 ? 310 ASP A CA  1 
ATOM   334 C  C   . ASP A 1 57 ? -5.871  -5.156  5.976   1.00 35.06 ? 310 ASP A C   1 
ATOM   335 O  O   . ASP A 1 57 ? -6.761  -5.869  5.521   1.00 35.51 ? 310 ASP A O   1 
ATOM   336 C  CB  . ASP A 1 57 ? -5.609  -6.684  8.024   1.00 30.79 ? 310 ASP A CB  1 
ATOM   337 C  CG  . ASP A 1 57 ? -5.751  -8.103  7.494   1.00 44.36 ? 310 ASP A CG  1 
ATOM   338 O  OD1 . ASP A 1 57 ? -4.924  -8.510  6.647   1.00 46.44 ? 310 ASP A OD1 1 
ATOM   339 O  OD2 . ASP A 1 57 ? -6.678  -8.813  7.940   1.00 50.23 ? 310 ASP A OD2 1 
ATOM   340 N  N   . GLY A 1 58 ? -5.680  -3.898  5.578   1.00 32.43 ? 311 GLY A N   1 
ATOM   341 C  CA  . GLY A 1 58 ? -6.474  -3.272  4.530   1.00 32.86 ? 311 GLY A CA  1 
ATOM   342 C  C   . GLY A 1 58 ? -6.137  -3.872  3.179   1.00 37.28 ? 311 GLY A C   1 
ATOM   343 O  O   . GLY A 1 58 ? -4.964  -3.959  2.819   1.00 36.67 ? 311 GLY A O   1 
ATOM   344 N  N   . GLY A 1 59 ? -7.160  -4.323  2.460   1.00 34.25 ? 312 GLY A N   1 
ATOM   345 C  CA  . GLY A 1 59 ? -6.987  -4.955  1.158   1.00 34.23 ? 312 GLY A CA  1 
ATOM   346 C  C   . GLY A 1 59 ? -7.200  -4.017  -0.004  1.00 37.93 ? 312 GLY A C   1 
ATOM   347 O  O   . GLY A 1 59 ? -8.178  -3.272  -0.016  1.00 38.01 ? 312 GLY A O   1 
ATOM   348 N  N   . LEU A 1 60 ? -6.287  -4.049  -0.985  1.00 33.32 ? 313 LEU A N   1 
ATOM   349 C  CA  . LEU A 1 60 ? -6.373  -3.231  -2.194  1.00 33.12 ? 313 LEU A CA  1 
ATOM   350 C  C   . LEU A 1 60 ? -6.097  -4.050  -3.451  1.00 37.05 ? 313 LEU A C   1 
ATOM   351 O  O   . LEU A 1 60 ? -5.190  -4.887  -3.469  1.00 36.31 ? 313 LEU A O   1 
ATOM   352 C  CB  . LEU A 1 60 ? -5.427  -2.010  -2.141  1.00 33.07 ? 313 LEU A CB  1 
ATOM   353 C  CG  . LEU A 1 60 ? -5.813  -0.842  -1.237  1.00 37.02 ? 313 LEU A CG  1 
ATOM   354 C  CD1 . LEU A 1 60 ? -4.750  0.221   -1.259  1.00 36.95 ? 313 LEU A CD1 1 
ATOM   355 C  CD2 . LEU A 1 60 ? -7.117  -0.210  -1.668  1.00 39.67 ? 313 LEU A CD2 1 
ATOM   356 N  N   . ARG A 1 61 ? -6.891  -3.797  -4.501  1.00 34.57 ? 314 ARG A N   1 
ATOM   357 C  CA  . ARG A 1 61 ? -6.787  -4.456  -5.804  1.00 35.31 ? 314 ARG A CA  1 
ATOM   358 C  C   . ARG A 1 61 ? -7.137  -3.463  -6.915  1.00 41.83 ? 314 ARG A C   1 
ATOM   359 O  O   . ARG A 1 61 ? -7.499  -2.327  -6.613  1.00 41.20 ? 314 ARG A O   1 
ATOM   360 C  CB  . ARG A 1 61 ? -7.661  -5.730  -5.871  1.00 34.41 ? 314 ARG A CB  1 
ATOM   361 C  CG  . ARG A 1 61 ? -9.168  -5.512  -5.666  1.00 41.24 ? 314 ARG A CG  1 
ATOM   362 C  CD  . ARG A 1 61 ? -9.999  -6.701  -6.132  1.00 55.01 ? 314 ARG A CD  1 
ATOM   363 N  NE  . ARG A 1 61 ? -9.785  -7.901  -5.318  1.00 69.09 ? 314 ARG A NE  1 
ATOM   364 C  CZ  . ARG A 1 61 ? -10.686 -8.863  -5.132  1.00 88.73 ? 314 ARG A CZ  1 
ATOM   365 N  NH1 . ARG A 1 61 ? -11.892 -8.771  -5.682  1.00 82.21 ? 314 ARG A NH1 1 
ATOM   366 N  NH2 . ARG A 1 61 ? -10.395 -9.917  -4.381  1.00 73.99 ? 314 ARG A NH2 1 
ATOM   367 N  N   . CYS A 1 62 ? -7.031  -3.894  -8.189  1.00 40.28 ? 315 CYS A N   1 
ATOM   368 C  CA  . CYS A 1 62 ? -7.326  -3.102  -9.390  1.00 41.57 ? 315 CYS A CA  1 
ATOM   369 C  C   . CYS A 1 62 ? -6.445  -1.835  -9.495  1.00 45.56 ? 315 CYS A C   1 
ATOM   370 O  O   . CYS A 1 62 ? -6.924  -0.724  -9.734  1.00 44.97 ? 315 CYS A O   1 
ATOM   371 C  CB  . CYS A 1 62 ? -8.820  -2.796  -9.508  1.00 42.66 ? 315 CYS A CB  1 
ATOM   372 S  SG  . CYS A 1 62 ? -9.869  -4.276  -9.535  1.00 47.21 ? 315 CYS A SG  1 
ATOM   373 N  N   . TRP A 1 63 ? -5.134  -2.044  -9.337  1.00 42.36 ? 316 TRP A N   1 
ATOM   374 C  CA  . TRP A 1 63 ? -4.106  -1.012  -9.408  1.00 41.83 ? 316 TRP A CA  1 
ATOM   375 C  C   . TRP A 1 63 ? -3.975  -0.444  -10.820 1.00 47.37 ? 316 TRP A C   1 
ATOM   376 O  O   . TRP A 1 63 ? -3.647  -1.172  -11.759 1.00 47.79 ? 316 TRP A O   1 
ATOM   377 C  CB  . TRP A 1 63 ? -2.770  -1.553  -8.884  1.00 39.68 ? 316 TRP A CB  1 
ATOM   378 C  CG  . TRP A 1 63 ? -2.791  -1.819  -7.406  1.00 39.80 ? 316 TRP A CG  1 
ATOM   379 C  CD1 . TRP A 1 63 ? -3.142  -2.981  -6.785  1.00 42.52 ? 316 TRP A CD1 1 
ATOM   380 C  CD2 . TRP A 1 63 ? -2.498  -0.877  -6.364  1.00 39.15 ? 316 TRP A CD2 1 
ATOM   381 N  NE1 . TRP A 1 63 ? -3.055  -2.832  -5.419  1.00 41.63 ? 316 TRP A NE1 1 
ATOM   382 C  CE2 . TRP A 1 63 ? -2.670  -1.547  -5.133  1.00 42.79 ? 316 TRP A CE2 1 
ATOM   383 C  CE3 . TRP A 1 63 ? -2.081  0.466   -6.352  1.00 40.19 ? 316 TRP A CE3 1 
ATOM   384 C  CZ2 . TRP A 1 63 ? -2.443  -0.918  -3.901  1.00 42.07 ? 316 TRP A CZ2 1 
ATOM   385 C  CZ3 . TRP A 1 63 ? -1.869  1.092   -5.131  1.00 41.47 ? 316 TRP A CZ3 1 
ATOM   386 C  CH2 . TRP A 1 63 ? -2.049  0.403   -3.924  1.00 42.00 ? 316 TRP A CH2 1 
ATOM   387 N  N   . GLU A 1 64 ? -4.285  0.851   -10.964 1.00 44.67 ? 317 GLU A N   1 
ATOM   388 C  CA  . GLU A 1 64 ? -4.254  1.568   -12.236 1.00 45.23 ? 317 GLU A CA  1 
ATOM   389 C  C   . GLU A 1 64 ? -2.963  2.370   -12.408 1.00 51.39 ? 317 GLU A C   1 
ATOM   390 O  O   . GLU A 1 64 ? -2.198  2.517   -11.453 1.00 51.19 ? 317 GLU A O   1 
ATOM   391 C  CB  . GLU A 1 64 ? -5.480  2.493   -12.341 1.00 46.45 ? 317 GLU A CB  1 
ATOM   392 N  N   . SER A 1 65 ? -2.726  2.896   -13.626 1.00 48.95 ? 318 SER A N   1 
ATOM   393 C  CA  . SER A 1 65 ? -1.555  3.724   -13.916 1.00 49.23 ? 318 SER A CA  1 
ATOM   394 C  C   . SER A 1 65 ? -1.669  5.065   -13.175 1.00 52.55 ? 318 SER A C   1 
ATOM   395 O  O   . SER A 1 65 ? -2.752  5.651   -13.114 1.00 52.42 ? 318 SER A O   1 
ATOM   396 C  CB  . SER A 1 65 ? -1.414  3.948   -15.417 1.00 53.85 ? 318 SER A CB  1 
ATOM   397 O  OG  . SER A 1 65 ? -0.140  4.485   -15.734 1.00 65.09 ? 318 SER A OG  1 
ATOM   398 N  N   . GLY A 1 66 ? -0.558  5.496   -12.582 1.00 48.42 ? 319 GLY A N   1 
ATOM   399 C  CA  . GLY A 1 66 ? -0.475  6.740   -11.825 1.00 48.07 ? 319 GLY A CA  1 
ATOM   400 C  C   . GLY A 1 66 ? -0.915  6.633   -10.377 1.00 50.54 ? 319 GLY A C   1 
ATOM   401 O  O   . GLY A 1 66 ? -1.025  7.654   -9.686  1.00 51.00 ? 319 GLY A O   1 
ATOM   402 N  N   . ASP A 1 67 ? -1.185  5.399   -9.906  1.00 44.40 ? 320 ASP A N   1 
ATOM   403 C  CA  . ASP A 1 67 ? -1.581  5.141   -8.523  1.00 42.64 ? 320 ASP A CA  1 
ATOM   404 C  C   . ASP A 1 67 ? -0.367  5.247   -7.615  1.00 44.07 ? 320 ASP A C   1 
ATOM   405 O  O   . ASP A 1 67 ? 0.658   4.612   -7.880  1.00 43.30 ? 320 ASP A O   1 
ATOM   406 C  CB  . ASP A 1 67 ? -2.178  3.731   -8.379  1.00 43.61 ? 320 ASP A CB  1 
ATOM   407 C  CG  . ASP A 1 67 ? -3.678  3.603   -8.479  1.00 45.41 ? 320 ASP A CG  1 
ATOM   408 O  OD1 . ASP A 1 67 ? -4.327  4.534   -9.023  1.00 45.05 ? 320 ASP A OD1 1 
ATOM   409 O  OD2 . ASP A 1 67 ? -4.208  2.567   -8.032  1.00 47.54 ? 320 ASP A OD2 1 
ATOM   410 N  N   . ASP A 1 68 ? -0.483  6.041   -6.544  1.00 39.91 ? 321 ASP A N   1 
ATOM   411 C  CA  . ASP A 1 68 ? 0.560   6.177   -5.528  1.00 39.08 ? 321 ASP A CA  1 
ATOM   412 C  C   . ASP A 1 68 ? 0.058   5.331   -4.346  1.00 39.30 ? 321 ASP A C   1 
ATOM   413 O  O   . ASP A 1 68 ? -0.994  5.653   -3.793  1.00 37.86 ? 321 ASP A O   1 
ATOM   414 C  CB  . ASP A 1 68 ? 0.762   7.658   -5.128  1.00 41.27 ? 321 ASP A CB  1 
ATOM   415 C  CG  . ASP A 1 68 ? 1.804   7.949   -4.044  1.00 52.53 ? 321 ASP A CG  1 
ATOM   416 O  OD1 . ASP A 1 68 ? 2.317   6.984   -3.422  1.00 52.80 ? 321 ASP A OD1 1 
ATOM   417 O  OD2 . ASP A 1 68 ? 2.099   9.140   -3.813  1.00 58.88 ? 321 ASP A OD2 1 
ATOM   418 N  N   . PRO A 1 69 ? 0.770   4.236   -3.966  1.00 34.02 ? 322 PRO A N   1 
ATOM   419 C  CA  . PRO A 1 69 ? 0.285   3.373   -2.869  1.00 33.32 ? 322 PRO A CA  1 
ATOM   420 C  C   . PRO A 1 69 ? 0.033   4.063   -1.526  1.00 35.44 ? 322 PRO A C   1 
ATOM   421 O  O   . PRO A 1 69 ? -0.873  3.639   -0.803  1.00 34.97 ? 322 PRO A O   1 
ATOM   422 C  CB  . PRO A 1 69 ? 1.369   2.295   -2.767  1.00 35.06 ? 322 PRO A CB  1 
ATOM   423 C  CG  . PRO A 1 69 ? 1.987   2.256   -4.128  1.00 39.25 ? 322 PRO A CG  1 
ATOM   424 C  CD  . PRO A 1 69 ? 2.015   3.693   -4.549  1.00 34.94 ? 322 PRO A CD  1 
ATOM   425 N  N   . TRP A 1 70 ? 0.813   5.113   -1.189  1.00 30.39 ? 323 TRP A N   1 
ATOM   426 C  CA  . TRP A 1 70 ? 0.635   5.862   0.060   1.00 30.30 ? 323 TRP A CA  1 
ATOM   427 C  C   . TRP A 1 70 ? -0.669  6.645   0.033   1.00 34.62 ? 323 TRP A C   1 
ATOM   428 O  O   . TRP A 1 70 ? -1.321  6.774   1.069   1.00 33.90 ? 323 TRP A O   1 
ATOM   429 C  CB  . TRP A 1 70 ? 1.785   6.855   0.296   1.00 29.17 ? 323 TRP A CB  1 
ATOM   430 C  CG  . TRP A 1 70 ? 3.004   6.300   0.969   1.00 30.23 ? 323 TRP A CG  1 
ATOM   431 C  CD1 . TRP A 1 70 ? 4.293   6.423   0.540   1.00 33.35 ? 323 TRP A CD1 1 
ATOM   432 C  CD2 . TRP A 1 70 ? 3.063   5.634   2.242   1.00 29.93 ? 323 TRP A CD2 1 
ATOM   433 N  NE1 . TRP A 1 70 ? 5.152   5.866   1.460   1.00 33.25 ? 323 TRP A NE1 1 
ATOM   434 C  CE2 . TRP A 1 70 ? 4.423   5.365   2.510   1.00 34.12 ? 323 TRP A CE2 1 
ATOM   435 C  CE3 . TRP A 1 70 ? 2.093   5.205   3.169   1.00 31.13 ? 323 TRP A CE3 1 
ATOM   436 C  CZ2 . TRP A 1 70 ? 4.842   4.701   3.674   1.00 33.20 ? 323 TRP A CZ2 1 
ATOM   437 C  CZ3 . TRP A 1 70 ? 2.508   4.542   4.317   1.00 32.56 ? 323 TRP A CZ3 1 
ATOM   438 C  CH2 . TRP A 1 70 ? 3.866   4.310   4.566   1.00 33.17 ? 323 TRP A CH2 1 
ATOM   439 N  N   . VAL A 1 71 ? -1.027  7.195   -1.158  1.00 30.74 ? 324 VAL A N   1 
ATOM   440 C  CA  . VAL A 1 71 ? -2.253  7.959   -1.363  1.00 29.64 ? 324 VAL A CA  1 
ATOM   441 C  C   . VAL A 1 71 ? -3.436  7.004   -1.241  1.00 32.40 ? 324 VAL A C   1 
ATOM   442 O  O   . VAL A 1 71 ? -4.382  7.303   -0.511  1.00 31.41 ? 324 VAL A O   1 
ATOM   443 C  CB  . VAL A 1 71 ? -2.255  8.774   -2.679  1.00 32.93 ? 324 VAL A CB  1 
ATOM   444 C  CG1 . VAL A 1 71 ? -3.617  9.429   -2.919  1.00 32.35 ? 324 VAL A CG1 1 
ATOM   445 C  CG2 . VAL A 1 71 ? -1.145  9.831   -2.670  1.00 32.65 ? 324 VAL A CG2 1 
ATOM   446 N  N   . GLU A 1 72 ? -3.342  5.823   -1.885  1.00 28.33 ? 325 GLU A N   1 
ATOM   447 C  CA  . GLU A 1 72 ? -4.390  4.800   -1.817  1.00 27.63 ? 325 GLU A CA  1 
ATOM   448 C  C   . GLU A 1 72 ? -4.558  4.283   -0.398  1.00 29.28 ? 325 GLU A C   1 
ATOM   449 O  O   . GLU A 1 72 ? -5.676  3.976   0.008   1.00 27.09 ? 325 GLU A O   1 
ATOM   450 C  CB  . GLU A 1 72 ? -4.116  3.640   -2.796  1.00 29.07 ? 325 GLU A CB  1 
ATOM   451 C  CG  . GLU A 1 72 ? -4.140  4.033   -4.270  1.00 35.23 ? 325 GLU A CG  1 
ATOM   452 C  CD  . GLU A 1 72 ? -5.335  4.849   -4.726  1.00 55.33 ? 325 GLU A CD  1 
ATOM   453 O  OE1 . GLU A 1 72 ? -6.480  4.347   -4.638  1.00 50.90 ? 325 GLU A OE1 1 
ATOM   454 O  OE2 . GLU A 1 72 ? -5.122  6.002   -5.164  1.00 46.20 ? 325 GLU A OE2 1 
ATOM   455 N  N   . HIS A 1 73 ? -3.442  4.185   0.353   1.00 26.87 ? 326 HIS A N   1 
ATOM   456 C  CA  . HIS A 1 73 ? -3.440  3.755   1.743   1.00 26.79 ? 326 HIS A CA  1 
ATOM   457 C  C   . HIS A 1 73 ? -4.254  4.752   2.601   1.00 29.81 ? 326 HIS A C   1 
ATOM   458 O  O   . HIS A 1 73 ? -5.154  4.329   3.324   1.00 28.77 ? 326 HIS A O   1 
ATOM   459 C  CB  . HIS A 1 73 ? -2.007  3.642   2.283   1.00 27.59 ? 326 HIS A CB  1 
ATOM   460 C  CG  . HIS A 1 73 ? -1.858  2.638   3.382   1.00 31.30 ? 326 HIS A CG  1 
ATOM   461 N  ND1 . HIS A 1 73 ? -0.678  1.942   3.558   1.00 33.50 ? 326 HIS A ND1 1 
ATOM   462 C  CD2 . HIS A 1 73 ? -2.760  2.209   4.297   1.00 33.59 ? 326 HIS A CD2 1 
ATOM   463 C  CE1 . HIS A 1 73 ? -0.889  1.131   4.582   1.00 33.36 ? 326 HIS A CE1 1 
ATOM   464 N  NE2 . HIS A 1 73 ? -2.136  1.242   5.047   1.00 33.77 ? 326 HIS A NE2 1 
ATOM   465 N  N   . ALA A 1 74 ? -3.959  6.065   2.473   1.00 26.45 ? 327 ALA A N   1 
ATOM   466 C  CA  . ALA A 1 74 ? -4.643  7.146   3.195   1.00 26.94 ? 327 ALA A CA  1 
ATOM   467 C  C   . ALA A 1 74 ? -6.082  7.399   2.724   1.00 32.15 ? 327 ALA A C   1 
ATOM   468 O  O   . ALA A 1 74 ? -6.898  7.900   3.496   1.00 30.82 ? 327 ALA A O   1 
ATOM   469 C  CB  . ALA A 1 74 ? -3.820  8.427   3.132   1.00 27.41 ? 327 ALA A CB  1 
ATOM   470 N  N   . LYS A 1 75 ? -6.394  7.049   1.462   1.00 31.15 ? 328 LYS A N   1 
ATOM   471 C  CA  . LYS A 1 75 ? -7.721  7.236   0.881   1.00 31.34 ? 328 LYS A CA  1 
ATOM   472 C  C   . LYS A 1 75 ? -8.713  6.214   1.439   1.00 36.20 ? 328 LYS A C   1 
ATOM   473 O  O   . LYS A 1 75 ? -9.839  6.575   1.768   1.00 35.58 ? 328 LYS A O   1 
ATOM   474 C  CB  . LYS A 1 75 ? -7.626  7.112   -0.647  1.00 34.03 ? 328 LYS A CB  1 
ATOM   475 C  CG  . LYS A 1 75 ? -8.802  7.678   -1.429  1.00 54.89 ? 328 LYS A CG  1 
ATOM   476 C  CD  . LYS A 1 75 ? -8.744  7.278   -2.914  1.00 65.32 ? 328 LYS A CD  1 
ATOM   477 C  CE  . LYS A 1 75 ? -7.664  8.000   -3.695  1.00 75.27 ? 328 LYS A CE  1 
ATOM   478 N  NZ  . LYS A 1 75 ? -7.527  7.460   -5.070  1.00 86.77 ? 328 LYS A NZ  1 
ATOM   479 N  N   . TRP A 1 76 ? -8.303  4.937   1.522   1.00 34.24 ? 329 TRP A N   1 
ATOM   480 C  CA  . TRP A 1 76 ? -9.179  3.849   1.956   1.00 33.70 ? 329 TRP A CA  1 
ATOM   481 C  C   . TRP A 1 76 ? -8.990  3.404   3.401   1.00 33.73 ? 329 TRP A C   1 
ATOM   482 O  O   . TRP A 1 76 ? -9.950  2.943   4.013   1.00 32.63 ? 329 TRP A O   1 
ATOM   483 C  CB  . TRP A 1 76 ? -9.039  2.654   1.004   1.00 33.17 ? 329 TRP A CB  1 
ATOM   484 C  CG  . TRP A 1 76 ? -9.317  2.990   -0.435  1.00 34.85 ? 329 TRP A CG  1 
ATOM   485 C  CD1 . TRP A 1 76 ? -8.412  3.046   -1.453  1.00 37.70 ? 329 TRP A CD1 1 
ATOM   486 C  CD2 . TRP A 1 76 ? -10.586 3.344   -1.006  1.00 35.09 ? 329 TRP A CD2 1 
ATOM   487 N  NE1 . TRP A 1 76 ? -9.040  3.394   -2.628  1.00 37.36 ? 329 TRP A NE1 1 
ATOM   488 C  CE2 . TRP A 1 76 ? -10.373 3.591   -2.381  1.00 39.11 ? 329 TRP A CE2 1 
ATOM   489 C  CE3 . TRP A 1 76 ? -11.888 3.474   -0.488  1.00 36.94 ? 329 TRP A CE3 1 
ATOM   490 C  CZ2 . TRP A 1 76 ? -11.412 3.957   -3.245  1.00 38.99 ? 329 TRP A CZ2 1 
ATOM   491 C  CZ3 . TRP A 1 76 ? -12.918 3.844   -1.344  1.00 38.84 ? 329 TRP A CZ3 1 
ATOM   492 C  CH2 . TRP A 1 76 ? -12.678 4.077   -2.706  1.00 39.52 ? 329 TRP A CH2 1 
ATOM   493 N  N   . PHE A 1 77 ? -7.763  3.501   3.950   1.00 27.82 ? 330 PHE A N   1 
ATOM   494 C  CA  . PHE A 1 77 ? -7.504  3.049   5.328   1.00 26.41 ? 330 PHE A CA  1 
ATOM   495 C  C   . PHE A 1 77 ? -6.836  4.158   6.141   1.00 28.83 ? 330 PHE A C   1 
ATOM   496 O  O   . PHE A 1 77 ? -5.703  3.983   6.597   1.00 26.88 ? 330 PHE A O   1 
ATOM   497 C  CB  . PHE A 1 77 ? -6.679  1.743   5.308   1.00 27.30 ? 330 PHE A CB  1 
ATOM   498 C  CG  . PHE A 1 77 ? -7.184  0.756   4.282   1.00 28.06 ? 330 PHE A CG  1 
ATOM   499 C  CD1 . PHE A 1 77 ? -8.386  0.084   4.468   1.00 31.27 ? 330 PHE A CD1 1 
ATOM   500 C  CD2 . PHE A 1 77 ? -6.475  0.522   3.113   1.00 30.55 ? 330 PHE A CD2 1 
ATOM   501 C  CE1 . PHE A 1 77 ? -8.880  -0.779  3.494   1.00 32.05 ? 330 PHE A CE1 1 
ATOM   502 C  CE2 . PHE A 1 77 ? -6.962  -0.358  2.147   1.00 32.47 ? 330 PHE A CE2 1 
ATOM   503 C  CZ  . PHE A 1 77 ? -8.154  -1.007  2.346   1.00 30.66 ? 330 PHE A CZ  1 
ATOM   504 N  N   . PRO A 1 78 ? -7.542  5.311   6.349   1.00 25.17 ? 331 PRO A N   1 
ATOM   505 C  CA  . PRO A 1 78 ? -6.906  6.452   7.019   1.00 24.58 ? 331 PRO A CA  1 
ATOM   506 C  C   . PRO A 1 78 ? -6.489  6.237   8.463   1.00 28.62 ? 331 PRO A C   1 
ATOM   507 O  O   . PRO A 1 78 ? -5.587  6.936   8.930   1.00 27.25 ? 331 PRO A O   1 
ATOM   508 C  CB  . PRO A 1 78 ? -7.958  7.564   6.894   1.00 26.46 ? 331 PRO A CB  1 
ATOM   509 C  CG  . PRO A 1 78 ? -9.253  6.855   6.732   1.00 30.94 ? 331 PRO A CG  1 
ATOM   510 C  CD  . PRO A 1 78 ? -8.899  5.671   5.883   1.00 26.62 ? 331 PRO A CD  1 
ATOM   511 N  N   . ARG A 1 79 ? -7.145  5.296   9.169   1.00 25.84 ? 332 ARG A N   1 
ATOM   512 C  CA  . ARG A 1 79 ? -6.864  5.018   10.580  1.00 26.42 ? 332 ARG A CA  1 
ATOM   513 C  C   . ARG A 1 79 ? -5.722  4.026   10.808  1.00 30.41 ? 332 ARG A C   1 
ATOM   514 O  O   . ARG A 1 79 ? -5.448  3.693   11.957  1.00 30.31 ? 332 ARG A O   1 
ATOM   515 C  CB  . ARG A 1 79 ? -8.129  4.574   11.336  1.00 26.83 ? 332 ARG A CB  1 
ATOM   516 C  CG  . ARG A 1 79 ? -9.349  5.477   11.136  1.00 39.74 ? 332 ARG A CG  1 
ATOM   517 C  CD  . ARG A 1 79 ? -9.503  6.537   12.196  1.00 52.00 ? 332 ARG A CD  1 
ATOM   518 N  NE  . ARG A 1 79 ? -10.555 7.483   11.823  1.00 58.50 ? 332 ARG A NE  1 
ATOM   519 C  CZ  . ARG A 1 79 ? -10.641 8.728   12.274  1.00 70.32 ? 332 ARG A CZ  1 
ATOM   520 N  NH1 . ARG A 1 79 ? -9.749  9.192   13.143  1.00 51.50 ? 332 ARG A NH1 1 
ATOM   521 N  NH2 . ARG A 1 79 ? -11.623 9.520   11.868  1.00 61.28 ? 332 ARG A NH2 1 
ATOM   522 N  N   . CYS A 1 80 ? -5.027  3.582   9.731   1.00 27.38 ? 333 CYS A N   1 
ATOM   523 C  CA  . CYS A 1 80 ? -3.895  2.673   9.846   1.00 25.84 ? 333 CYS A CA  1 
ATOM   524 C  C   . CYS A 1 80 ? -2.767  3.284   10.686  1.00 27.97 ? 333 CYS A C   1 
ATOM   525 O  O   . CYS A 1 80 ? -2.311  4.390   10.384  1.00 26.22 ? 333 CYS A O   1 
ATOM   526 C  CB  . CYS A 1 80 ? -3.397  2.241   8.471   1.00 26.19 ? 333 CYS A CB  1 
ATOM   527 S  SG  . CYS A 1 80 ? -1.931  1.182   8.531   1.00 30.15 ? 333 CYS A SG  1 
ATOM   528 N  N   . GLU A 1 81 ? -2.317  2.551   11.734  1.00 25.18 ? 334 GLU A N   1 
ATOM   529 C  CA  . GLU A 1 81 ? -1.245  2.990   12.641  1.00 25.51 ? 334 GLU A CA  1 
ATOM   530 C  C   . GLU A 1 81 ? 0.098   3.227   11.921  1.00 30.13 ? 334 GLU A C   1 
ATOM   531 O  O   . GLU A 1 81 ? 0.756   4.236   12.183  1.00 30.74 ? 334 GLU A O   1 
ATOM   532 C  CB  . GLU A 1 81 ? -1.087  2.019   13.817  1.00 27.07 ? 334 GLU A CB  1 
ATOM   533 N  N   . PHE A 1 82 ? 0.483   2.319   11.003  1.00 26.54 ? 335 PHE A N   1 
ATOM   534 C  CA  . PHE A 1 82 ? 1.709   2.433   10.211  1.00 25.59 ? 335 PHE A CA  1 
ATOM   535 C  C   . PHE A 1 82 ? 1.665   3.657   9.274   1.00 27.97 ? 335 PHE A C   1 
ATOM   536 O  O   . PHE A 1 82 ? 2.636   4.410   9.212   1.00 27.12 ? 335 PHE A O   1 
ATOM   537 C  CB  . PHE A 1 82 ? 1.960   1.143   9.430   1.00 27.01 ? 335 PHE A CB  1 
ATOM   538 C  CG  . PHE A 1 82 ? 3.083   1.191   8.427   1.00 28.74 ? 335 PHE A CG  1 
ATOM   539 C  CD1 . PHE A 1 82 ? 4.410   1.094   8.837   1.00 31.53 ? 335 PHE A CD1 1 
ATOM   540 C  CD2 . PHE A 1 82 ? 2.815   1.271   7.065   1.00 30.70 ? 335 PHE A CD2 1 
ATOM   541 C  CE1 . PHE A 1 82 ? 5.450   1.098   7.903   1.00 32.72 ? 335 PHE A CE1 1 
ATOM   542 C  CE2 . PHE A 1 82 ? 3.854   1.290   6.135   1.00 33.45 ? 335 PHE A CE2 1 
ATOM   543 C  CZ  . PHE A 1 82 ? 5.165   1.216   6.560   1.00 32.06 ? 335 PHE A CZ  1 
ATOM   544 N  N   . LEU A 1 83 ? 0.546   3.849   8.551   1.00 24.41 ? 336 LEU A N   1 
ATOM   545 C  CA  . LEU A 1 83 ? 0.353   4.991   7.655   1.00 23.37 ? 336 LEU A CA  1 
ATOM   546 C  C   . LEU A 1 83 ? 0.478   6.298   8.430   1.00 27.30 ? 336 LEU A C   1 
ATOM   547 O  O   . LEU A 1 83 ? 1.239   7.169   8.012   1.00 26.92 ? 336 LEU A O   1 
ATOM   548 C  CB  . LEU A 1 83 ? -1.001  4.887   6.929   1.00 23.05 ? 336 LEU A CB  1 
ATOM   549 C  CG  . LEU A 1 83 ? -1.546  6.160   6.281   1.00 26.63 ? 336 LEU A CG  1 
ATOM   550 C  CD1 . LEU A 1 83 ? -0.932  6.398   4.919   1.00 25.80 ? 336 LEU A CD1 1 
ATOM   551 C  CD2 . LEU A 1 83 ? -3.057  6.112   6.206   1.00 27.10 ? 336 LEU A CD2 1 
ATOM   552 N  N   . ILE A 1 84 ? -0.213  6.417   9.586   1.00 23.06 ? 337 ILE A N   1 
ATOM   553 C  CA  . ILE A 1 84 ? -0.125  7.614   10.437  1.00 23.19 ? 337 ILE A CA  1 
ATOM   554 C  C   . ILE A 1 84 ? 1.312   7.865   10.949  1.00 27.72 ? 337 ILE A C   1 
ATOM   555 O  O   . ILE A 1 84 ? 1.763   8.995   10.913  1.00 27.88 ? 337 ILE A O   1 
ATOM   556 C  CB  . ILE A 1 84 ? -1.165  7.594   11.603  1.00 25.73 ? 337 ILE A CB  1 
ATOM   557 C  CG1 . ILE A 1 84 ? -2.617  7.582   11.063  1.00 26.54 ? 337 ILE A CG1 1 
ATOM   558 C  CG2 . ILE A 1 84 ? -0.949  8.766   12.576  1.00 26.49 ? 337 ILE A CG2 1 
ATOM   559 C  CD1 . ILE A 1 84 ? -3.682  7.005   12.066  1.00 33.70 ? 337 ILE A CD1 1 
ATOM   560 N  N   . ARG A 1 85 ? 2.005   6.826   11.444  1.00 25.63 ? 338 ARG A N   1 
ATOM   561 C  CA  . ARG A 1 85 ? 3.361   6.934   11.988  1.00 25.45 ? 338 ARG A CA  1 
ATOM   562 C  C   . ARG A 1 85 ? 4.378   7.345   10.918  1.00 30.33 ? 338 ARG A C   1 
ATOM   563 O  O   . ARG A 1 85 ? 5.286   8.102   11.221  1.00 30.23 ? 338 ARG A O   1 
ATOM   564 C  CB  . ARG A 1 85 ? 3.780   5.595   12.626  1.00 24.86 ? 338 ARG A CB  1 
ATOM   565 C  CG  . ARG A 1 85 ? 5.053   5.654   13.473  1.00 29.25 ? 338 ARG A CG  1 
ATOM   566 C  CD  . ARG A 1 85 ? 5.484   4.298   14.021  1.00 34.16 ? 338 ARG A CD  1 
ATOM   567 N  NE  . ARG A 1 85 ? 5.855   3.335   12.975  1.00 42.88 ? 338 ARG A NE  1 
ATOM   568 C  CZ  . ARG A 1 85 ? 7.036   3.297   12.357  1.00 60.13 ? 338 ARG A CZ  1 
ATOM   569 N  NH1 . ARG A 1 85 ? 7.973   4.194   12.643  1.00 51.51 ? 338 ARG A NH1 1 
ATOM   570 N  NH2 . ARG A 1 85 ? 7.278   2.378   11.432  1.00 44.36 ? 338 ARG A NH2 1 
ATOM   571 N  N   . MET A 1 86 ? 4.239   6.837   9.685   1.00 28.37 ? 339 MET A N   1 
ATOM   572 C  CA  . MET A 1 86 ? 5.172   7.133   8.586   1.00 28.02 ? 339 MET A CA  1 
ATOM   573 C  C   . MET A 1 86 ? 4.878   8.455   7.893   1.00 29.74 ? 339 MET A C   1 
ATOM   574 O  O   . MET A 1 86 ? 5.791   9.254   7.678   1.00 28.91 ? 339 MET A O   1 
ATOM   575 C  CB  . MET A 1 86 ? 5.169   6.011   7.535   1.00 30.48 ? 339 MET A CB  1 
ATOM   576 C  CG  . MET A 1 86 ? 5.704   4.685   8.038   1.00 35.02 ? 339 MET A CG  1 
ATOM   577 S  SD  . MET A 1 86 ? 7.308   4.791   8.841   1.00 40.60 ? 339 MET A SD  1 
ATOM   578 C  CE  . MET A 1 86 ? 8.393   4.943   7.389   1.00 37.66 ? 339 MET A CE  1 
ATOM   579 N  N   . LYS A 1 87 ? 3.615   8.664   7.523   1.00 25.25 ? 340 LYS A N   1 
ATOM   580 C  CA  . LYS A 1 87 ? 3.158   9.832   6.764   1.00 25.46 ? 340 LYS A CA  1 
ATOM   581 C  C   . LYS A 1 87 ? 2.595   10.996  7.603   1.00 28.16 ? 340 LYS A C   1 
ATOM   582 O  O   . LYS A 1 87 ? 2.693   12.141  7.165   1.00 26.72 ? 340 LYS A O   1 
ATOM   583 C  CB  . LYS A 1 87 ? 2.131   9.412   5.691   1.00 27.09 ? 340 LYS A CB  1 
ATOM   584 C  CG  . LYS A 1 87 ? 2.644   8.424   4.635   1.00 27.35 ? 340 LYS A CG  1 
ATOM   585 C  CD  . LYS A 1 87 ? 3.857   8.916   3.850   1.00 32.07 ? 340 LYS A CD  1 
ATOM   586 C  CE  . LYS A 1 87 ? 3.526   9.786   2.669   1.00 43.31 ? 340 LYS A CE  1 
ATOM   587 N  NZ  . LYS A 1 87 ? 4.701   9.931   1.771   1.00 56.79 ? 340 LYS A NZ  1 
ATOM   588 N  N   . GLY A 1 88 ? 1.991   10.704  8.756   1.00 25.33 ? 341 GLY A N   1 
ATOM   589 C  CA  . GLY A 1 88 ? 1.444   11.739  9.640   1.00 24.80 ? 341 GLY A CA  1 
ATOM   590 C  C   . GLY A 1 88 ? -0.015  12.052  9.398   1.00 29.31 ? 341 GLY A C   1 
ATOM   591 O  O   . GLY A 1 88 ? -0.530  11.822  8.300   1.00 29.55 ? 341 GLY A O   1 
ATOM   592 N  N   . GLN A 1 89 ? -0.696  12.575  10.436  1.00 25.62 ? 342 GLN A N   1 
ATOM   593 C  CA  . GLN A 1 89 ? -2.114  12.928  10.395  1.00 25.27 ? 342 GLN A CA  1 
ATOM   594 C  C   . GLN A 1 89 ? -2.403  14.016  9.375   1.00 28.71 ? 342 GLN A C   1 
ATOM   595 O  O   . GLN A 1 89 ? -3.437  13.944  8.715   1.00 27.80 ? 342 GLN A O   1 
ATOM   596 C  CB  . GLN A 1 89 ? -2.636  13.338  11.787  1.00 26.30 ? 342 GLN A CB  1 
ATOM   597 C  CG  . GLN A 1 89 ? -4.162  13.281  11.921  1.00 32.74 ? 342 GLN A CG  1 
ATOM   598 C  CD  . GLN A 1 89 ? -4.752  11.975  11.428  1.00 40.26 ? 342 GLN A CD  1 
ATOM   599 O  OE1 . GLN A 1 89 ? -4.455  10.897  11.938  1.00 33.29 ? 342 GLN A OE1 1 
ATOM   600 N  NE2 . GLN A 1 89 ? -5.594  12.044  10.413  1.00 32.63 ? 342 GLN A NE2 1 
ATOM   601 N  N   . GLU A 1 90 ? -1.490  14.999  9.218   1.00 24.61 ? 343 GLU A N   1 
ATOM   602 C  CA  . GLU A 1 90 ? -1.681  16.082  8.244   1.00 24.78 ? 343 GLU A CA  1 
ATOM   603 C  C   . GLU A 1 90 ? -1.808  15.539  6.811   1.00 27.84 ? 343 GLU A C   1 
ATOM   604 O  O   . GLU A 1 90 ? -2.718  15.951  6.096   1.00 28.02 ? 343 GLU A O   1 
ATOM   605 C  CB  . GLU A 1 90 ? -0.567  17.143  8.355   1.00 26.11 ? 343 GLU A CB  1 
ATOM   606 N  N   . PHE A 1 91 ? -0.919  14.595  6.409   1.00 24.98 ? 344 PHE A N   1 
ATOM   607 C  CA  . PHE A 1 91 ? -0.957  13.949  5.092   1.00 25.17 ? 344 PHE A CA  1 
ATOM   608 C  C   . PHE A 1 91 ? -2.287  13.191  4.927   1.00 29.23 ? 344 PHE A C   1 
ATOM   609 O  O   . PHE A 1 91 ? -2.963  13.333  3.896   1.00 28.52 ? 344 PHE A O   1 
ATOM   610 C  CB  . PHE A 1 91 ? 0.227   12.969  4.921   1.00 26.91 ? 344 PHE A CB  1 
ATOM   611 C  CG  . PHE A 1 91 ? 0.179   12.147  3.654   1.00 28.60 ? 344 PHE A CG  1 
ATOM   612 C  CD1 . PHE A 1 91 ? 0.706   12.640  2.463   1.00 31.87 ? 344 PHE A CD1 1 
ATOM   613 C  CD2 . PHE A 1 91 ? -0.380  10.869  3.651   1.00 31.18 ? 344 PHE A CD2 1 
ATOM   614 C  CE1 . PHE A 1 91 ? 0.645   11.884  1.283   1.00 32.40 ? 344 PHE A CE1 1 
ATOM   615 C  CE2 . PHE A 1 91 ? -0.439  10.111  2.470   1.00 33.53 ? 344 PHE A CE2 1 
ATOM   616 C  CZ  . PHE A 1 91 ? 0.077   10.621  1.297   1.00 31.26 ? 344 PHE A CZ  1 
ATOM   617 N  N   . VAL A 1 92 ? -2.640  12.368  5.940   1.00 24.99 ? 345 VAL A N   1 
ATOM   618 C  CA  . VAL A 1 92 ? -3.886  11.585  5.943   1.00 24.53 ? 345 VAL A CA  1 
ATOM   619 C  C   . VAL A 1 92 ? -5.103  12.519  5.792   1.00 27.19 ? 345 VAL A C   1 
ATOM   620 O  O   . VAL A 1 92 ? -5.959  12.262  4.944   1.00 25.60 ? 345 VAL A O   1 
ATOM   621 C  CB  . VAL A 1 92 ? -3.965  10.658  7.178   1.00 28.02 ? 345 VAL A CB  1 
ATOM   622 C  CG1 . VAL A 1 92 ? -5.308  9.930   7.263   1.00 28.04 ? 345 VAL A CG1 1 
ATOM   623 C  CG2 . VAL A 1 92 ? -2.816  9.657   7.168   1.00 27.39 ? 345 VAL A CG2 1 
ATOM   624 N  N   . ASP A 1 93 ? -5.143  13.624  6.578   1.00 24.78 ? 346 ASP A N   1 
ATOM   625 C  CA  . ASP A 1 93 ? -6.216  14.622  6.528   1.00 25.23 ? 346 ASP A CA  1 
ATOM   626 C  C   . ASP A 1 93 ? -6.402  15.177  5.111   1.00 30.51 ? 346 ASP A C   1 
ATOM   627 O  O   . ASP A 1 93 ? -7.529  15.206  4.643   1.00 30.29 ? 346 ASP A O   1 
ATOM   628 C  CB  . ASP A 1 93 ? -5.976  15.762  7.539   1.00 27.26 ? 346 ASP A CB  1 
ATOM   629 C  CG  . ASP A 1 93 ? -6.344  15.447  8.984   1.00 40.38 ? 346 ASP A CG  1 
ATOM   630 O  OD1 . ASP A 1 93 ? -6.813  14.319  9.249   1.00 41.42 ? 346 ASP A OD1 1 
ATOM   631 O  OD2 . ASP A 1 93 ? -6.172  16.334  9.849   1.00 48.49 ? 346 ASP A OD2 1 
ATOM   632 N  N   . GLU A 1 94 ? -5.292  15.564  4.423   1.00 29.52 ? 347 GLU A N   1 
ATOM   633 C  CA  . GLU A 1 94 ? -5.278  16.114  3.057   1.00 30.55 ? 347 GLU A CA  1 
ATOM   634 C  C   . GLU A 1 94 ? -5.913  15.155  2.070   1.00 33.71 ? 347 GLU A C   1 
ATOM   635 O  O   . GLU A 1 94 ? -6.771  15.579  1.306   1.00 32.81 ? 347 GLU A O   1 
ATOM   636 C  CB  . GLU A 1 94 ? -3.848  16.386  2.571   1.00 32.46 ? 347 GLU A CB  1 
ATOM   637 C  CG  . GLU A 1 94 ? -3.164  17.607  3.141   1.00 47.84 ? 347 GLU A CG  1 
ATOM   638 C  CD  . GLU A 1 94 ? -1.705  17.665  2.730   1.00 75.73 ? 347 GLU A CD  1 
ATOM   639 O  OE1 . GLU A 1 94 ? -1.415  17.526  1.519   1.00 71.22 ? 347 GLU A OE1 1 
ATOM   640 O  OE2 . GLU A 1 94 ? -0.848  17.839  3.625   1.00 74.67 ? 347 GLU A OE2 1 
ATOM   641 N  N   . ILE A 1 95 ? -5.475  13.871  2.075   1.00 30.29 ? 348 ILE A N   1 
ATOM   642 C  CA  . ILE A 1 95 ? -5.987  12.803  1.188   1.00 29.77 ? 348 ILE A CA  1 
ATOM   643 C  C   . ILE A 1 95 ? -7.503  12.589  1.400   1.00 33.73 ? 348 ILE A C   1 
ATOM   644 O  O   . ILE A 1 95 ? -8.215  12.298  0.441   1.00 34.39 ? 348 ILE A O   1 
ATOM   645 C  CB  . ILE A 1 95 ? -5.135  11.497  1.308   1.00 32.59 ? 348 ILE A CB  1 
ATOM   646 C  CG1 . ILE A 1 95 ? -3.610  11.748  1.032   1.00 32.79 ? 348 ILE A CG1 1 
ATOM   647 C  CG2 . ILE A 1 95 ? -5.678  10.333  0.443   1.00 32.16 ? 348 ILE A CG2 1 
ATOM   648 C  CD1 . ILE A 1 95 ? -3.223  12.455  -0.292  1.00 36.02 ? 348 ILE A CD1 1 
ATOM   649 N  N   . GLN A 1 96 ? -7.990  12.816  2.633   1.00 29.61 ? 349 GLN A N   1 
ATOM   650 C  CA  . GLN A 1 96 ? -9.400  12.707  3.033   1.00 29.55 ? 349 GLN A CA  1 
ATOM   651 C  C   . GLN A 1 96 ? -10.209 13.978  2.728   1.00 34.10 ? 349 GLN A C   1 
ATOM   652 O  O   . GLN A 1 96 ? -11.398 14.051  3.049   1.00 33.67 ? 349 GLN A O   1 
ATOM   653 C  CB  . GLN A 1 96 ? -9.500  12.364  4.529   1.00 30.94 ? 349 GLN A CB  1 
ATOM   654 C  CG  . GLN A 1 96 ? -9.144  10.914  4.852   1.00 28.37 ? 349 GLN A CG  1 
ATOM   655 C  CD  . GLN A 1 96 ? -10.152 9.950   4.274   1.00 45.42 ? 349 GLN A CD  1 
ATOM   656 O  OE1 . GLN A 1 96 ? -11.358 10.053  4.511   1.00 47.36 ? 349 GLN A OE1 1 
ATOM   657 N  NE2 . GLN A 1 96 ? -9.679  8.988   3.503   1.00 32.71 ? 349 GLN A NE2 1 
ATOM   658 N  N   . GLY A 1 97 ? -9.555  14.958  2.115   1.00 30.43 ? 350 GLY A N   1 
ATOM   659 C  CA  . GLY A 1 97 ? -10.162 16.220  1.710   1.00 29.85 ? 350 GLY A CA  1 
ATOM   660 C  C   . GLY A 1 97 ? -10.172 17.312  2.754   1.00 33.12 ? 350 GLY A C   1 
ATOM   661 O  O   . GLY A 1 97 ? -10.925 18.263  2.604   1.00 32.43 ? 350 GLY A O   1 
ATOM   662 N  N   . ARG A 1 98 ? -9.349  17.196  3.818   1.00 30.13 ? 351 ARG A N   1 
ATOM   663 C  CA  . ARG A 1 98 ? -9.304  18.200  4.889   1.00 30.29 ? 351 ARG A CA  1 
ATOM   664 C  C   . ARG A 1 98 ? -7.979  18.943  4.890   1.00 33.96 ? 351 ARG A C   1 
ATOM   665 O  O   . ARG A 1 98 ? -6.949  18.383  5.259   1.00 34.12 ? 351 ARG A O   1 
ATOM   666 C  CB  . ARG A 1 98 ? -9.561  17.574  6.277   1.00 29.70 ? 351 ARG A CB  1 
ATOM   667 C  CG  . ARG A 1 98 ? -10.816 16.710  6.358   1.00 41.21 ? 351 ARG A CG  1 
ATOM   668 C  CD  . ARG A 1 98 ? -11.010 16.144  7.748   1.00 49.61 ? 351 ARG A CD  1 
ATOM   669 N  NE  . ARG A 1 98 ? -10.039 15.091  8.059   1.00 49.41 ? 351 ARG A NE  1 
ATOM   670 C  CZ  . ARG A 1 98 ? -10.298 13.791  8.005   1.00 60.96 ? 351 ARG A CZ  1 
ATOM   671 N  NH1 . ARG A 1 98 ? -9.357  12.908  8.311   1.00 54.46 ? 351 ARG A NH1 1 
ATOM   672 N  NH2 . ARG A 1 98 ? -11.505 13.361  7.653   1.00 44.60 ? 351 ARG A NH2 1 
ATOM   673 N  N   . TYR A 1 99 ? -8.010  20.204  4.474   1.00 30.00 ? 352 TYR A N   1 
ATOM   674 C  CA  . TYR A 1 99 ? -6.829  21.060  4.434   1.00 33.86 ? 352 TYR A CA  1 
ATOM   675 C  C   . TYR A 1 99 ? -6.848  22.070  5.571   1.00 68.12 ? 352 TYR A C   1 
ATOM   676 O  O   . TYR A 1 99 ? -5.801  22.601  5.923   1.00 45.86 ? 352 TYR A O   1 
ATOM   677 C  CB  . TYR A 1 99 ? -6.728  21.769  3.084   1.00 33.47 ? 352 TYR A CB  1 
ATOM   678 C  CG  . TYR A 1 99 ? -6.392  20.841  1.935   1.00 32.90 ? 352 TYR A CG  1 
ATOM   679 C  CD1 . TYR A 1 99 ? -5.072  20.501  1.650   1.00 34.14 ? 352 TYR A CD1 1 
ATOM   680 C  CD2 . TYR A 1 99 ? -7.388  20.345  1.101   1.00 33.01 ? 352 TYR A CD2 1 
ATOM   681 C  CE1 . TYR A 1 99 ? -4.754  19.682  0.568   1.00 33.13 ? 352 TYR A CE1 1 
ATOM   682 C  CE2 . TYR A 1 99 ? -7.082  19.525  0.018   1.00 33.59 ? 352 TYR A CE2 1 
ATOM   683 C  CZ  . TYR A 1 99 ? -5.760  19.210  -0.255  1.00 37.22 ? 352 TYR A CZ  1 
ATOM   684 O  OH  . TYR A 1 99 ? -5.457  18.417  -1.327  1.00 34.42 ? 352 TYR A OH  1 
HETATM 685 ZN ZN  . ZN  B 2 .  ? -2.378  0.019   6.614   1.00 30.19 2 401 ZN  A ZN  1 
HETATM 686 C  C33 . TKY C 3 .  ? -16.969 0.655   -1.888  1.00 80.34 ? 402 TKY A C33 1 
HETATM 687 C  C7  . TKY C 3 .  ? -10.070 -1.152  -3.610  1.00 54.03 ? 402 TKY A C7  1 
HETATM 688 C  C6  . TKY C 3 .  ? -10.341 -0.250  -4.824  1.00 50.64 ? 402 TKY A C6  1 
HETATM 689 C  C13 . TKY C 3 .  ? -15.117 -0.184  -0.597  1.00 75.35 ? 402 TKY A C13 1 
HETATM 690 N  N5  . TKY C 3 .  ? -9.064  -0.015  -5.484  1.00 46.73 ? 402 TKY A N5  1 
HETATM 691 C  C18 . TKY C 3 .  ? -10.534 -1.913  -1.373  1.00 60.34 ? 402 TKY A C18 1 
HETATM 692 C  C16 . TKY C 3 .  ? -12.451 -0.890  -0.153  1.00 67.86 ? 402 TKY A C16 1 
HETATM 693 C  C19 . TKY C 3 .  ? -11.068 -3.311  -1.721  1.00 58.99 ? 402 TKY A C19 1 
HETATM 694 C  C26 . TKY C 3 .  ? -9.835  -7.739  -0.248  1.00 60.77 ? 402 TKY A C26 1 
HETATM 695 C  C1  . TKY C 3 .  ? -5.970  0.626   -5.611  1.00 35.89 ? 402 TKY A C1  1 
HETATM 696 C  C10 . TKY C 3 .  ? -11.717 0.161   -2.299  1.00 62.66 ? 402 TKY A C10 1 
HETATM 697 C  C11 . TKY C 3 .  ? -12.801 -0.171  -1.302  1.00 67.60 ? 402 TKY A C11 1 
HETATM 698 C  C12 . TKY C 3 .  ? -14.137 0.173   -1.517  1.00 72.04 ? 402 TKY A C12 1 
HETATM 699 C  C14 . TKY C 3 .  ? -14.766 -0.873  0.556   1.00 74.51 ? 402 TKY A C14 1 
HETATM 700 C  C15 . TKY C 3 .  ? -13.443 -1.222  0.770   1.00 72.42 ? 402 TKY A C15 1 
HETATM 701 C  C17 . TKY C 3 .  ? -11.020 -1.347  -0.031  1.00 63.83 ? 402 TKY A C17 1 
HETATM 702 C  C2  . TKY C 3 .  ? -7.133  1.092   -6.478  1.00 39.07 ? 402 TKY A C2  1 
HETATM 703 C  C22 . TKY C 3 .  ? -11.130 -5.671  -0.998  1.00 58.25 ? 402 TKY A C22 1 
HETATM 704 C  C23 . TKY C 3 .  ? -12.026 -5.871  0.220   1.00 57.39 ? 402 TKY A C23 1 
HETATM 705 C  C24 . TKY C 3 .  ? -12.204 -7.351  0.551   1.00 59.64 ? 402 TKY A C24 1 
HETATM 706 C  C25 . TKY C 3 .  ? -10.858 -8.009  0.830   1.00 60.92 ? 402 TKY A C25 1 
HETATM 707 C  C27 . TKY C 3 .  ? -9.955  -6.630  -1.105  1.00 59.77 ? 402 TKY A C27 1 
HETATM 708 C  C28 . TKY C 3 .  ? -8.941  -6.378  -2.030  1.00 57.07 ? 402 TKY A C28 1 
HETATM 709 C  C29 . TKY C 3 .  ? -7.819  -7.187  -2.095  1.00 55.54 ? 402 TKY A C29 1 
HETATM 710 C  C3  . TKY C 3 .  ? -8.420  1.146   -5.655  1.00 42.67 ? 402 TKY A C3  1 
HETATM 711 C  C30 . TKY C 3 .  ? -7.707  -8.277  -1.262  1.00 56.73 ? 402 TKY A C30 1 
HETATM 712 C  C31 . TKY C 3 .  ? -8.713  -8.560  -0.353  1.00 58.86 ? 402 TKY A C31 1 
HETATM 713 C  C80 . TKY C 3 .  ? -11.425 -0.801  -5.808  1.00 49.50 ? 402 TKY A C80 1 
HETATM 714 C  C81 . TKY C 3 .  ? -11.601 0.186   -6.964  1.00 49.64 ? 402 TKY A C81 1 
HETATM 715 C  C82 . TKY C 3 .  ? -11.021 -2.158  -6.388  1.00 47.49 ? 402 TKY A C82 1 
HETATM 716 C  C83 . TKY C 3 .  ? -12.783 -0.960  -5.120  1.00 50.29 ? 402 TKY A C83 1 
HETATM 717 C  C85 . TKY C 3 .  ? -7.510  2.691   -8.338  1.00 44.07 ? 402 TKY A C85 1 
HETATM 718 N  N21 . TKY C 3 .  ? -10.670 -4.288  -0.896  1.00 58.05 ? 402 TKY A N21 1 
HETATM 719 N  N84 . TKY C 3 .  ? -6.803  2.382   -7.095  1.00 41.01 ? 402 TKY A N84 1 
HETATM 720 N  N9  . TKY C 3 .  ? -10.756 -0.947  -2.465  1.00 58.69 ? 402 TKY A N9  1 
HETATM 721 O  O20 . TKY C 3 .  ? -11.798 -3.502  -2.694  1.00 57.97 ? 402 TKY A O20 1 
HETATM 722 O  O32 . TKY C 3 .  ? -16.469 0.028   -0.704  1.00 78.91 ? 402 TKY A O32 1 
HETATM 723 O  O4  . TKY C 3 .  ? -8.839  2.217   -5.224  1.00 43.64 ? 402 TKY A O4  1 
HETATM 724 O  O8  . TKY C 3 .  ? -9.247  -2.048  -3.706  1.00 53.50 ? 402 TKY A O8  1 
HETATM 725 O  O   . HOH D 4 .  ? 1.646   14.502  7.733   1.00 26.90 ? 501 HOH A O   1 
HETATM 726 O  O   . HOH D 4 .  ? 7.489   -1.955  8.845   1.00 50.20 ? 502 HOH A O   1 
HETATM 727 O  O   . HOH D 4 .  ? -3.625  10.814  14.489  1.00 34.20 ? 503 HOH A O   1 
HETATM 728 O  O   . HOH D 4 .  ? -13.216 18.132  1.177   1.00 27.05 ? 504 HOH A O   1 
HETATM 729 O  O   . HOH D 4 .  ? -6.437  9.024   10.432  1.00 37.16 ? 505 HOH A O   1 
HETATM 730 O  O   . HOH D 4 .  ? -2.992  7.356   -6.156  1.00 34.69 ? 506 HOH A O   1 
HETATM 731 O  O   . HOH D 4 .  ? -4.481  5.707   -15.215 1.00 56.93 ? 507 HOH A O   1 
HETATM 732 O  O   . HOH D 4 .  ? 3.826   13.137  4.897   1.00 42.23 ? 508 HOH A O   1 
HETATM 733 O  O   . HOH D 4 .  ? -2.229  -8.064  6.824   1.00 32.58 ? 509 HOH A O   1 
HETATM 734 O  O   . HOH D 4 .  ? 1.193   16.043  3.287   1.00 66.23 ? 510 HOH A O   1 
HETATM 735 O  O   . HOH D 4 .  ? -2.797  17.699  -1.467  1.00 38.06 ? 511 HOH A O   1 
HETATM 736 O  O   . HOH D 4 .  ? 10.886  -8.575  -5.106  1.00 45.46 ? 512 HOH A O   1 
HETATM 737 O  O   . HOH D 4 .  ? 6.267   -0.131  11.988  1.00 63.03 ? 513 HOH A O   1 
HETATM 738 O  O   . HOH D 4 .  ? 5.255   2.287   -8.731  1.00 44.10 ? 514 HOH A O   1 
HETATM 739 O  O   . HOH D 4 .  ? -6.036  25.409  5.934   1.00 48.87 ? 515 HOH A O   1 
HETATM 740 O  O   . HOH D 4 .  ? -12.624 -8.089  -8.318  1.00 64.86 ? 516 HOH A O   1 
HETATM 741 O  O   . HOH D 4 .  ? -9.646  10.135  8.801   1.00 45.67 ? 517 HOH A O   1 
HETATM 742 O  O   . HOH D 4 .  ? -4.661  -5.562  11.700  1.00 48.07 ? 518 HOH A O   1 
HETATM 743 O  O   . HOH D 4 .  ? -12.936 12.065  12.155  1.00 53.22 ? 519 HOH A O   1 
HETATM 744 O  O   . HOH D 4 .  ? -4.436  18.739  6.623   1.00 39.30 ? 520 HOH A O   1 
HETATM 745 O  O   . HOH D 4 .  ? 0.510   5.776   14.649  1.00 29.46 ? 521 HOH A O   1 
HETATM 746 O  O   . HOH D 4 .  ? -4.854  -4.333  -12.479 1.00 57.12 ? 522 HOH A O   1 
HETATM 747 O  O   . HOH D 4 .  ? -6.765  9.068   13.080  1.00 42.55 ? 523 HOH A O   1 
HETATM 748 O  O   . HOH D 4 .  ? -3.168  23.172  4.506   1.00 49.49 ? 524 HOH A O   1 
HETATM 749 O  O   . HOH D 4 .  ? 5.421   -4.053  -13.184 1.00 52.02 ? 525 HOH A O   1 
HETATM 750 O  O   . HOH D 4 .  ? 5.935   -13.148 8.292   1.00 68.78 ? 526 HOH A O   1 
HETATM 751 O  O   . HOH D 4 .  ? 9.974   -2.451  -7.844  1.00 38.77 ? 527 HOH A O   1 
HETATM 752 O  O   . HOH D 4 .  ? -12.020 0.792   2.945   1.00 55.69 ? 528 HOH A O   1 
HETATM 753 O  O   . HOH D 4 .  ? 5.792   -11.296 10.900  1.00 61.20 ? 529 HOH A O   1 
HETATM 754 O  O   . HOH D 4 .  ? 9.155   0.629   4.200   1.00 56.25 ? 530 HOH A O   1 
HETATM 755 O  O   . HOH D 4 .  ? 3.776   0.788   12.652  1.00 40.78 ? 531 HOH A O   1 
HETATM 756 O  O   . HOH D 4 .  ? 10.596  -16.233 -5.656  1.00 52.28 ? 532 HOH A O   1 
HETATM 757 O  O   . HOH D 4 .  ? 7.567   1.514   15.242  1.00 53.70 ? 533 HOH A O   1 
HETATM 758 O  O   . HOH D 4 .  ? -10.554 4.052   -7.597  1.00 44.96 ? 534 HOH A O   1 
HETATM 759 O  O   . HOH D 4 .  ? -0.513  -18.783 -4.521  1.00 58.28 ? 535 HOH A O   1 
HETATM 760 O  O   . HOH D 4 .  ? 2.982   2.278   14.800  1.00 63.37 ? 536 HOH A O   1 
HETATM 761 O  O   . HOH D 4 .  ? 7.552   7.538   3.515   1.00 42.14 ? 537 HOH A O   1 
HETATM 762 O  O   . HOH D 4 .  ? 7.141   -15.948 -3.734  1.00 48.81 ? 538 HOH A O   1 
HETATM 763 O  O   . HOH D 4 .  ? 2.235   16.698  6.250   1.00 55.18 ? 539 HOH A O   1 
HETATM 764 O  O   . HOH D 4 .  ? -10.096 -8.549  -9.460  1.00 51.94 ? 540 HOH A O   1 
HETATM 765 O  O   . HOH D 4 .  ? 1.079   -13.391 -12.787 1.00 66.39 ? 541 HOH A O   1 
HETATM 766 O  O   . HOH D 4 .  ? 1.729   -0.959  13.319  1.00 40.53 ? 542 HOH A O   1 
HETATM 767 O  O   . HOH D 4 .  ? 9.104   0.879   7.360   1.00 50.46 ? 543 HOH A O   1 
HETATM 768 O  O   . HOH D 4 .  ? -3.766  -8.132  -12.980 1.00 52.22 ? 544 HOH A O   1 
HETATM 769 O  O   . HOH D 4 .  ? 2.469   -3.790  -19.971 1.00 52.69 ? 545 HOH A O   1 
HETATM 770 O  O   . HOH D 4 .  ? -3.140  8.496   15.859  1.00 34.25 ? 546 HOH A O   1 
HETATM 771 O  O   . HOH D 4 .  ? 1.929   21.157  0.662   1.00 45.05 ? 547 HOH A O   1 
HETATM 772 O  O   . HOH D 4 .  ? 3.880   7.223   -17.116 1.00 59.16 ? 548 HOH A O   1 
HETATM 773 O  O   . HOH D 4 .  ? 4.096   17.758  2.417   1.00 64.98 ? 549 HOH A O   1 
HETATM 774 O  O   . HOH D 4 .  ? 3.746   15.133  3.073   1.00 64.35 ? 550 HOH A O   1 
HETATM 775 O  O   . HOH D 4 .  ? 0.670   -0.056  15.673  1.00 55.60 ? 551 HOH A O   1 
# 
loop_
_atom_site_anisotrop.id 
_atom_site_anisotrop.type_symbol 
_atom_site_anisotrop.pdbx_label_atom_id 
_atom_site_anisotrop.pdbx_label_alt_id 
_atom_site_anisotrop.pdbx_label_comp_id 
_atom_site_anisotrop.pdbx_label_asym_id 
_atom_site_anisotrop.pdbx_label_seq_id 
_atom_site_anisotrop.pdbx_PDB_ins_code 
_atom_site_anisotrop.U[1][1] 
_atom_site_anisotrop.U[2][2] 
_atom_site_anisotrop.U[3][3] 
_atom_site_anisotrop.U[1][2] 
_atom_site_anisotrop.U[1][3] 
_atom_site_anisotrop.U[2][3] 
_atom_site_anisotrop.pdbx_auth_seq_id 
_atom_site_anisotrop.pdbx_auth_comp_id 
_atom_site_anisotrop.pdbx_auth_asym_id 
_atom_site_anisotrop.pdbx_auth_atom_id 
1   N  N   . MET A 13 ? 0.7271 0.5273 0.6484 0.2318  0.1509  0.0979  266 MET A N   
2   C  CA  . MET A 13 ? 0.6900 0.5386 0.6459 0.2080  0.1398  0.0807  266 MET A CA  
3   C  C   . MET A 13 ? 0.6988 0.6100 0.6768 0.2028  0.1136  0.0829  266 MET A C   
4   O  O   . MET A 13 ? 0.6588 0.6034 0.6597 0.1795  0.1039  0.0706  266 MET A O   
5   C  CB  . MET A 13 ? 0.7283 0.5489 0.6809 0.1728  0.1494  0.0633  266 MET A CB  
6   C  CG  . MET A 13 ? 0.8001 0.5584 0.7320 0.1714  0.1739  0.0563  266 MET A CG  
7   S  SD  . MET A 13 ? 0.8479 0.6122 0.7898 0.1834  0.1815  0.0453  266 MET A SD  
8   C  CE  . MET A 13 ? 0.8512 0.5256 0.7559 0.1899  0.2113  0.0425  266 MET A CE  
9   N  N   . GLN A 14 ? 0.6637 0.5875 0.6313 0.2252  0.1018  0.0982  267 GLN A N   
10  C  CA  . GLN A 14 ? 0.6472 0.6248 0.6296 0.2210  0.0759  0.0989  267 GLN A CA  
11  C  C   . GLN A 14 ? 0.6414 0.6855 0.6678 0.2213  0.0611  0.0930  267 GLN A C   
12  O  O   . GLN A 14 ? 0.6176 0.7009 0.6623 0.2026  0.0435  0.0857  267 GLN A O   
13  C  CB  . GLN A 14 ? 0.6845 0.6549 0.6370 0.2471  0.0663  0.1160  267 GLN A CB  
14  C  CG  . GLN A 14 ? 0.9849 0.8840 0.8895 0.2496  0.0862  0.1257  267 GLN A CG  
15  C  CD  . GLN A 14 ? 1.2166 1.0949 1.1169 0.2136  0.0950  0.1135  267 GLN A CD  
16  O  OE1 . GLN A 14 ? 1.1710 1.0730 1.0717 0.1997  0.0809  0.1089  267 GLN A OE1 
17  N  NE2 . GLN A 14 ? 1.0919 0.9269 0.9893 0.1985  0.1183  0.1066  267 GLN A NE2 
18  N  N   . THR A 15 ? 0.5742 0.6286 0.6170 0.2418  0.0704  0.0956  268 THR A N   
19  C  CA  . THR A 15 ? 0.5330 0.6519 0.6210 0.2427  0.0620  0.0909  268 THR A CA  
20  C  C   . THR A 15 ? 0.5539 0.6683 0.6558 0.2228  0.0780  0.0780  268 THR A C   
21  O  O   . THR A 15 ? 0.5555 0.6170 0.6332 0.2201  0.0970  0.0737  268 THR A O   
22  C  CB  . THR A 15 ? 0.6291 0.7765 0.7318 0.2829  0.0604  0.1030  268 THR A CB  
23  O  OG1 . THR A 15 ? 0.6634 0.7508 0.7363 0.3064  0.0836  0.1097  268 THR A OG1 
24  C  CG2 . THR A 15 ? 0.6063 0.7855 0.7061 0.3014  0.0350  0.1136  268 THR A CG2 
25  N  N   . HIS A 16 ? 0.4854 0.6544 0.6244 0.2086  0.0705  0.0716  269 HIS A N   
26  C  CA  . HIS A 16 ? 0.4937 0.6645 0.6439 0.1911  0.0847  0.0613  269 HIS A CA  
27  C  C   . HIS A 16 ? 0.5499 0.7011 0.6954 0.2144  0.1080  0.0619  269 HIS A C   
28  O  O   . HIS A 16 ? 0.5573 0.6692 0.6819 0.2038  0.1236  0.0527  269 HIS A O   
29  C  CB  . HIS A 16 ? 0.4732 0.7073 0.6647 0.1752  0.0748  0.0582  269 HIS A CB  
30  C  CG  . HIS A 16 ? 0.5206 0.7505 0.7143 0.1533  0.0881  0.0496  269 HIS A CG  
31  N  ND1 . HIS A 16 ? 0.5371 0.7803 0.7443 0.1633  0.1080  0.0486  269 HIS A ND1 
32  C  CD2 . HIS A 16 ? 0.5534 0.7665 0.7343 0.1250  0.0842  0.0426  269 HIS A CD2 
33  C  CE1 . HIS A 16 ? 0.5360 0.7681 0.7340 0.1400  0.1154  0.0418  269 HIS A CE1 
34  N  NE2 . HIS A 16 ? 0.5498 0.7635 0.7323 0.1175  0.1008  0.0385  269 HIS A NE2 
35  N  N   . ALA A 17 ? 0.4959 0.6727 0.6584 0.2479  0.1092  0.0719  270 ALA A N   
36  C  CA  . ALA A 17 ? 0.5054 0.6645 0.6642 0.2770  0.1319  0.0735  270 ALA A CA  
37  C  C   . ALA A 17 ? 0.6160 0.6909 0.7252 0.2838  0.1482  0.0720  270 ALA A C   
38  O  O   . ALA A 17 ? 0.6361 0.6774 0.7307 0.2880  0.1699  0.0637  270 ALA A O   
39  C  CB  . ALA A 17 ? 0.4920 0.6996 0.6806 0.3148  0.1257  0.0860  270 ALA A CB  
40  N  N   . ALA A 18 ? 0.5970 0.6356 0.6788 0.2831  0.1392  0.0790  271 ALA A N   
41  C  CA  . ALA A 18 ? 0.6342 0.5913 0.6711 0.2838  0.1558  0.0777  271 ALA A CA  
42  C  C   . ALA A 18 ? 0.6668 0.5932 0.6899 0.2466  0.1627  0.0595  271 ALA A C   
43  O  O   . ALA A 18 ? 0.6978 0.5666 0.6940 0.2451  0.1817  0.0507  271 ALA A O   
44  C  CB  . ALA A 18 ? 0.6638 0.5968 0.6772 0.2896  0.1460  0.0910  271 ALA A CB  
45  N  N   . ARG A 19 ? 0.5633 0.5276 0.6042 0.2176  0.1466  0.0529  272 ARG A N   
46  C  CA  . ARG A 19 ? 0.5542 0.5000 0.5851 0.1853  0.1485  0.0366  272 ARG A CA  
47  C  C   . ARG A 19 ? 0.5894 0.5397 0.6225 0.1855  0.1614  0.0256  272 ARG A C   
48  O  O   . ARG A 19 ? 0.5865 0.4953 0.5955 0.1740  0.1720  0.0116  272 ARG A O   
49  C  CB  . ARG A 19 ? 0.4900 0.4708 0.5356 0.1600  0.1281  0.0350  272 ARG A CB  
50  C  CG  . ARG A 19 ? 0.5274 0.4956 0.5626 0.1574  0.1182  0.0428  272 ARG A CG  
51  C  CD  . ARG A 19 ? 0.5127 0.5007 0.5549 0.1316  0.1023  0.0376  272 ARG A CD  
52  N  NE  . ARG A 19 ? 0.4914 0.5325 0.5597 0.1285  0.0866  0.0402  272 ARG A NE  
53  C  CZ  . ARG A 19 ? 0.6260 0.6961 0.7042 0.1371  0.0721  0.0491  272 ARG A CZ  
54  N  NH1 . ARG A 19 ? 0.4395 0.4902 0.4989 0.1539  0.0713  0.0588  272 ARG A NH1 
55  N  NH2 . ARG A 19 ? 0.4542 0.5707 0.5580 0.1286  0.0586  0.0479  272 ARG A NH2 
56  N  N   . MET A 20 ? 0.5306 0.5318 0.5921 0.1987  0.1613  0.0312  273 MET A N   
57  C  CA  . MET A 20 ? 0.5317 0.5433 0.5963 0.2022  0.1771  0.0234  273 MET A CA  
58  C  C   . MET A 20 ? 0.6115 0.5713 0.6483 0.2229  0.2001  0.0170  273 MET A C   
59  O  O   . MET A 20 ? 0.6292 0.5665 0.6450 0.2150  0.2127  0.0029  273 MET A O   
60  C  CB  . MET A 20 ? 0.5232 0.6033 0.6304 0.2144  0.1759  0.0327  273 MET A CB  
61  C  CG  . MET A 20 ? 0.5446 0.6690 0.6748 0.1871  0.1599  0.0332  273 MET A CG  
62  S  SD  . MET A 20 ? 0.6075 0.7150 0.7148 0.1595  0.1674  0.0207  273 MET A SD  
63  C  CE  . MET A 20 ? 0.5452 0.6944 0.6768 0.1733  0.1906  0.0231  273 MET A CE  
64  N  N   . ARG A 21 ? 0.5750 0.5116 0.6064 0.2502  0.2055  0.0270  274 ARG A N   
65  C  CA  . ARG A 21 ? 0.6014 0.4793 0.6036 0.2740  0.2288  0.0230  274 ARG A CA  
66  C  C   . ARG A 21 ? 0.6932 0.5004 0.6544 0.2505  0.2369  0.0051  274 ARG A C   
67  O  O   . ARG A 21 ? 0.7192 0.4805 0.6540 0.2598  0.2573  -0.0069 274 ARG A O   
68  C  CB  . ARG A 21 ? 0.6223 0.4867 0.6241 0.3079  0.2297  0.0412  274 ARG A CB  
69  N  N   . THR A 22 ? 0.6568 0.4572 0.6142 0.2197  0.2215  0.0017  275 THR A N   
70  C  CA  . THR A 22 ? 0.6835 0.4293 0.6114 0.1927  0.2257  -0.0169 275 THR A CA  
71  C  C   . THR A 22 ? 0.7257 0.4817 0.6454 0.1732  0.2242  -0.0368 275 THR A C   
72  O  O   . THR A 22 ? 0.7513 0.4647 0.6454 0.1543  0.2283  -0.0566 275 THR A O   
73  C  CB  . THR A 22 ? 0.7882 0.5328 0.7209 0.1688  0.2108  -0.0133 275 THR A CB  
74  O  OG1 . THR A 22 ? 0.7675 0.5670 0.7225 0.1490  0.1903  -0.0145 275 THR A OG1 
75  C  CG2 . THR A 22 ? 0.7618 0.4992 0.6963 0.1886  0.2107  0.0081  275 THR A CG2 
76  N  N   . PHE A 23 ? 0.6464 0.4587 0.5871 0.1767  0.2180  -0.0317 276 PHE A N   
77  C  CA  . PHE A 23 ? 0.6451 0.4697 0.5740 0.1621  0.2172  -0.0458 276 PHE A CA  
78  C  C   . PHE A 23 ? 0.7371 0.5479 0.6482 0.1836  0.2403  -0.0527 276 PHE A C   
79  O  O   . PHE A 23 ? 0.7262 0.5494 0.6240 0.1768  0.2432  -0.0615 276 PHE A O   
80  C  CB  . PHE A 23 ? 0.6306 0.5162 0.5871 0.1507  0.2006  -0.0354 276 PHE A CB  
81  C  CG  . PHE A 23 ? 0.6298 0.5246 0.5951 0.1265  0.1783  -0.0344 276 PHE A CG  
82  C  CD1 . PHE A 23 ? 0.6722 0.5517 0.6184 0.1035  0.1684  -0.0499 276 PHE A CD1 
83  C  CD2 . PHE A 23 ? 0.6353 0.5583 0.6281 0.1285  0.1665  -0.0186 276 PHE A CD2 
84  C  CE1 . PHE A 23 ? 0.6781 0.5700 0.6360 0.0845  0.1495  -0.0489 276 PHE A CE1 
85  C  CE2 . PHE A 23 ? 0.6661 0.5962 0.6649 0.1083  0.1486  -0.0184 276 PHE A CE2 
86  C  CZ  . PHE A 23 ? 0.6504 0.5654 0.6336 0.0871  0.1413  -0.0331 276 PHE A CZ  
87  N  N   . MET A 24 ? 0.7354 0.5168 0.6423 0.2116  0.2584  -0.0483 277 MET A N   
88  C  CA  . MET A 24 ? 0.7590 0.5215 0.6481 0.2375  0.2840  -0.0551 277 MET A CA  
89  C  C   . MET A 24 ? 0.8755 0.5820 0.7155 0.2218  0.2922  -0.0822 277 MET A C   
90  O  O   . MET A 24 ? 0.8876 0.5912 0.7071 0.2322  0.3085  -0.0921 277 MET A O   
91  C  CB  . MET A 24 ? 0.7973 0.5314 0.6888 0.2726  0.2995  -0.0442 277 MET A CB  
92  N  N   . TYR A 25 ? 0.8693 0.5359 0.6915 0.1953  0.2803  -0.0951 278 TYR A N   
93  C  CA  . TYR A 25 ? 0.9069 0.5241 0.6862 0.1748  0.2818  -0.1240 278 TYR A CA  
94  C  C   . TYR A 25 ? 0.9472 0.5934 0.7278 0.1403  0.2552  -0.1336 278 TYR A C   
95  O  O   . TYR A 25 ? 0.9623 0.5746 0.7165 0.1176  0.2483  -0.1577 278 TYR A O   
96  C  CB  . TYR A 25 ? 0.9614 0.5030 0.7181 0.1727  0.2941  -0.1355 278 TYR A CB  
97  C  CG  . TYR A 25 ? 1.0169 0.5228 0.7668 0.2115  0.3209  -0.1251 278 TYR A CG  
98  C  CD1 . TYR A 25 ? 1.0545 0.5542 0.7856 0.2390  0.3421  -0.1309 278 TYR A CD1 
99  C  CD2 . TYR A 25 ? 1.0392 0.5139 0.7974 0.2232  0.3267  -0.1094 278 TYR A CD2 
100 C  CE1 . TYR A 25 ? 1.0912 0.5603 0.8182 0.2791  0.3671  -0.1211 278 TYR A CE1 
101 C  CE2 . TYR A 25 ? 1.0672 0.5061 0.8159 0.2635  0.3505  -0.0985 278 TYR A CE2 
102 C  CZ  . TYR A 25 ? 1.1954 0.6336 0.9309 0.2922  0.3701  -0.1047 278 TYR A CZ  
103 O  OH  . TYR A 25 ? 1.2557 0.6603 0.9835 0.3361  0.3941  -0.0940 278 TYR A OH  
104 N  N   . TRP A 26 ? 0.8765 0.5854 0.6875 0.1374  0.2400  -0.1158 279 TRP A N   
105 C  CA  . TRP A 26 ? 0.8661 0.6060 0.6795 0.1117  0.2154  -0.1203 279 TRP A CA  
106 C  C   . TRP A 26 ? 0.9719 0.7014 0.7426 0.1076  0.2167  -0.1396 279 TRP A C   
107 O  O   . TRP A 26 ? 0.9971 0.7270 0.7522 0.1273  0.2361  -0.1371 279 TRP A O   
108 C  CB  . TRP A 26 ? 0.8076 0.6077 0.6589 0.1142  0.2048  -0.0958 279 TRP A CB  
109 C  CG  . TRP A 26 ? 0.7993 0.6288 0.6528 0.0932  0.1816  -0.0964 279 TRP A CG  
110 C  CD1 . TRP A 26 ? 0.8290 0.6856 0.6733 0.0927  0.1787  -0.0914 279 TRP A CD1 
111 C  CD2 . TRP A 26 ? 0.7859 0.6212 0.6534 0.0725  0.1601  -0.0994 279 TRP A CD2 
112 N  NE1 . TRP A 26 ? 0.8123 0.6867 0.6604 0.0749  0.1553  -0.0913 279 TRP A NE1 
113 C  CE2 . TRP A 26 ? 0.8246 0.6897 0.6892 0.0629  0.1432  -0.0970 279 TRP A CE2 
114 C  CE3 . TRP A 26 ? 0.8003 0.6163 0.6805 0.0616  0.1557  -0.1040 279 TRP A CE3 
115 C  CZ2 . TRP A 26 ? 0.8059 0.6858 0.6833 0.0459  0.1210  -0.0995 279 TRP A CZ2 
116 C  CZ3 . TRP A 26 ? 0.8077 0.6418 0.7029 0.0420  0.1354  -0.1069 279 TRP A CZ3 
117 C  CH2 . TRP A 26 ? 0.8043 0.6714 0.6992 0.0355  0.1176  -0.1053 279 TRP A CH2 
118 N  N   . PRO A 27 ? 0.9462 0.6670 0.6962 0.0840  0.1970  -0.1594 280 PRO A N   
119 C  CA  . PRO A 27 ? 0.9654 0.6743 0.6669 0.0823  0.1955  -0.1785 280 PRO A CA  
120 C  C   . PRO A 27 ? 1.0189 0.7656 0.7133 0.0927  0.1970  -0.1621 280 PRO A C   
121 O  O   . PRO A 27 ? 0.9876 0.7754 0.7154 0.0895  0.1862  -0.1412 280 PRO A O   
122 C  CB  . PRO A 27 ? 0.9898 0.6965 0.6837 0.0549  0.1677  -0.1996 280 PRO A CB  
123 C  CG  . PRO A 27 ? 1.0373 0.7369 0.7702 0.0420  0.1647  -0.1972 280 PRO A CG  
124 C  CD  . PRO A 27 ? 0.9591 0.6839 0.7291 0.0591  0.1750  -0.1661 280 PRO A CD  
125 N  N   . SER A 28 ? 1.0083 0.7367 0.6562 0.1047  0.2128  -0.1720 281 SER A N   
126 C  CA  . SER A 28 ? 1.0060 0.7615 0.6383 0.1145  0.2211  -0.1571 281 SER A CA  
127 C  C   . SER A 28 ? 1.0625 0.8359 0.6743 0.0999  0.1941  -0.1569 281 SER A C   
128 O  O   . SER A 28 ? 1.0495 0.8517 0.6665 0.1030  0.1961  -0.1359 281 SER A O   
129 C  CB  . SER A 28 ? 1.0659 0.7920 0.6498 0.1332  0.2496  -0.1684 281 SER A CB  
130 O  OG  . SER A 28 ? 1.2058 0.8887 0.7326 0.1258  0.2412  -0.1994 281 SER A OG  
131 N  N   . SER A 29 ? 1.0254 0.7822 0.6153 0.0845  0.1692  -0.1802 282 SER A N   
132 C  CA  . SER A 29 ? 1.0176 0.7915 0.5863 0.0742  0.1395  -0.1833 282 SER A CA  
133 C  C   . SER A 29 ? 1.0007 0.8144 0.6165 0.0664  0.1210  -0.1614 282 SER A C   
134 O  O   . SER A 29 ? 0.9943 0.8236 0.5907 0.0668  0.1050  -0.1534 282 SER A O   
135 C  CB  . SER A 29 ? 1.0818 0.8358 0.6264 0.0589  0.1165  -0.2167 282 SER A CB  
136 O  OG  . SER A 29 ? 1.1853 0.9382 0.7774 0.0432  0.1100  -0.2243 282 SER A OG  
137 N  N   . VAL A 30 ? 0.9089 0.7348 0.5809 0.0610  0.1232  -0.1520 283 VAL A N   
138 C  CA  . VAL A 30 ? 0.8694 0.7289 0.5857 0.0536  0.1071  -0.1339 283 VAL A CA  
139 C  C   . VAL A 30 ? 0.8899 0.7709 0.6106 0.0624  0.1165  -0.1070 283 VAL A C   
140 O  O   . VAL A 30 ? 0.8721 0.7560 0.6047 0.0720  0.1409  -0.0948 283 VAL A O   
141 C  CB  . VAL A 30 ? 0.8978 0.7601 0.6644 0.0467  0.1090  -0.1313 283 VAL A CB  
142 C  CG1 . VAL A 30 ? 0.8700 0.7629 0.6729 0.0374  0.0889  -0.1195 283 VAL A CG1 
143 C  CG2 . VAL A 30 ? 0.9085 0.7401 0.6677 0.0365  0.1080  -0.1572 283 VAL A CG2 
144 N  N   . PRO A 31 ? 0.8401 0.7359 0.5519 0.0593  0.0981  -0.0978 284 PRO A N   
145 C  CA  . PRO A 31 ? 0.8300 0.7380 0.5420 0.0643  0.1093  -0.0730 284 PRO A CA  
146 C  C   . PRO A 31 ? 0.8192 0.7516 0.5862 0.0583  0.1087  -0.0550 284 PRO A C   
147 O  O   . PRO A 31 ? 0.8132 0.7547 0.5830 0.0559  0.1047  -0.0387 284 PRO A O   
148 C  CB  . PRO A 31 ? 0.8739 0.7759 0.5411 0.0664  0.0907  -0.0724 284 PRO A CB  
149 C  CG  . PRO A 31 ? 0.9303 0.8378 0.6056 0.0593  0.0611  -0.0918 284 PRO A CG  
150 C  CD  . PRO A 31 ? 0.8658 0.7673 0.5668 0.0522  0.0673  -0.1098 284 PRO A CD  
151 N  N   . VAL A 32 ? 0.7225 0.6615 0.5289 0.0565  0.1130  -0.0584 285 VAL A N   
152 C  CA  . VAL A 32 ? 0.6753 0.6368 0.5306 0.0526  0.1125  -0.0442 285 VAL A CA  
153 C  C   . VAL A 32 ? 0.6864 0.6522 0.5628 0.0621  0.1343  -0.0416 285 VAL A C   
154 O  O   . VAL A 32 ? 0.6800 0.6257 0.5476 0.0676  0.1406  -0.0549 285 VAL A O   
155 C  CB  . VAL A 32 ? 0.7062 0.6724 0.5860 0.0436  0.0912  -0.0499 285 VAL A CB  
156 C  CG1 . VAL A 32 ? 0.6773 0.6640 0.5983 0.0410  0.0908  -0.0353 285 VAL A CG1 
157 C  CG2 . VAL A 32 ? 0.7098 0.6758 0.5704 0.0387  0.0693  -0.0545 285 VAL A CG2 
158 N  N   . GLN A 33 ? 0.6177 0.6090 0.5219 0.0642  0.1459  -0.0251 286 GLN A N   
159 C  CA  . GLN A 33 ? 0.5906 0.5967 0.5207 0.0767  0.1652  -0.0205 286 GLN A CA  
160 C  C   . GLN A 33 ? 0.5968 0.6112 0.5619 0.0802  0.1572  -0.0187 286 GLN A C   
161 O  O   . GLN A 33 ? 0.5650 0.5930 0.5511 0.0703  0.1406  -0.0125 286 GLN A O   
162 C  CB  . GLN A 33 ? 0.5912 0.6292 0.5417 0.0762  0.1809  -0.0054 286 GLN A CB  
163 N  N   . PRO A 34 ? 0.5434 0.5463 0.5111 0.0963  0.1704  -0.0231 287 PRO A N   
164 C  CA  . PRO A 34 ? 0.5256 0.5306 0.5192 0.1034  0.1648  -0.0187 287 PRO A CA  
165 C  C   . PRO A 34 ? 0.5291 0.5772 0.5638 0.1025  0.1557  -0.0033 287 PRO A C   
166 O  O   . PRO A 34 ? 0.5173 0.5644 0.5632 0.0999  0.1418  -0.0001 287 PRO A O   
167 C  CB  . PRO A 34 ? 0.5554 0.5433 0.5427 0.1263  0.1861  -0.0222 287 PRO A CB  
168 C  CG  . PRO A 34 ? 0.6336 0.5904 0.5793 0.1243  0.1967  -0.0373 287 PRO A CG  
169 C  CD  . PRO A 34 ? 0.5749 0.5557 0.5159 0.1109  0.1923  -0.0326 287 PRO A CD  
170 N  N   . GLU A 35 ? 0.4584 0.5436 0.5144 0.1031  0.1644  0.0053  288 GLU A N   
171 C  CA  . GLU A 35 ? 0.4229 0.5540 0.5207 0.0987  0.1555  0.0167  288 GLU A CA  
172 C  C   . GLU A 35 ? 0.4454 0.5736 0.5428 0.0784  0.1333  0.0177  288 GLU A C   
173 O  O   . GLU A 35 ? 0.4238 0.5695 0.5430 0.0784  0.1194  0.0223  288 GLU A O   
174 C  CB  . GLU A 35 ? 0.4258 0.5938 0.5447 0.0959  0.1718  0.0227  288 GLU A CB  
175 C  CG  . GLU A 35 ? 0.5746 0.7987 0.7459 0.0933  0.1657  0.0317  288 GLU A CG  
176 C  CD  . GLU A 35 ? 0.9093 1.1434 1.0909 0.0680  0.1474  0.0343  288 GLU A CD  
177 O  OE1 . GLU A 35 ? 0.9210 1.1387 1.0833 0.0502  0.1516  0.0347  288 GLU A OE1 
178 O  OE2 . GLU A 35 ? 0.8319 1.0868 1.0369 0.0675  0.1289  0.0361  288 GLU A OE2 
179 N  N   . GLN A 36 ? 0.3983 0.5038 0.4680 0.0640  0.1298  0.0134  289 GLN A N   
180 C  CA  . GLN A 36 ? 0.3974 0.4968 0.4634 0.0480  0.1112  0.0139  289 GLN A CA  
181 C  C   . GLN A 36 ? 0.4409 0.5192 0.4991 0.0496  0.0978  0.0076  289 GLN A C   
182 O  O   . GLN A 36 ? 0.4361 0.5202 0.5048 0.0427  0.0838  0.0100  289 GLN A O   
183 C  CB  . GLN A 36 ? 0.4325 0.5138 0.4690 0.0378  0.1125  0.0128  289 GLN A CB  
184 N  N   . LEU A 37 ? 0.3897 0.4421 0.4288 0.0577  0.1044  -0.0012 290 LEU A N   
185 C  CA  . LEU A 37 ? 0.3932 0.4233 0.4262 0.0569  0.0972  -0.0076 290 LEU A CA  
186 C  C   . LEU A 37 ? 0.4119 0.4512 0.4643 0.0664  0.0957  0.0009  290 LEU A C   
187 O  O   . LEU A 37 ? 0.3781 0.4165 0.4345 0.0605  0.0847  0.0024  290 LEU A O   
188 C  CB  . LEU A 37 ? 0.4153 0.4129 0.4242 0.0606  0.1072  -0.0206 290 LEU A CB  
189 C  CG  . LEU A 37 ? 0.4887 0.4742 0.4719 0.0508  0.1024  -0.0325 290 LEU A CG  
190 C  CD1 . LEU A 37 ? 0.5039 0.4623 0.4612 0.0569  0.1157  -0.0456 290 LEU A CD1 
191 C  CD2 . LEU A 37 ? 0.5156 0.4973 0.4991 0.0377  0.0857  -0.0398 290 LEU A CD2 
192 N  N   . ALA A 38 ? 0.3871 0.4369 0.4501 0.0835  0.1072  0.0069  291 ALA A N   
193 C  CA  . ALA A 38 ? 0.3797 0.4409 0.4580 0.0990  0.1050  0.0165  291 ALA A CA  
194 C  C   . ALA A 38 ? 0.4262 0.5232 0.5266 0.0922  0.0885  0.0239  291 ALA A C   
195 O  O   . ALA A 38 ? 0.4362 0.5328 0.5373 0.0988  0.0799  0.0292  291 ALA A O   
196 C  CB  . ALA A 38 ? 0.3788 0.4506 0.4668 0.1216  0.1201  0.0211  291 ALA A CB  
197 N  N   . SER A 39 ? 0.3661 0.4895 0.4805 0.0784  0.0848  0.0237  292 SER A N   
198 C  CA  . SER A 39 ? 0.3397 0.4929 0.4740 0.0671  0.0697  0.0273  292 SER A CA  
199 C  C   . SER A 39 ? 0.3968 0.5275 0.5140 0.0557  0.0564  0.0238  292 SER A C   
200 O  O   . SER A 39 ? 0.4045 0.5473 0.5280 0.0548  0.0434  0.0259  292 SER A O   
201 C  CB  . SER A 39 ? 0.3629 0.5370 0.5106 0.0520  0.0742  0.0275  292 SER A CB  
202 O  OG  . SER A 39 ? 0.5152 0.7181 0.6845 0.0625  0.0885  0.0311  292 SER A OG  
203 N  N   . ALA A 40 ? 0.3465 0.4465 0.4418 0.0487  0.0597  0.0172  293 ALA A N   
204 C  CA  . ALA A 40 ? 0.3476 0.4286 0.4298 0.0398  0.0504  0.0125  293 ALA A CA  
205 C  C   . ALA A 40 ? 0.3960 0.4572 0.4687 0.0480  0.0529  0.0121  293 ALA A C   
206 O  O   . ALA A 40 ? 0.3946 0.4406 0.4585 0.0411  0.0496  0.0074  293 ALA A O   
207 C  CB  . ALA A 40 ? 0.3675 0.4326 0.4351 0.0308  0.0513  0.0055  293 ALA A CB  
208 N  N   . GLY A 41 ? 0.3493 0.4100 0.4238 0.0635  0.0602  0.0180  294 GLY A N   
209 C  CA  . GLY A 41 ? 0.3587 0.3944 0.4197 0.0735  0.0659  0.0214  294 GLY A CA  
210 C  C   . GLY A 41 ? 0.4268 0.4262 0.4731 0.0728  0.0807  0.0146  294 GLY A C   
211 O  O   . GLY A 41 ? 0.4357 0.4075 0.4692 0.0771  0.0885  0.0173  294 GLY A O   
212 N  N   . PHE A 42 ? 0.3776 0.3741 0.4228 0.0671  0.0859  0.0056  295 PHE A N   
213 C  CA  . PHE A 42 ? 0.3823 0.3448 0.4126 0.0632  0.0979  -0.0053 295 PHE A CA  
214 C  C   . PHE A 42 ? 0.4700 0.4127 0.4914 0.0804  0.1135  -0.0036 295 PHE A C   
215 O  O   . PHE A 42 ? 0.4580 0.4231 0.4887 0.0940  0.1154  0.0029  295 PHE A O   
216 C  CB  . PHE A 42 ? 0.3988 0.3653 0.4253 0.0481  0.0924  -0.0188 295 PHE A CB  
217 C  CG  . PHE A 42 ? 0.4068 0.3887 0.4405 0.0345  0.0779  -0.0216 295 PHE A CG  
218 C  CD1 . PHE A 42 ? 0.4297 0.4009 0.4659 0.0253  0.0776  -0.0267 295 PHE A CD1 
219 C  CD2 . PHE A 42 ? 0.4225 0.4273 0.4601 0.0315  0.0671  -0.0189 295 PHE A CD2 
220 C  CE1 . PHE A 42 ? 0.4254 0.4131 0.4702 0.0164  0.0658  -0.0296 295 PHE A CE1 
221 C  CE2 . PHE A 42 ? 0.4485 0.4624 0.4903 0.0228  0.0548  -0.0212 295 PHE A CE2 
222 C  CZ  . PHE A 42 ? 0.4148 0.4225 0.4613 0.0168  0.0538  -0.0269 295 PHE A CZ  
223 N  N   . TYR A 43 ? 0.4552 0.3554 0.4600 0.0790  0.1265  -0.0105 296 TYR A N   
224 C  CA  . TYR A 43 ? 0.4766 0.3438 0.4664 0.0948  0.1444  -0.0121 296 TYR A CA  
225 C  C   . TYR A 43 ? 0.5670 0.3969 0.5393 0.0776  0.1524  -0.0323 296 TYR A C   
226 O  O   . TYR A 43 ? 0.5527 0.3760 0.5273 0.0566  0.1474  -0.0407 296 TYR A O   
227 C  CB  . TYR A 43 ? 0.5026 0.3439 0.4843 0.1151  0.1545  0.0029  296 TYR A CB  
228 C  CG  . TYR A 43 ? 0.5327 0.3407 0.5034 0.1022  0.1588  0.0037  296 TYR A CG  
229 C  CD1 . TYR A 43 ? 0.5423 0.3724 0.5211 0.0971  0.1470  0.0130  296 TYR A CD1 
230 C  CD2 . TYR A 43 ? 0.5698 0.3212 0.5204 0.0952  0.1774  -0.0050 296 TYR A CD2 
231 C  CE1 . TYR A 43 ? 0.5654 0.3661 0.5337 0.0855  0.1551  0.0144  296 TYR A CE1 
232 C  CE2 . TYR A 43 ? 0.5930 0.3140 0.5361 0.0805  0.1856  -0.0037 296 TYR A CE2 
233 C  CZ  . TYR A 43 ? 0.6503 0.3980 0.6028 0.0764  0.1752  0.0068  296 TYR A CZ  
234 O  OH  . TYR A 43 ? 0.6609 0.3806 0.6057 0.0622  0.1867  0.0088  296 TYR A OH  
235 N  N   . TYR A 44 ? 0.5749 0.3828 0.5310 0.0864  0.1649  -0.0414 297 TYR A N   
236 C  CA  . TYR A 44 ? 0.6174 0.3872 0.5528 0.0705  0.1719  -0.0640 297 TYR A CA  
237 C  C   . TYR A 44 ? 0.7406 0.4539 0.6626 0.0690  0.1888  -0.0652 297 TYR A C   
238 O  O   . TYR A 44 ? 0.7494 0.4360 0.6617 0.0932  0.2038  -0.0524 297 TYR A O   
239 C  CB  . TYR A 44 ? 0.6501 0.4124 0.5664 0.0827  0.1811  -0.0736 297 TYR A CB  
240 C  CG  . TYR A 44 ? 0.7073 0.4290 0.5957 0.0673  0.1866  -0.1001 297 TYR A CG  
241 C  CD1 . TYR A 44 ? 0.7172 0.4463 0.6072 0.0389  0.1708  -0.1175 297 TYR A CD1 
242 C  CD2 . TYR A 44 ? 0.7558 0.4358 0.6164 0.0821  0.2063  -0.1096 297 TYR A CD2 
243 C  CE1 . TYR A 44 ? 0.7342 0.4320 0.6000 0.0231  0.1721  -0.1448 297 TYR A CE1 
244 C  CE2 . TYR A 44 ? 0.7967 0.4377 0.6278 0.0664  0.2099  -0.1373 297 TYR A CE2 
245 C  CZ  . TYR A 44 ? 0.8881 0.5392 0.7222 0.0356  0.1915  -0.1555 297 TYR A CZ  
246 O  OH  . TYR A 44 ? 0.9343 0.5515 0.7408 0.0181  0.1915  -0.1856 297 TYR A OH  
247 N  N   . VAL A 45 ? 0.7383 0.4345 0.6614 0.0411  0.1871  -0.0799 298 VAL A N   
248 C  CA  . VAL A 45 ? 0.7801 0.4194 0.6916 0.0325  0.2059  -0.0821 298 VAL A CA  
249 C  C   . VAL A 45 ? 0.9185 0.4979 0.8012 0.0302  0.2237  -0.1019 298 VAL A C   
250 O  O   . VAL A 45 ? 0.9471 0.4683 0.8159 0.0216  0.2429  -0.1054 298 VAL A O   
251 C  CB  . VAL A 45 ? 0.8168 0.4666 0.7478 0.0017  0.2001  -0.0890 298 VAL A CB  
252 C  CG1 . VAL A 45 ? 0.7888 0.4815 0.7397 0.0087  0.1888  -0.0678 298 VAL A CG1 
253 C  CG2 . VAL A 45 ? 0.8025 0.4784 0.7447 -0.0252 0.1840  -0.1158 298 VAL A CG2 
254 N  N   . GLY A 46 ? 0.9008 0.4908 0.7714 0.0380  0.2194  -0.1142 299 GLY A N   
255 C  CA  . GLY A 46 ? 0.9423 0.4778 0.7807 0.0370  0.2347  -0.1361 299 GLY A CA  
256 C  C   . GLY A 46 ? 1.0174 0.5382 0.8532 -0.0013 0.2279  -0.1668 299 GLY A C   
257 O  O   . GLY A 46 ? 1.0536 0.5123 0.8718 -0.0151 0.2451  -0.1819 299 GLY A O   
258 N  N   . ARG A 47 ? 0.9433 0.5220 0.7983 -0.0190 0.2021  -0.1760 300 ARG A N   
259 C  CA  . ARG A 47 ? 0.9244 0.5102 0.7858 -0.0543 0.1880  -0.2053 300 ARG A CA  
260 C  C   . ARG A 47 ? 0.9016 0.5495 0.7687 -0.0557 0.1596  -0.2116 300 ARG A C   
261 O  O   . ARG A 47 ? 0.8573 0.5555 0.7509 -0.0515 0.1455  -0.1939 300 ARG A O   
262 C  CB  . ARG A 47 ? 0.9338 0.5250 0.8284 -0.0788 0.1895  -0.2021 300 ARG A CB  
263 N  N   . ASN A 48 ? 0.8544 0.4938 0.6915 -0.0602 0.1518  -0.2365 301 ASN A N   
264 C  CA  . ASN A 48 ? 0.8276 0.5153 0.6568 -0.0591 0.1257  -0.2438 301 ASN A CA  
265 C  C   . ASN A 48 ? 0.8361 0.5599 0.6701 -0.0317 0.1241  -0.2130 301 ASN A C   
266 O  O   . ASN A 48 ? 0.8597 0.5652 0.6726 -0.0087 0.1409  -0.2026 301 ASN A O   
267 C  CB  . ASN A 48 ? 0.8211 0.5527 0.6815 -0.0861 0.0997  -0.2584 301 ASN A CB  
268 C  CG  . ASN A 48 ? 1.0276 0.7338 0.9040 -0.1187 0.1045  -0.2834 301 ASN A CG  
269 O  OD1 . ASN A 48 ? 0.9550 0.6094 0.8041 -0.1289 0.1169  -0.3057 301 ASN A OD1 
270 N  ND2 . ASN A 48 ? 0.8548 0.5962 0.7766 -0.1370 0.0966  -0.2808 301 ASN A ND2 
271 N  N   . ASP A 49 ? 0.7154 0.4899 0.5798 -0.0346 0.1058  -0.1993 302 ASP A N   
272 C  CA  . ASP A 49 ? 0.6826 0.4907 0.5571 -0.0150 0.1031  -0.1715 302 ASP A CA  
273 C  C   . ASP A 49 ? 0.6530 0.4855 0.5681 -0.0200 0.0990  -0.1545 302 ASP A C   
274 O  O   . ASP A 49 ? 0.6220 0.4894 0.5511 -0.0122 0.0890  -0.1371 302 ASP A O   
275 C  CB  . ASP A 49 ? 0.7041 0.5426 0.5590 -0.0100 0.0846  -0.1732 302 ASP A CB  
276 C  CG  . ASP A 49 ? 0.7997 0.6760 0.6711 -0.0231 0.0572  -0.1799 302 ASP A CG  
277 O  OD1 . ASP A 49 ? 0.8163 0.6951 0.7088 -0.0427 0.0502  -0.1965 302 ASP A OD1 
278 O  OD2 . ASP A 49 ? 0.8286 0.7318 0.6924 -0.0133 0.0443  -0.1686 302 ASP A OD2 
279 N  N   . ASP A 50 ? 0.5774 0.3859 0.5074 -0.0342 0.1090  -0.1605 303 ASP A N   
280 C  CA  . ASP A 50 ? 0.5511 0.3738 0.5131 -0.0401 0.1100  -0.1467 303 ASP A CA  
281 C  C   . ASP A 50 ? 0.5768 0.3942 0.5398 -0.0176 0.1225  -0.1196 303 ASP A C   
282 O  O   . ASP A 50 ? 0.5702 0.3514 0.5161 -0.0041 0.1405  -0.1150 303 ASP A O   
283 C  CB  . ASP A 50 ? 0.5780 0.3694 0.5503 -0.0626 0.1226  -0.1606 303 ASP A CB  
284 C  CG  . ASP A 50 ? 0.7002 0.4983 0.6787 -0.0899 0.1110  -0.1915 303 ASP A CG  
285 O  OD1 . ASP A 50 ? 0.6956 0.5331 0.6747 -0.0906 0.0874  -0.2012 303 ASP A OD1 
286 O  OD2 . ASP A 50 ? 0.8068 0.5702 0.7891 -0.1108 0.1252  -0.2063 303 ASP A OD2 
287 N  N   . VAL A 51 ? 0.4989 0.3530 0.4818 -0.0126 0.1117  -0.1030 304 VAL A N   
288 C  CA  . VAL A 51 ? 0.4795 0.3391 0.4677 0.0059  0.1175  -0.0791 304 VAL A CA  
289 C  C   . VAL A 51 ? 0.5308 0.3999 0.5382 -0.0018 0.1159  -0.0707 304 VAL A C   
290 O  O   . VAL A 51 ? 0.5027 0.3892 0.5252 -0.0186 0.1069  -0.0812 304 VAL A O   
291 C  CB  . VAL A 51 ? 0.5068 0.3996 0.4957 0.0201  0.1077  -0.0672 304 VAL A CB  
292 C  CG1 . VAL A 51 ? 0.5119 0.3935 0.4799 0.0303  0.1156  -0.0728 304 VAL A CG1 
293 C  CG2 . VAL A 51 ? 0.4842 0.4119 0.4840 0.0107  0.0881  -0.0691 304 VAL A CG2 
294 N  N   . LYS A 52 ? 0.5010 0.3600 0.5067 0.0124  0.1248  -0.0522 305 LYS A N   
295 C  CA  . LYS A 52 ? 0.4885 0.3524 0.5036 0.0094  0.1256  -0.0420 305 LYS A CA  
296 C  C   . LYS A 52 ? 0.5042 0.3896 0.5197 0.0285  0.1180  -0.0230 305 LYS A C   
297 O  O   . LYS A 52 ? 0.4975 0.3803 0.5058 0.0462  0.1208  -0.0149 305 LYS A O   
298 C  CB  . LYS A 52 ? 0.5430 0.3601 0.5466 0.0062  0.1473  -0.0393 305 LYS A CB  
299 C  CG  . LYS A 52 ? 0.7204 0.5195 0.7314 -0.0206 0.1559  -0.0594 305 LYS A CG  
300 C  CD  . LYS A 52 ? 0.8196 0.6338 0.8495 -0.0366 0.1580  -0.0593 305 LYS A CD  
301 C  CE  . LYS A 52 ? 1.0132 0.7914 1.0461 -0.0595 0.1794  -0.0699 305 LYS A CE  
302 N  NZ  . LYS A 52 ? 1.1581 0.9619 1.2169 -0.0772 0.1823  -0.0726 305 LYS A NZ  
303 N  N   . CYS A 53 ? 0.4309 0.3393 0.4559 0.0253  0.1084  -0.0175 306 CYS A N   
304 C  CA  . CYS A 53 ? 0.4141 0.3418 0.4382 0.0402  0.0996  -0.0024 306 CYS A CA  
305 C  C   . CYS A 53 ? 0.4665 0.3664 0.4736 0.0530  0.1119  0.0111  306 CYS A C   
306 O  O   . CYS A 53 ? 0.4683 0.3422 0.4679 0.0443  0.1249  0.0100  306 CYS A O   
307 C  CB  . CYS A 53 ? 0.4022 0.3578 0.4365 0.0323  0.0854  -0.0038 306 CYS A CB  
308 S  SG  . CYS A 53 ? 0.4451 0.4156 0.4732 0.0459  0.0757  0.0110  306 CYS A SG  
309 N  N   . PHE A 54 ? 0.4350 0.3411 0.4360 0.0743  0.1084  0.0241  307 PHE A N   
310 C  CA  . PHE A 54 ? 0.4500 0.3301 0.4293 0.0936  0.1174  0.0398  307 PHE A CA  
311 C  C   . PHE A 54 ? 0.5256 0.4043 0.4920 0.0916  0.1148  0.0470  307 PHE A C   
312 O  O   . PHE A 54 ? 0.5485 0.3920 0.4892 0.1011  0.1282  0.0584  307 PHE A O   
313 C  CB  . PHE A 54 ? 0.4586 0.3612 0.4414 0.1189  0.1086  0.0507  307 PHE A CB  
314 C  CG  . PHE A 54 ? 0.4580 0.4060 0.4516 0.1230  0.0868  0.0556  307 PHE A CG  
315 C  CD1 . PHE A 54 ? 0.4757 0.4623 0.4936 0.1086  0.0731  0.0462  307 PHE A CD1 
316 C  CD2 . PHE A 54 ? 0.4925 0.4406 0.4680 0.1404  0.0801  0.0688  307 PHE A CD2 
317 C  CE1 . PHE A 54 ? 0.4700 0.4930 0.4973 0.1084  0.0541  0.0483  307 PHE A CE1 
318 C  CE2 . PHE A 54 ? 0.5090 0.4985 0.4931 0.1412  0.0580  0.0696  307 PHE A CE2 
319 C  CZ  . PHE A 54 ? 0.4671 0.4930 0.4788 0.1237  0.0457  0.0585  307 PHE A CZ  
320 N  N   . CYS A 55 ? 0.4725 0.3853 0.4524 0.0806  0.0991  0.0408  308 CYS A N   
321 C  CA  . CYS A 55 ? 0.4775 0.3948 0.4451 0.0795  0.0941  0.0446  308 CYS A CA  
322 C  C   . CYS A 55 ? 0.4737 0.3759 0.4421 0.0611  0.1076  0.0367  308 CYS A C   
323 O  O   . CYS A 55 ? 0.4838 0.3588 0.4300 0.0636  0.1226  0.0447  308 CYS A O   
324 C  CB  . CYS A 55 ? 0.4834 0.4413 0.4642 0.0781  0.0712  0.0406  308 CYS A CB  
325 S  SG  . CYS A 55 ? 0.5486 0.5110 0.5115 0.0759  0.0635  0.0405  308 CYS A SG  
326 N  N   . CYS A 56 ? 0.3910 0.3126 0.3845 0.0439  0.1029  0.0219  309 CYS A N   
327 C  CA  . CYS A 56 ? 0.3741 0.2947 0.3784 0.0271  0.1129  0.0122  309 CYS A CA  
328 C  C   . CYS A 56 ? 0.4319 0.3310 0.4455 0.0131  0.1305  0.0044  309 CYS A C   
329 O  O   . CYS A 56 ? 0.4230 0.3235 0.4494 -0.0019 0.1416  -0.0034 309 CYS A O   
330 C  CB  . CYS A 56 ? 0.3483 0.3029 0.3736 0.0197  0.0966  0.0008  309 CYS A CB  
331 S  SG  . CYS A 56 ? 0.3787 0.3499 0.4247 0.0127  0.0849  -0.0109 309 CYS A SG  
332 N  N   . ASP A 57 ? 0.4103 0.2909 0.4194 0.0170  0.1338  0.0045  310 ASP A N   
333 C  CA  . ASP A 57 ? 0.4121 0.2669 0.4269 0.0020  0.1494  -0.0064 310 ASP A CA  
334 C  C   . ASP A 57 ? 0.4675 0.3528 0.5118 -0.0174 0.1391  -0.0272 310 ASP A C   
335 O  O   . ASP A 57 ? 0.4726 0.3475 0.5292 -0.0365 0.1497  -0.0408 310 ASP A O   
336 C  CB  . ASP A 57 ? 0.4514 0.2660 0.4524 -0.0052 0.1759  0.0000  310 ASP A CB  
337 C  CG  . ASP A 57 ? 0.6409 0.4099 0.6348 -0.0151 0.1957  -0.0056 310 ASP A CG  
338 O  OD1 . ASP A 57 ? 0.6734 0.4311 0.6599 -0.0054 0.1909  -0.0080 310 ASP A OD1 
339 O  OD2 . ASP A 57 ? 0.7240 0.4659 0.7187 -0.0329 0.2180  -0.0082 310 ASP A OD2 
340 N  N   . GLY A 58 ? 0.4187 0.3407 0.4729 -0.0123 0.1181  -0.0295 311 GLY A N   
341 C  CA  . GLY A 58 ? 0.4070 0.3588 0.4828 -0.0238 0.1045  -0.0459 311 GLY A CA  
342 C  C   . GLY A 58 ? 0.4672 0.4105 0.5388 -0.0270 0.1012  -0.0565 311 GLY A C   
343 O  O   . GLY A 58 ? 0.4675 0.4026 0.5233 -0.0137 0.0985  -0.0492 311 GLY A O   
344 N  N   . GLY A 59 ? 0.4230 0.3693 0.5088 -0.0448 0.1021  -0.0750 312 GLY A N   
345 C  CA  . GLY A 59 ? 0.4294 0.3645 0.5066 -0.0500 0.0989  -0.0893 312 GLY A CA  
346 C  C   . GLY A 59 ? 0.4641 0.4325 0.5446 -0.0483 0.0762  -0.0990 312 GLY A C   
347 O  O   . GLY A 59 ? 0.4472 0.4487 0.5484 -0.0536 0.0640  -0.1054 312 GLY A O   
348 N  N   . LEU A 60 ? 0.4164 0.3751 0.4744 -0.0388 0.0719  -0.0993 313 LEU A N   
349 C  CA  . LEU A 60 ? 0.4089 0.3905 0.4592 -0.0351 0.0528  -0.1063 313 LEU A CA  
350 C  C   . LEU A 60 ? 0.4732 0.4346 0.4999 -0.0378 0.0541  -0.1212 313 LEU A C   
351 O  O   . LEU A 60 ? 0.4801 0.4094 0.4899 -0.0320 0.0701  -0.1177 313 LEU A O   
352 C  CB  . LEU A 60 ? 0.4073 0.4009 0.4485 -0.0182 0.0462  -0.0878 313 LEU A CB  
353 C  CG  . LEU A 60 ? 0.4439 0.4607 0.5017 -0.0150 0.0376  -0.0781 313 LEU A CG  
354 C  CD1 . LEU A 60 ? 0.4456 0.4657 0.4925 -0.0025 0.0341  -0.0619 313 LEU A CD1 
355 C  CD2 . LEU A 60 ? 0.4646 0.5083 0.5345 -0.0192 0.0208  -0.0900 313 LEU A CD2 
356 N  N   . ARG A 61 ? 0.4367 0.4169 0.4601 -0.0443 0.0365  -0.1384 314 ARG A N   
357 C  CA  . ARG A 61 ? 0.4611 0.4245 0.4562 -0.0473 0.0336  -0.1565 314 ARG A CA  
358 C  C   . ARG A 61 ? 0.5400 0.5305 0.5189 -0.0402 0.0099  -0.1614 314 ARG A C   
359 O  O   . ARG A 61 ? 0.5176 0.5372 0.5105 -0.0332 -0.0030 -0.1507 314 ARG A O   
360 C  CB  . ARG A 61 ? 0.4520 0.3989 0.4567 -0.0703 0.0390  -0.1811 314 ARG A CB  
361 C  CG  . ARG A 61 ? 0.5132 0.4986 0.5551 -0.0885 0.0238  -0.1963 314 ARG A CG  
362 C  CD  . ARG A 61 ? 0.6895 0.6631 0.7376 -0.1147 0.0246  -0.2266 314 ARG A CD  
363 N  NE  . ARG A 61 ? 0.8821 0.8094 0.9337 -0.1276 0.0535  -0.2258 314 ARG A NE  
364 C  CZ  . ARG A 61 ? 1.1270 1.0440 1.2003 -0.1564 0.0619  -0.2466 314 ARG A CZ  
365 N  NH1 . ARG A 61 ? 1.0215 0.9804 1.1217 -0.1768 0.0415  -0.2720 314 ARG A NH1 
366 N  NH2 . ARG A 61 ? 0.9593 0.8242 1.0279 -0.1651 0.0909  -0.2417 314 ARG A NH2 
367 N  N   . CYS A 62 ? 0.5364 0.5130 0.4810 -0.0400 0.0049  -0.1773 315 CYS A N   
368 C  CA  . CYS A 62 ? 0.5563 0.5508 0.4725 -0.0310 -0.0170 -0.1827 315 CYS A CA  
369 C  C   . CYS A 62 ? 0.6114 0.6093 0.5101 -0.0105 -0.0157 -0.1559 315 CYS A C   
370 O  O   . CYS A 62 ? 0.5964 0.6179 0.4944 -0.0020 -0.0335 -0.1488 315 CYS A O   
371 C  CB  . CYS A 62 ? 0.5486 0.5832 0.4891 -0.0405 -0.0434 -0.1996 315 CYS A CB  
372 S  SG  . CYS A 62 ? 0.5980 0.6320 0.5637 -0.0712 -0.0441 -0.2343 315 CYS A SG  
373 N  N   . TRP A 63 ? 0.5836 0.5568 0.4693 -0.0027 0.0066  -0.1416 316 TRP A N   
374 C  CA  . TRP A 63 ? 0.5807 0.5546 0.4540 0.0118  0.0135  -0.1176 316 TRP A CA  
375 C  C   . TRP A 63 ? 0.6683 0.6373 0.4944 0.0221  0.0060  -0.1180 316 TRP A C   
376 O  O   . TRP A 63 ? 0.6917 0.6406 0.4834 0.0241  0.0135  -0.1297 316 TRP A O   
377 C  CB  . TRP A 63 ? 0.5570 0.5139 0.4368 0.0163  0.0392  -0.1055 316 TRP A CB  
378 C  CG  . TRP A 63 ? 0.5437 0.5055 0.4632 0.0111  0.0451  -0.0984 316 TRP A CG  
379 C  CD1 . TRP A 63 ? 0.5783 0.5251 0.5122 0.0026  0.0530  -0.1087 316 TRP A CD1 
380 C  CD2 . TRP A 63 ? 0.5215 0.5003 0.4657 0.0138  0.0439  -0.0796 316 TRP A CD2 
381 N  NE1 . TRP A 63 ? 0.5547 0.5088 0.5181 0.0021  0.0573  -0.0956 316 TRP A NE1 
382 C  CE2 . TRP A 63 ? 0.5601 0.5354 0.5304 0.0088  0.0505  -0.0791 316 TRP A CE2 
383 C  CE3 . TRP A 63 ? 0.5306 0.5227 0.4739 0.0193  0.0389  -0.0637 316 TRP A CE3 
384 C  CZ2 . TRP A 63 ? 0.5393 0.5271 0.5322 0.0105  0.0503  -0.0644 316 TRP A CZ2 
385 C  CZ3 . TRP A 63 ? 0.5343 0.5378 0.5036 0.0185  0.0386  -0.0509 316 TRP A CZ3 
386 C  CH2 . TRP A 63 ? 0.5334 0.5363 0.5261 0.0149  0.0432  -0.0519 316 TRP A CH2 
387 N  N   . GLU A 64 ? 0.6313 0.6146 0.4513 0.0298  -0.0082 -0.1054 317 GLU A N   
388 C  CA  . GLU A 64 ? 0.6575 0.6332 0.4277 0.0422  -0.0162 -0.1012 317 GLU A CA  
389 C  C   . GLU A 64 ? 0.7467 0.7068 0.4991 0.0502  0.0048  -0.0766 317 GLU A C   
390 O  O   . GLU A 64 ? 0.7322 0.6952 0.5175 0.0457  0.0205  -0.0641 317 GLU A O   
391 C  CB  . GLU A 64 ? 0.6655 0.6626 0.4366 0.0487  -0.0445 -0.1015 317 GLU A CB  
392 N  N   . SER A 65 ? 0.7385 0.6832 0.4383 0.0614  0.0052  -0.0700 318 SER A N   
393 C  CA  . SER A 65 ? 0.7538 0.6828 0.4338 0.0665  0.0275  -0.0467 318 SER A CA  
394 C  C   . SER A 65 ? 0.7872 0.7207 0.4886 0.0664  0.0224  -0.0268 318 SER A C   
395 O  O   . SER A 65 ? 0.7838 0.7241 0.4839 0.0723  -0.0010 -0.0282 318 SER A O   
396 C  CB  . SER A 65 ? 0.8428 0.7493 0.4538 0.0787  0.0302  -0.0448 318 SER A CB  
397 O  OG  . SER A 65 ? 0.9962 0.8867 0.5903 0.0804  0.0591  -0.0237 318 SER A OG  
398 N  N   . GLY A 66 ? 0.7283 0.6601 0.4515 0.0598  0.0441  -0.0105 319 GLY A N   
399 C  CA  . GLY A 66 ? 0.7176 0.6481 0.4607 0.0563  0.0431  0.0066  319 GLY A CA  
400 C  C   . GLY A 66 ? 0.7244 0.6756 0.5203 0.0488  0.0319  0.0009  319 GLY A C   
401 O  O   . GLY A 66 ? 0.7268 0.6749 0.5361 0.0470  0.0271  0.0109  319 GLY A O   
402 N  N   . ASP A 67 ? 0.6327 0.5999 0.4543 0.0446  0.0294  -0.0154 320 ASP A N   
403 C  CA  . ASP A 67 ? 0.5897 0.5738 0.4565 0.0377  0.0224  -0.0206 320 ASP A CA  
404 C  C   . ASP A 67 ? 0.5961 0.5861 0.4923 0.0306  0.0387  -0.0098 320 ASP A C   
405 O  O   . ASP A 67 ? 0.5855 0.5769 0.4831 0.0301  0.0556  -0.0085 320 ASP A O   
406 C  CB  . ASP A 67 ? 0.5953 0.5874 0.4744 0.0345  0.0181  -0.0403 320 ASP A CB  
407 C  CG  . ASP A 67 ? 0.6131 0.6168 0.4954 0.0349  -0.0038 -0.0551 320 ASP A CG  
408 O  OD1 . ASP A 67 ? 0.6144 0.6195 0.4776 0.0436  -0.0189 -0.0516 320 ASP A OD1 
409 O  OD2 . ASP A 67 ? 0.6300 0.6416 0.5346 0.0269  -0.0054 -0.0700 320 ASP A OD2 
410 N  N   . ASP A 68 ? 0.5338 0.5291 0.4534 0.0264  0.0325  -0.0035 321 ASP A N   
411 C  CA  . ASP A 68 ? 0.5100 0.5156 0.4592 0.0189  0.0420  0.0040  321 ASP A CA  
412 C  C   . ASP A 68 ? 0.4997 0.5173 0.4761 0.0180  0.0360  -0.0049 321 ASP A C   
413 O  O   . ASP A 68 ? 0.4795 0.4975 0.4613 0.0185  0.0236  -0.0094 321 ASP A O   
414 C  CB  . ASP A 68 ? 0.5404 0.5374 0.4904 0.0134  0.0395  0.0151  321 ASP A CB  
415 C  CG  . ASP A 68 ? 0.6686 0.6787 0.6486 0.0028  0.0457  0.0204  321 ASP A CG  
416 O  OD1 . ASP A 68 ? 0.6575 0.6877 0.6610 0.0030  0.0494  0.0167  321 ASP A OD1 
417 O  OD2 . ASP A 68 ? 0.7531 0.7524 0.7317 -0.0052 0.0461  0.0277  321 ASP A OD2 
418 N  N   . PRO A 69 ? 0.4249 0.4510 0.4168 0.0188  0.0463  -0.0068 322 PRO A N   
419 C  CA  . PRO A 69 ? 0.4087 0.4383 0.4189 0.0191  0.0435  -0.0128 322 PRO A CA  
420 C  C   . PRO A 69 ? 0.4279 0.4640 0.4549 0.0157  0.0351  -0.0089 322 PRO A C   
421 O  O   . PRO A 69 ? 0.4201 0.4547 0.4536 0.0154  0.0310  -0.0150 322 PRO A O   
422 C  CB  . PRO A 69 ? 0.4267 0.4602 0.4453 0.0247  0.0576  -0.0107 322 PRO A CB  
423 C  CG  . PRO A 69 ? 0.4870 0.5168 0.4874 0.0277  0.0679  -0.0102 322 PRO A CG  
424 C  CD  . PRO A 69 ? 0.4353 0.4659 0.4262 0.0219  0.0628  -0.0027 322 PRO A CD  
425 N  N   . TRP A 70 ? 0.3599 0.4020 0.3926 0.0118  0.0342  -0.0002 323 TRP A N   
426 C  CA  . TRP A 70 ? 0.3547 0.3991 0.3973 0.0081  0.0258  0.0015  323 TRP A CA  
427 C  C   . TRP A 70 ? 0.4170 0.4493 0.4492 0.0090  0.0164  -0.0028 323 TRP A C   
428 O  O   . TRP A 70 ? 0.4057 0.4380 0.4441 0.0099  0.0116  -0.0062 323 TRP A O   
429 C  CB  . TRP A 70 ? 0.3356 0.3869 0.3859 0.0000  0.0265  0.0087  323 TRP A CB  
430 C  CG  . TRP A 70 ? 0.3341 0.4087 0.4056 0.0000  0.0297  0.0116  323 TRP A CG  
431 C  CD1 . TRP A 70 ? 0.3625 0.4560 0.4486 -0.0043 0.0375  0.0168  323 TRP A CD1 
432 C  CD2 . TRP A 70 ? 0.3242 0.4081 0.4050 0.0059  0.0246  0.0104  323 TRP A CD2 
433 N  NE1 . TRP A 70 ? 0.3452 0.4646 0.4533 0.0000  0.0349  0.0179  323 TRP A NE1 
434 C  CE2 . TRP A 70 ? 0.3615 0.4724 0.4626 0.0074  0.0265  0.0149  323 TRP A CE2 
435 C  CE3 . TRP A 70 ? 0.3455 0.4185 0.4187 0.0111  0.0201  0.0067  323 TRP A CE3 
436 C  CZ2 . TRP A 70 ? 0.3423 0.4675 0.4517 0.0166  0.0208  0.0163  323 TRP A CZ2 
437 C  CZ3 . TRP A 70 ? 0.3593 0.4409 0.4370 0.0183  0.0180  0.0091  323 TRP A CZ3 
438 C  CH2 . TRP A 70 ? 0.3534 0.4601 0.4468 0.0223  0.0167  0.0141  323 TRP A CH2 
439 N  N   . VAL A 71 ? 0.3772 0.3993 0.3915 0.0112  0.0144  -0.0018 324 VAL A N   
440 C  CA  . VAL A 71 ? 0.3696 0.3830 0.3734 0.0171  0.0041  -0.0048 324 VAL A CA  
441 C  C   . VAL A 71 ? 0.3970 0.4229 0.4111 0.0209  -0.0006 -0.0164 324 VAL A C   
442 O  O   . VAL A 71 ? 0.3795 0.4101 0.4039 0.0238  -0.0061 -0.0208 324 VAL A O   
443 C  CB  . VAL A 71 ? 0.4259 0.4231 0.4022 0.0217  0.0024  0.0016  324 VAL A CB  
444 C  CG1 . VAL A 71 ? 0.4235 0.4160 0.3897 0.0337  -0.0108 -0.0016 324 VAL A CG1 
445 C  CG2 . VAL A 71 ? 0.4302 0.4112 0.3991 0.0138  0.0103  0.0132  324 VAL A CG2 
446 N  N   . GLU A 72 ? 0.3443 0.3749 0.3573 0.0192  0.0039  -0.0223 325 GLU A N   
447 C  CA  . GLU A 72 ? 0.3283 0.3687 0.3530 0.0175  0.0018  -0.0354 325 GLU A CA  
448 C  C   . GLU A 72 ? 0.3410 0.3850 0.3864 0.0133  0.0085  -0.0363 325 GLU A C   
449 O  O   . GLU A 72 ? 0.3053 0.3587 0.3653 0.0110  0.0067  -0.0450 325 GLU A O   
450 C  CB  . GLU A 72 ? 0.3515 0.3875 0.3655 0.0151  0.0073  -0.0427 325 GLU A CB  
451 C  CG  . GLU A 72 ? 0.4401 0.4717 0.4266 0.0204  0.0003  -0.0440 325 GLU A CG  
452 C  CD  . GLU A 72 ? 0.6930 0.7347 0.6744 0.0269  -0.0174 -0.0486 325 GLU A CD  
453 O  OE1 . GLU A 72 ? 0.6256 0.6843 0.6240 0.0239  -0.0261 -0.0628 325 GLU A OE1 
454 O  OE2 . GLU A 72 ? 0.5872 0.6196 0.5486 0.0354  -0.0222 -0.0376 325 GLU A OE2 
455 N  N   . HIS A 73 ? 0.3120 0.3504 0.3584 0.0128  0.0161  -0.0272 326 HIS A N   
456 C  CA  . HIS A 73 ? 0.3078 0.3457 0.3645 0.0120  0.0220  -0.0252 326 HIS A CA  
457 C  C   . HIS A 73 ? 0.3435 0.3846 0.4044 0.0133  0.0161  -0.0260 326 HIS A C   
458 O  O   . HIS A 73 ? 0.3262 0.3703 0.3965 0.0121  0.0208  -0.0309 326 HIS A O   
459 C  CB  . HIS A 73 ? 0.3188 0.3556 0.3737 0.0143  0.0264  -0.0152 326 HIS A CB  
460 C  CG  . HIS A 73 ? 0.3668 0.3986 0.4241 0.0174  0.0344  -0.0125 326 HIS A CG  
461 N  ND1 . HIS A 73 ? 0.3947 0.4267 0.4514 0.0238  0.0399  -0.0053 326 HIS A ND1 
462 C  CD2 . HIS A 73 ? 0.3976 0.4228 0.4560 0.0164  0.0393  -0.0148 326 HIS A CD2 
463 C  CE1 . HIS A 73 ? 0.3978 0.4192 0.4505 0.0282  0.0464  -0.0024 326 HIS A CE1 
464 N  NE2 . HIS A 73 ? 0.4051 0.4204 0.4576 0.0224  0.0479  -0.0078 326 HIS A NE2 
465 N  N   . ALA A 74 ? 0.3048 0.3426 0.3577 0.0156  0.0085  -0.0217 327 ALA A N   
466 C  CA  . ALA A 74 ? 0.3123 0.3467 0.3644 0.0196  0.0037  -0.0230 327 ALA A CA  
467 C  C   . ALA A 74 ? 0.3727 0.4166 0.4322 0.0259  -0.0014 -0.0306 327 ALA A C   
468 O  O   . ALA A 74 ? 0.3530 0.3994 0.4184 0.0311  -0.0012 -0.0341 327 ALA A O   
469 C  CB  . ALA A 74 ? 0.3273 0.3478 0.3662 0.0186  -0.0013 -0.0167 327 ALA A CB  
470 N  N   . LYS A 75 ? 0.3576 0.4092 0.4168 0.0266  -0.0065 -0.0343 328 LYS A N   
471 C  CA  . LYS A 75 ? 0.3510 0.4198 0.4199 0.0337  -0.0156 -0.0428 328 LYS A CA  
472 C  C   . LYS A 75 ? 0.3962 0.4866 0.4925 0.0271  -0.0095 -0.0541 328 LYS A C   
473 O  O   . LYS A 75 ? 0.3759 0.4855 0.4907 0.0329  -0.0122 -0.0604 328 LYS A O   
474 C  CB  . LYS A 75 ? 0.3899 0.4596 0.4437 0.0362  -0.0247 -0.0440 328 LYS A CB  
475 C  CG  . LYS A 75 ? 0.6482 0.7342 0.7030 0.0493  -0.0403 -0.0496 328 LYS A CG  
476 C  CD  . LYS A 75 ? 0.7855 0.8748 0.8217 0.0507  -0.0502 -0.0538 328 LYS A CD  
477 C  CE  . LYS A 75 ? 0.9341 0.9940 0.9320 0.0563  -0.0493 -0.0397 328 LYS A CE  
478 N  NZ  . LYS A 75 ? 1.0875 1.1472 1.0620 0.0563  -0.0545 -0.0445 328 LYS A NZ  
479 N  N   . TRP A 76 ? 0.3716 0.4581 0.4714 0.0154  0.0005  -0.0565 329 TRP A N   
480 C  CA  . TRP A 76 ? 0.3525 0.4520 0.4757 0.0049  0.0100  -0.0669 329 TRP A CA  
481 C  C   . TRP A 76 ? 0.3564 0.4435 0.4816 0.0009  0.0271  -0.0610 329 TRP A C   
482 O  O   . TRP A 76 ? 0.3318 0.4306 0.4775 -0.0055 0.0372  -0.0675 329 TRP A O   
483 C  CB  . TRP A 76 ? 0.3475 0.4438 0.4691 -0.0056 0.0109  -0.0756 329 TRP A CB  
484 C  CG  . TRP A 76 ? 0.3672 0.4758 0.4812 -0.0012 -0.0066 -0.0831 329 TRP A CG  
485 C  CD1 . TRP A 76 ? 0.4179 0.5108 0.5038 0.0030  -0.0114 -0.0789 329 TRP A CD1 
486 C  CD2 . TRP A 76 ? 0.3534 0.4943 0.4857 0.0018  -0.0220 -0.0954 329 TRP A CD2 
487 N  NE1 . TRP A 76 ? 0.4108 0.5191 0.4898 0.0085  -0.0287 -0.0872 329 TRP A NE1 
488 C  CE2 . TRP A 76 ? 0.4128 0.5524 0.5207 0.0088  -0.0375 -0.0976 329 TRP A CE2 
489 C  CE3 . TRP A 76 ? 0.3540 0.5280 0.5217 0.0006  -0.0237 -0.1047 329 TRP A CE3 
490 C  CZ2 . TRP A 76 ? 0.3988 0.5687 0.5137 0.0161  -0.0581 -0.1086 329 TRP A CZ2 
491 C  CZ3 . TRP A 76 ? 0.3612 0.5709 0.5438 0.0074  -0.0437 -0.1166 329 TRP A CZ3 
492 C  CH2 . TRP A 76 ? 0.3798 0.5870 0.5347 0.0158  -0.0623 -0.1183 329 TRP A CH2 
493 N  N   . PHE A 77 ? 0.2958 0.3614 0.4000 0.0046  0.0307  -0.0490 330 PHE A N   
494 C  CA  . PHE A 77 ? 0.2844 0.3365 0.3825 0.0040  0.0445  -0.0422 330 PHE A CA  
495 C  C   . PHE A 77 ? 0.3230 0.3678 0.4046 0.0128  0.0388  -0.0341 330 PHE A C   
496 O  O   . PHE A 77 ? 0.3073 0.3404 0.3736 0.0149  0.0389  -0.0257 330 PHE A O   
497 C  CB  . PHE A 77 ? 0.3053 0.3383 0.3936 0.0002  0.0546  -0.0373 330 PHE A CB  
498 C  CG  . PHE A 77 ? 0.3111 0.3447 0.4104 -0.0099 0.0579  -0.0481 330 PHE A CG  
499 C  CD1 . PHE A 77 ? 0.3432 0.3828 0.4621 -0.0219 0.0682  -0.0583 330 PHE A CD1 
500 C  CD2 . PHE A 77 ? 0.3470 0.3763 0.4373 -0.0088 0.0514  -0.0497 330 PHE A CD2 
501 C  CE1 . PHE A 77 ? 0.3492 0.3901 0.4788 -0.0345 0.0690  -0.0720 330 PHE A CE1 
502 C  CE2 . PHE A 77 ? 0.3703 0.3975 0.4658 -0.0185 0.0532  -0.0626 330 PHE A CE2 
503 C  CZ  . PHE A 77 ? 0.3391 0.3718 0.4542 -0.0320 0.0606  -0.0746 330 PHE A CZ  
504 N  N   . PRO A 78 ? 0.2730 0.3255 0.3579 0.0186  0.0333  -0.0379 331 PRO A N   
505 C  CA  . PRO A 78 ? 0.2760 0.3158 0.3424 0.0248  0.0273  -0.0333 331 PRO A CA  
506 C  C   . PRO A 78 ? 0.3369 0.3645 0.3863 0.0259  0.0350  -0.0290 331 PRO A C   
507 O  O   . PRO A 78 ? 0.3284 0.3461 0.3607 0.0275  0.0271  -0.0259 331 PRO A O   
508 C  CB  . PRO A 78 ? 0.2954 0.3416 0.3684 0.0330  0.0230  -0.0396 331 PRO A CB  
509 C  CG  . PRO A 78 ? 0.3355 0.4049 0.4349 0.0316  0.0307  -0.0473 331 PRO A CG  
510 C  CD  . PRO A 78 ? 0.2772 0.3506 0.3836 0.0211  0.0310  -0.0475 331 PRO A CD  
511 N  N   . ARG A 79 ? 0.3005 0.3283 0.3530 0.0245  0.0504  -0.0291 332 ARG A N   
512 C  CA  . ARG A 79 ? 0.3207 0.3336 0.3497 0.0283  0.0593  -0.0236 332 ARG A CA  
513 C  C   . ARG A 79 ? 0.3799 0.3818 0.3940 0.0289  0.0597  -0.0134 332 ARG A C   
514 O  O   . ARG A 79 ? 0.3911 0.3797 0.3808 0.0348  0.0657  -0.0070 332 ARG A O   
515 C  CB  . ARG A 79 ? 0.3237 0.3378 0.3581 0.0277  0.0798  -0.0264 332 ARG A CB  
516 C  CG  . ARG A 79 ? 0.4740 0.5062 0.5296 0.0307  0.0812  -0.0368 332 ARG A CG  
517 C  CD  . ARG A 79 ? 0.6405 0.6619 0.6735 0.0414  0.0819  -0.0392 332 ARG A CD  
518 N  NE  . ARG A 79 ? 0.7101 0.7483 0.7644 0.0487  0.0811  -0.0487 332 ARG A NE  
519 C  CZ  . ARG A 79 ? 0.8691 0.8956 0.9069 0.0603  0.0772  -0.0533 332 ARG A CZ  
520 N  NH1 . ARG A 79 ? 0.6525 0.6517 0.6523 0.0625  0.0727  -0.0515 332 ARG A NH1 
521 N  NH2 . ARG A 79 ? 0.7426 0.7844 0.8012 0.0710  0.0770  -0.0606 332 ARG A NH2 
522 N  N   . CYS A 80 ? 0.3360 0.3429 0.3615 0.0257  0.0533  -0.0114 333 CYS A N   
523 C  CA  . CYS A 80 ? 0.3224 0.3219 0.3376 0.0303  0.0536  -0.0019 333 CYS A CA  
524 C  C   . CYS A 80 ? 0.3546 0.3566 0.3516 0.0377  0.0405  0.0032  333 CYS A C   
525 O  O   . CYS A 80 ? 0.3271 0.3399 0.3292 0.0342  0.0266  -0.0012 333 CYS A O   
526 C  CB  . CYS A 80 ? 0.3193 0.3254 0.3503 0.0268  0.0503  -0.0029 333 CYS A CB  
527 S  SG  . CYS A 80 ? 0.3743 0.3749 0.3965 0.0373  0.0515  0.0085  333 CYS A SG  
528 N  N   . GLU A 81 ? 0.3306 0.3213 0.3049 0.0476  0.0447  0.0123  334 GLU A N   
529 C  CA  . GLU A 81 ? 0.3389 0.3363 0.2943 0.0560  0.0296  0.0160  334 GLU A CA  
530 C  C   . GLU A 81 ? 0.3830 0.4045 0.3575 0.0554  0.0138  0.0168  334 GLU A C   
531 O  O   . GLU A 81 ? 0.3853 0.4219 0.3608 0.0513  -0.0024 0.0115  334 GLU A O   
532 C  CB  . GLU A 81 ? 0.3752 0.3547 0.2988 0.0705  0.0373  0.0278  334 GLU A CB  
533 N  N   . PHE A 82 ? 0.3311 0.3558 0.3217 0.0581  0.0203  0.0218  335 PHE A N   
534 C  CA  . PHE A 82 ? 0.3034 0.3531 0.3156 0.0584  0.0109  0.0230  335 PHE A CA  
535 C  C   . PHE A 82 ? 0.3236 0.3851 0.3542 0.0425  0.0045  0.0141  335 PHE A C   
536 O  O   . PHE A 82 ? 0.3017 0.3847 0.3440 0.0375  -0.0076 0.0124  335 PHE A O   
537 C  CB  . PHE A 82 ? 0.3212 0.3642 0.3408 0.0668  0.0238  0.0292  335 PHE A CB  
538 C  CG  . PHE A 82 ? 0.3266 0.3951 0.3702 0.0679  0.0198  0.0299  335 PHE A CG  
539 C  CD1 . PHE A 82 ? 0.3495 0.4460 0.4024 0.0798  0.0095  0.0359  335 PHE A CD1 
540 C  CD2 . PHE A 82 ? 0.3477 0.4146 0.4042 0.0584  0.0273  0.0243  335 PHE A CD2 
541 C  CE1 . PHE A 82 ? 0.3462 0.4710 0.4261 0.0809  0.0096  0.0364  335 PHE A CE1 
542 C  CE2 . PHE A 82 ? 0.3688 0.4579 0.4444 0.0600  0.0278  0.0256  335 PHE A CE2 
543 C  CZ  . PHE A 82 ? 0.3365 0.4555 0.4263 0.0705  0.0204  0.0316  335 PHE A CZ  
544 N  N   . LEU A 83 ? 0.2823 0.3298 0.3152 0.0348  0.0126  0.0085  336 LEU A N   
545 C  CA  . LEU A 83 ? 0.2649 0.3157 0.3073 0.0236  0.0077  0.0023  336 LEU A CA  
546 C  C   . LEU A 83 ? 0.3176 0.3676 0.3521 0.0178  -0.0037 -0.0026 336 LEU A C   
547 O  O   . LEU A 83 ? 0.3073 0.3653 0.3502 0.0089  -0.0108 -0.0041 336 LEU A O   
548 C  CB  . LEU A 83 ? 0.2645 0.3032 0.3082 0.0211  0.0156  -0.0029 336 LEU A CB  
549 C  CG  . LEU A 83 ? 0.3106 0.3459 0.3553 0.0152  0.0099  -0.0083 336 LEU A CG  
550 C  CD1 . LEU A 83 ? 0.2965 0.3366 0.3472 0.0113  0.0088  -0.0062 336 LEU A CD1 
551 C  CD2 . LEU A 83 ? 0.3179 0.3479 0.3640 0.0172  0.0144  -0.0145 336 LEU A CD2 
552 N  N   . ILE A 84 ? 0.2742 0.3119 0.2903 0.0222  -0.0035 -0.0054 337 ILE A N   
553 C  CA  . ILE A 84 ? 0.2828 0.3137 0.2845 0.0179  -0.0135 -0.0126 337 ILE A CA  
554 C  C   . ILE A 84 ? 0.3335 0.3829 0.3371 0.0140  -0.0283 -0.0129 337 ILE A C   
555 O  O   . ILE A 84 ? 0.3346 0.3838 0.3407 0.0019  -0.0376 -0.0200 337 ILE A O   
556 C  CB  . ILE A 84 ? 0.3289 0.3423 0.3066 0.0255  -0.0070 -0.0160 337 ILE A CB  
557 C  CG1 . ILE A 84 ? 0.3394 0.3439 0.3251 0.0270  0.0060  -0.0187 337 ILE A CG1 
558 C  CG2 . ILE A 84 ? 0.3493 0.3521 0.3051 0.0226  -0.0177 -0.0252 337 ILE A CG2 
559 C  CD1 . ILE A 84 ? 0.4379 0.4328 0.4099 0.0346  0.0207  -0.0187 337 ILE A CD1 
560 N  N   . ARG A 85 ? 0.3019 0.3670 0.3049 0.0245  -0.0305 -0.0055 338 ARG A N   
561 C  CA  . ARG A 85 ? 0.2883 0.3810 0.2976 0.0242  -0.0471 -0.0058 338 ARG A CA  
562 C  C   . ARG A 85 ? 0.3298 0.4485 0.3740 0.0116  -0.0506 -0.0066 338 ARG A C   
563 O  O   . ARG A 85 ? 0.3181 0.4572 0.3732 0.0000  -0.0647 -0.0136 338 ARG A O   
564 C  CB  . ARG A 85 ? 0.2808 0.3830 0.2808 0.0444  -0.0471 0.0051  338 ARG A CB  
565 C  CG  . ARG A 85 ? 0.3253 0.4599 0.3264 0.0498  -0.0685 0.0041  338 ARG A CG  
566 C  CD  . ARG A 85 ? 0.3888 0.5307 0.3784 0.0752  -0.0685 0.0178  338 ARG A CD  
567 N  NE  . ARG A 85 ? 0.4876 0.6384 0.5033 0.0835  -0.0557 0.0276  338 ARG A NE  
568 C  CZ  . ARG A 85 ? 0.6804 0.8717 0.7326 0.0839  -0.0625 0.0284  338 ARG A CZ  
569 N  NH1 . ARG A 85 ? 0.5513 0.7819 0.6241 0.0731  -0.0828 0.0194  338 ARG A NH1 
570 N  NH2 . ARG A 85 ? 0.4743 0.6674 0.5437 0.0940  -0.0478 0.0366  338 ARG A NH2 
571 N  N   . MET A 86 ? 0.2996 0.4180 0.3602 0.0124  -0.0368 -0.0004 339 MET A N   
572 C  CA  . MET A 86 ? 0.2780 0.4186 0.3680 0.0020  -0.0347 0.0008  339 MET A CA  
573 C  C   . MET A 86 ? 0.3055 0.4286 0.3958 -0.0169 -0.0324 -0.0049 339 MET A C   
574 O  O   . MET A 86 ? 0.2835 0.4229 0.3920 -0.0327 -0.0369 -0.0081 339 MET A O   
575 C  CB  . MET A 86 ? 0.3049 0.4483 0.4048 0.0128  -0.0197 0.0091  339 MET A CB  
576 C  CG  . MET A 86 ? 0.3568 0.5151 0.4587 0.0329  -0.0194 0.0166  339 MET A CG  
577 S  SD  . MET A 86 ? 0.4025 0.6115 0.5288 0.0370  -0.0373 0.0173  339 MET A SD  
578 C  CE  . MET A 86 ? 0.3404 0.5824 0.5081 0.0278  -0.0264 0.0187  339 MET A CE  
579 N  N   . LYS A 87 ? 0.2656 0.3563 0.3373 -0.0148 -0.0249 -0.0057 340 LYS A N   
580 C  CA  . LYS A 87 ? 0.2781 0.3453 0.3440 -0.0262 -0.0215 -0.0083 340 LYS A CA  
581 C  C   . LYS A 87 ? 0.3279 0.3685 0.3737 -0.0318 -0.0286 -0.0174 340 LYS A C   
582 O  O   . LYS A 87 ? 0.3173 0.3385 0.3594 -0.0441 -0.0279 -0.0197 340 LYS A O   
583 C  CB  . LYS A 87 ? 0.3062 0.3580 0.3652 -0.0178 -0.0108 -0.0041 340 LYS A CB  
584 C  CG  . LYS A 87 ? 0.2994 0.3683 0.3717 -0.0138 -0.0017 0.0024  340 LYS A CG  
585 C  CD  . LYS A 87 ? 0.3497 0.4319 0.4368 -0.0258 0.0029  0.0064  340 LYS A CD  
586 C  CE  . LYS A 87 ? 0.5048 0.5629 0.5780 -0.0314 0.0101  0.0095  340 LYS A CE  
587 N  NZ  . LYS A 87 ? 0.6666 0.7380 0.7533 -0.0425 0.0205  0.0153  340 LYS A NZ  
588 N  N   . GLY A 88 ? 0.2993 0.3344 0.3289 -0.0221 -0.0328 -0.0218 341 GLY A N   
589 C  CA  . GLY A 88 ? 0.3090 0.3174 0.3157 -0.0243 -0.0378 -0.0318 341 GLY A CA  
590 C  C   . GLY A 88 ? 0.3797 0.3614 0.3726 -0.0139 -0.0289 -0.0327 341 GLY A C   
591 O  O   . GLY A 88 ? 0.3797 0.3613 0.3817 -0.0096 -0.0217 -0.0266 341 GLY A O   
592 N  N   . GLN A 89 ? 0.3470 0.3087 0.3175 -0.0083 -0.0298 -0.0413 342 GLN A N   
593 C  CA  . GLN A 89 ? 0.3526 0.2944 0.3132 0.0043  -0.0210 -0.0439 342 GLN A CA  
594 C  C   . GLN A 89 ? 0.4043 0.3225 0.3642 0.0029  -0.0197 -0.0433 342 GLN A C   
595 O  O   . GLN A 89 ? 0.3911 0.3086 0.3564 0.0152  -0.0139 -0.0401 342 GLN A O   
596 C  CB  . GLN A 89 ? 0.3803 0.3047 0.3143 0.0111  -0.0201 -0.0540 342 GLN A CB  
597 C  CG  . GLN A 89 ? 0.4649 0.3829 0.3963 0.0278  -0.0071 -0.0557 342 GLN A CG  
598 C  CD  . GLN A 89 ? 0.5433 0.4886 0.4979 0.0334  0.0018  -0.0472 342 GLN A CD  
599 O  OE1 . GLN A 89 ? 0.4502 0.4099 0.4049 0.0327  0.0047  -0.0427 342 GLN A OE1 
600 N  NE2 . GLN A 89 ? 0.4385 0.3898 0.4114 0.0393  0.0056  -0.0455 342 GLN A NE2 
601 N  N   . GLU A 90 ? 0.3606 0.2602 0.3143 -0.0123 -0.0252 -0.0459 343 GLU A N   
602 C  CA  . GLU A 90 ? 0.3760 0.2434 0.3221 -0.0139 -0.0218 -0.0427 343 GLU A CA  
603 C  C   . GLU A 90 ? 0.4048 0.2872 0.3657 -0.0094 -0.0175 -0.0299 343 GLU A C   
604 O  O   . GLU A 90 ? 0.4154 0.2811 0.3681 0.0044  -0.0144 -0.0259 343 GLU A O   
605 C  CB  . GLU A 90 ? 0.4030 0.2470 0.3420 -0.0367 -0.0255 -0.0478 343 GLU A CB  
606 N  N   . PHE A 91 ? 0.3511 0.2661 0.3318 -0.0183 -0.0178 -0.0243 344 PHE A N   
607 C  CA  . PHE A 91 ? 0.3453 0.2749 0.3360 -0.0142 -0.0130 -0.0143 344 PHE A CA  
608 C  C   . PHE A 91 ? 0.3919 0.3331 0.3855 0.0039  -0.0121 -0.0150 344 PHE A C   
609 O  O   . PHE A 91 ? 0.3863 0.3219 0.3753 0.0132  -0.0114 -0.0108 344 PHE A O   
610 C  CB  . PHE A 91 ? 0.3495 0.3121 0.3609 -0.0243 -0.0118 -0.0104 344 PHE A CB  
611 C  CG  . PHE A 91 ? 0.3643 0.3405 0.3821 -0.0189 -0.0056 -0.0026 344 PHE A CG  
612 C  CD1 . PHE A 91 ? 0.4110 0.3767 0.4235 -0.0254 0.0009  0.0050  344 PHE A CD1 
613 C  CD2 . PHE A 91 ? 0.3876 0.3836 0.4135 -0.0082 -0.0045 -0.0037 344 PHE A CD2 
614 C  CE1 . PHE A 91 ? 0.4148 0.3903 0.4261 -0.0192 0.0068  0.0107  344 PHE A CE1 
615 C  CE2 . PHE A 91 ? 0.4140 0.4183 0.4416 -0.0042 0.0008  0.0003  344 PHE A CE2 
616 C  CZ  . PHE A 91 ? 0.3912 0.3862 0.4101 -0.0087 0.0056  0.0069  344 PHE A CZ  
617 N  N   . VAL A 92 ? 0.3300 0.2886 0.3309 0.0083  -0.0119 -0.0204 345 VAL A N   
618 C  CA  . VAL A 92 ? 0.3165 0.2895 0.3259 0.0206  -0.0083 -0.0229 345 VAL A CA  
619 C  C   . VAL A 92 ? 0.3573 0.3159 0.3600 0.0342  -0.0092 -0.0264 345 VAL A C   
620 O  O   . VAL A 92 ? 0.3299 0.3010 0.3417 0.0433  -0.0101 -0.0261 345 VAL A O   
621 C  CB  . VAL A 92 ? 0.3553 0.3413 0.3682 0.0210  -0.0041 -0.0262 345 VAL A CB  
622 C  CG1 . VAL A 92 ? 0.3473 0.3463 0.3717 0.0299  0.0034  -0.0297 345 VAL A CG1 
623 C  CG2 . VAL A 92 ? 0.3397 0.3412 0.3598 0.0137  -0.0040 -0.0208 345 VAL A CG2 
624 N  N   . ASP A 93 ? 0.3412 0.2732 0.3270 0.0363  -0.0097 -0.0308 346 ASP A N   
625 C  CA  . ASP A 93 ? 0.3564 0.2693 0.3330 0.0530  -0.0092 -0.0339 346 ASP A CA  
626 C  C   . ASP A 93 ? 0.4291 0.3303 0.3999 0.0603  -0.0137 -0.0258 346 ASP A C   
627 O  O   . ASP A 93 ? 0.4200 0.3329 0.3980 0.0783  -0.0160 -0.0264 346 ASP A O   
628 C  CB  . ASP A 93 ? 0.4021 0.2787 0.3550 0.0520  -0.0079 -0.0408 346 ASP A CB  
629 C  CG  . ASP A 93 ? 0.5670 0.4504 0.5166 0.0550  -0.0026 -0.0502 346 ASP A CG  
630 O  OD1 . ASP A 93 ? 0.5637 0.4792 0.5309 0.0575  0.0025  -0.0499 346 ASP A OD1 
631 O  OD2 . ASP A 93 ? 0.6879 0.5406 0.6138 0.0542  -0.0020 -0.0584 346 ASP A OD2 
632 N  N   . GLU A 94 ? 0.4270 0.3090 0.3855 0.0468  -0.0146 -0.0182 347 GLU A N   
633 C  CA  . GLU A 94 ? 0.4511 0.3148 0.3948 0.0523  -0.0162 -0.0077 347 GLU A CA  
634 C  C   . GLU A 94 ? 0.4759 0.3729 0.4322 0.0624  -0.0209 -0.0054 347 GLU A C   
635 O  O   . GLU A 94 ? 0.4691 0.3614 0.4163 0.0813  -0.0265 -0.0023 347 GLU A O   
636 C  CB  . GLU A 94 ? 0.4834 0.3313 0.4190 0.0308  -0.0115 -0.0004 347 GLU A CB  
637 C  CG  . GLU A 94 ? 0.6993 0.5026 0.6159 0.0190  -0.0075 -0.0009 347 GLU A CG  
638 C  CD  . GLU A 94 ? 1.0534 0.8521 0.9718 -0.0057 -0.0012 0.0053  347 GLU A CD  
639 O  OE1 . GLU A 94 ? 1.0009 0.7948 0.9105 -0.0048 0.0040  0.0173  347 GLU A OE1 
640 O  OE2 . GLU A 94 ? 1.0349 0.8381 0.9640 -0.0257 -0.0015 -0.0022 347 GLU A OE2 
641 N  N   . ILE A 95 ? 0.4152 0.3448 0.3910 0.0508  -0.0193 -0.0078 348 ILE A N   
642 C  CA  . ILE A 95 ? 0.3948 0.3543 0.3822 0.0554  -0.0232 -0.0094 348 ILE A CA  
643 C  C   . ILE A 95 ? 0.4310 0.4146 0.4360 0.0708  -0.0286 -0.0183 348 ILE A C   
644 O  O   . ILE A 95 ? 0.4322 0.4338 0.4406 0.0803  -0.0369 -0.0201 348 ILE A O   
645 C  CB  . ILE A 95 ? 0.4188 0.3991 0.4206 0.0399  -0.0174 -0.0108 348 ILE A CB  
646 C  CG1 . ILE A 95 ? 0.4294 0.3952 0.4212 0.0261  -0.0115 -0.0023 348 ILE A CG1 
647 C  CG2 . ILE A 95 ? 0.4019 0.4069 0.4132 0.0422  -0.0200 -0.0156 348 ILE A CG2 
648 C  CD1 . ILE A 95 ? 0.4852 0.4299 0.4533 0.0272  -0.0100 0.0077  348 ILE A CD1 
649 N  N   . GLN A 96 ? 0.3751 0.3597 0.3902 0.0738  -0.0241 -0.0244 349 GLN A N   
650 C  CA  . GLN A 96 ? 0.3585 0.3688 0.3955 0.0876  -0.0249 -0.0332 349 GLN A CA  
651 C  C   . GLN A 96 ? 0.4245 0.4206 0.4505 0.1114  -0.0314 -0.0314 349 GLN A C   
652 O  O   . GLN A 96 ? 0.4038 0.4245 0.4510 0.1268  -0.0320 -0.0386 349 GLN A O   
653 C  CB  . GLN A 96 ? 0.3709 0.3861 0.4187 0.0816  -0.0131 -0.0396 349 GLN A CB  
654 C  CG  . GLN A 96 ? 0.3265 0.3620 0.3896 0.0650  -0.0061 -0.0417 349 GLN A CG  
655 C  CD  . GLN A 96 ? 0.5207 0.5926 0.6125 0.0648  -0.0070 -0.0488 349 GLN A CD  
656 O  OE1 . GLN A 96 ? 0.5299 0.6255 0.6440 0.0740  -0.0053 -0.0562 349 GLN A OE1 
657 N  NE2 . GLN A 96 ? 0.3570 0.4352 0.4507 0.0536  -0.0092 -0.0482 349 GLN A NE2 
658 N  N   . GLY A 97 ? 0.4018 0.3582 0.3961 0.1147  -0.0345 -0.0212 350 GLY A N   
659 C  CA  . GLY A 97 ? 0.4101 0.3398 0.3843 0.1392  -0.0398 -0.0159 350 GLY A CA  
660 C  C   . GLY A 97 ? 0.4689 0.3609 0.4287 0.1462  -0.0315 -0.0181 350 GLY A C   
661 O  O   . GLY A 97 ? 0.4695 0.3441 0.4186 0.1719  -0.0340 -0.0163 350 GLY A O   
662 N  N   . ARG A 98 ? 0.4367 0.3146 0.3935 0.1254  -0.0223 -0.0228 351 ARG A N   
663 C  CA  . ARG A 98 ? 0.4580 0.2969 0.3961 0.1288  -0.0149 -0.0285 351 ARG A CA  
664 C  C   . ARG A 98 ? 0.5307 0.3203 0.4394 0.1088  -0.0124 -0.0240 351 ARG A C   
665 O  O   . ARG A 98 ? 0.5277 0.3267 0.4420 0.0841  -0.0114 -0.0256 351 ARG A O   
666 C  CB  . ARG A 98 ? 0.4368 0.3000 0.3918 0.1231  -0.0070 -0.0406 351 ARG A CB  
667 C  CG  . ARG A 98 ? 0.5536 0.4688 0.5436 0.1368  -0.0050 -0.0461 351 ARG A CG  
668 C  CD  . ARG A 98 ? 0.6521 0.5820 0.6510 0.1304  0.0072  -0.0556 351 ARG A CD  
669 N  NE  . ARG A 98 ? 0.6454 0.5860 0.6461 0.1057  0.0081  -0.0539 351 ARG A NE  
670 C  CZ  . ARG A 98 ? 0.7702 0.7493 0.7969 0.0976  0.0115  -0.0540 351 ARG A CZ  
671 N  NH1 . ARG A 98 ? 0.6881 0.6696 0.7115 0.0793  0.0127  -0.0510 351 ARG A NH1 
672 N  NH2 . ARG A 98 ? 0.5404 0.5562 0.5980 0.1080  0.0139  -0.0578 351 ARG A NH2 
673 N  N   . TYR A 99 ? 0.5079 0.2452 0.3867 0.1201  -0.0110 -0.0181 352 TYR A N   
674 C  CA  . TYR A 99 ? 0.5838 0.2679 0.4349 0.0992  -0.0060 -0.0145 352 TYR A CA  
675 C  C   . TYR A 99 ? 1.0405 0.6778 0.8698 0.0997  0.0001  -0.0264 352 TYR A C   
676 O  O   . TYR A 99 ? 0.7744 0.3789 0.5892 0.0742  0.0032  -0.0309 352 TYR A O   
677 C  CB  . TYR A 99 ? 0.5996 0.2470 0.4250 0.1080  -0.0054 0.0023  352 TYR A CB  
678 C  CG  . TYR A 99 ? 0.5761 0.2604 0.4136 0.1016  -0.0100 0.0129  352 TYR A CG  
679 C  CD1 . TYR A 99 ? 0.5910 0.2760 0.4304 0.0715  -0.0047 0.0173  352 TYR A CD1 
680 C  CD2 . TYR A 99 ? 0.5631 0.2819 0.4094 0.1260  -0.0194 0.0174  352 TYR A CD2 
681 C  CE1 . TYR A 99 ? 0.5662 0.2805 0.4121 0.0677  -0.0062 0.0265  352 TYR A CE1 
682 C  CE2 . TYR A 99 ? 0.5594 0.3067 0.4101 0.1203  -0.0236 0.0249  352 TYR A CE2 
683 C  CZ  . TYR A 99 ? 0.6081 0.3499 0.4561 0.0920  -0.0157 0.0298  352 TYR A CZ  
684 O  OH  . TYR A 99 ? 0.5645 0.3305 0.4127 0.0884  -0.0174 0.0364  352 TYR A OH  
685 ZN ZN  . ZN  B .  ? 0.3719 0.3640 0.4111 0.0286  0.0631  -0.0002 401 ZN  A ZN  
686 C  C33 . TKY C .  ? 0.7905 1.1373 1.1248 -0.0633 -0.0492 -0.1969 402 TKY A C33 
687 C  C7  . TKY C .  ? 0.6186 0.7130 0.7213 -0.0474 -0.0086 -0.1439 402 TKY A C7  
688 C  C6  . TKY C .  ? 0.5743 0.6902 0.6595 -0.0345 -0.0336 -0.1479 402 TKY A C6  
689 C  C13 . TKY C .  ? 0.7757 1.0271 1.0603 -0.0727 -0.0063 -0.1702 402 TKY A C13 
690 N  N5  . TKY C .  ? 0.5483 0.6352 0.5919 -0.0220 -0.0299 -0.1350 402 TKY A N5  
691 C  C18 . TKY C .  ? 0.6876 0.7733 0.8318 -0.0633 0.0231  -0.1360 402 TKY A C18 
692 C  C16 . TKY C .  ? 0.7416 0.8897 0.9469 -0.0660 0.0196  -0.1400 402 TKY A C16 
693 C  C19 . TKY C .  ? 0.6713 0.7450 0.8253 -0.0867 0.0320  -0.1567 402 TKY A C19 
694 C  C26 . TKY C .  ? 0.7624 0.6703 0.8762 -0.1223 0.1164  -0.1552 402 TKY A C26 
695 C  C1  . TKY C .  ? 0.4472 0.4812 0.4353 0.0005  -0.0037 -0.0959 402 TKY A C1  
696 C  C10 . TKY C .  ? 0.6896 0.8420 0.8491 -0.0429 -0.0172 -0.1408 402 TKY A C10 
697 C  C11 . TKY C .  ? 0.7297 0.9060 0.9327 -0.0563 -0.0064 -0.1482 402 TKY A C11 
698 C  C12 . TKY C .  ? 0.7567 0.9834 0.9973 -0.0584 -0.0206 -0.1630 402 TKY A C12 
699 C  C14 . TKY C .  ? 0.7762 0.9951 1.0596 -0.0842 0.0228  -0.1610 402 TKY A C14 
700 C  C15 . TKY C .  ? 0.7810 0.9475 1.0230 -0.0795 0.0340  -0.1456 402 TKY A C15 
701 C  C17 . TKY C .  ? 0.7189 0.8195 0.8867 -0.0607 0.0316  -0.1256 402 TKY A C17 
702 C  C2  . TKY C .  ? 0.4820 0.5373 0.4652 0.0020  -0.0262 -0.1087 402 TKY A C2  
703 C  C22 . TKY C .  ? 0.6821 0.6930 0.8380 -0.1187 0.0719  -0.1674 402 TKY A C22 
704 C  C23 . TKY C .  ? 0.6569 0.6774 0.8462 -0.1336 0.0895  -0.1655 402 TKY A C23 
705 C  C24 . TKY C .  ? 0.7008 0.6760 0.8892 -0.1570 0.1162  -0.1735 402 TKY A C24 
706 C  C25 . TKY C .  ? 0.7522 0.6658 0.8966 -0.1414 0.1330  -0.1554 402 TKY A C25 
707 C  C27 . TKY C .  ? 0.7330 0.6863 0.8516 -0.1130 0.0887  -0.1606 402 TKY A C27 
708 C  C28 . TKY C .  ? 0.7126 0.6563 0.7994 -0.0955 0.0786  -0.1574 402 TKY A C28 
709 C  C29 . TKY C .  ? 0.7191 0.6157 0.7754 -0.0856 0.0949  -0.1500 402 TKY A C29 
710 C  C3  . TKY C .  ? 0.5049 0.5882 0.5281 -0.0052 -0.0343 -0.1171 402 TKY A C3  
711 C  C30 . TKY C .  ? 0.7498 0.6030 0.8025 -0.0917 0.1198  -0.1450 402 TKY A C30 
712 C  C31 . TKY C .  ? 0.7674 0.6230 0.8461 -0.1106 0.1309  -0.1471 402 TKY A C31 
713 C  C80 . TKY C .  ? 0.5490 0.6897 0.6421 -0.0462 -0.0517 -0.1751 402 TKY A C80 
714 C  C81 . TKY C .  ? 0.5525 0.7127 0.6207 -0.0273 -0.0780 -0.1745 402 TKY A C81 
715 C  C82 . TKY C .  ? 0.5419 0.6496 0.6127 -0.0606 -0.0419 -0.1901 402 TKY A C82 
716 C  C83 . TKY C .  ? 0.5285 0.7079 0.6743 -0.0615 -0.0540 -0.1892 402 TKY A C83 
717 C  C85 . TKY C .  ? 0.5600 0.6241 0.4903 0.0246  -0.0554 -0.1053 402 TKY A C85 
718 N  N21 . TKY C .  ? 0.6738 0.7092 0.8228 -0.0946 0.0568  -0.1503 402 TKY A N21 
719 N  N84 . TKY C .  ? 0.5157 0.5703 0.4721 0.0173  -0.0353 -0.0949 402 TKY A N84 
720 N  N9  . TKY C .  ? 0.6609 0.7725 0.7966 -0.0517 -0.0019 -0.1405 402 TKY A N9  
721 O  O20 . TKY C .  ? 0.6475 0.7437 0.8112 -0.0970 0.0166  -0.1779 402 TKY A O20 
722 O  O32 . TKY C .  ? 0.7858 1.0945 1.1178 -0.0769 -0.0169 -0.1863 402 TKY A O32 
723 O  O4  . TKY C .  ? 0.5079 0.6076 0.5427 0.0040  -0.0425 -0.1082 402 TKY A O4  
724 O  O8  . TKY C .  ? 0.6296 0.6897 0.7133 -0.0514 0.0061  -0.1433 402 TKY A O8  
# 
loop_
_pdbx_poly_seq_scheme.asym_id 
_pdbx_poly_seq_scheme.entity_id 
_pdbx_poly_seq_scheme.seq_id 
_pdbx_poly_seq_scheme.mon_id 
_pdbx_poly_seq_scheme.ndb_seq_num 
_pdbx_poly_seq_scheme.pdb_seq_num 
_pdbx_poly_seq_scheme.auth_seq_num 
_pdbx_poly_seq_scheme.pdb_mon_id 
_pdbx_poly_seq_scheme.auth_mon_id 
_pdbx_poly_seq_scheme.pdb_strand_id 
_pdbx_poly_seq_scheme.pdb_ins_code 
_pdbx_poly_seq_scheme.hetero 
A 1 1  GLY 1  254 ?   ?   ?   A . n 
A 1 2  SER 2  255 ?   ?   ?   A . n 
A 1 3  GLY 3  256 ?   ?   ?   A . n 
A 1 4  PRO 4  257 ?   ?   ?   A . n 
A 1 5  GLY 5  258 ?   ?   ?   A . n 
A 1 6  SER 6  259 ?   ?   ?   A . n 
A 1 7  SER 7  260 ?   ?   ?   A . n 
A 1 8  ILE 8  261 ?   ?   ?   A . n 
A 1 9  SER 9  262 ?   ?   ?   A . n 
A 1 10 ASN 10 263 ?   ?   ?   A . n 
A 1 11 LEU 11 264 ?   ?   ?   A . n 
A 1 12 SER 12 265 ?   ?   ?   A . n 
A 1 13 MET 13 266 266 MET MET A . n 
A 1 14 GLN 14 267 267 GLN GLN A . n 
A 1 15 THR 15 268 268 THR THR A . n 
A 1 16 HIS 16 269 269 HIS HIS A . n 
A 1 17 ALA 17 270 270 ALA ALA A . n 
A 1 18 ALA 18 271 271 ALA ALA A . n 
A 1 19 ARG 19 272 272 ARG ARG A . n 
A 1 20 MET 20 273 273 MET MET A . n 
A 1 21 ARG 21 274 274 ARG ARG A . n 
A 1 22 THR 22 275 275 THR THR A . n 
A 1 23 PHE 23 276 276 PHE PHE A . n 
A 1 24 MET 24 277 277 MET MET A . n 
A 1 25 TYR 25 278 278 TYR TYR A . n 
A 1 26 TRP 26 279 279 TRP TRP A . n 
A 1 27 PRO 27 280 280 PRO PRO A . n 
A 1 28 SER 28 281 281 SER SER A . n 
A 1 29 SER 29 282 282 SER SER A . n 
A 1 30 VAL 30 283 283 VAL VAL A . n 
A 1 31 PRO 31 284 284 PRO PRO A . n 
A 1 32 VAL 32 285 285 VAL VAL A . n 
A 1 33 GLN 33 286 286 GLN GLN A . n 
A 1 34 PRO 34 287 287 PRO PRO A . n 
A 1 35 GLU 35 288 288 GLU GLU A . n 
A 1 36 GLN 36 289 289 GLN GLN A . n 
A 1 37 LEU 37 290 290 LEU LEU A . n 
A 1 38 ALA 38 291 291 ALA ALA A . n 
A 1 39 SER 39 292 292 SER SER A . n 
A 1 40 ALA 40 293 293 ALA ALA A . n 
A 1 41 GLY 41 294 294 GLY GLY A . n 
A 1 42 PHE 42 295 295 PHE PHE A . n 
A 1 43 TYR 43 296 296 TYR TYR A . n 
A 1 44 TYR 44 297 297 TYR TYR A . n 
A 1 45 VAL 45 298 298 VAL VAL A . n 
A 1 46 GLY 46 299 299 GLY GLY A . n 
A 1 47 ARG 47 300 300 ARG ARG A . n 
A 1 48 ASN 48 301 301 ASN ASN A . n 
A 1 49 ASP 49 302 302 ASP ASP A . n 
A 1 50 ASP 50 303 303 ASP ASP A . n 
A 1 51 VAL 51 304 304 VAL VAL A . n 
A 1 52 LYS 52 305 305 LYS LYS A . n 
A 1 53 CYS 53 306 306 CYS CYS A . n 
A 1 54 PHE 54 307 307 PHE PHE A . n 
A 1 55 CYS 55 308 308 CYS CYS A . n 
A 1 56 CYS 56 309 309 CYS CYS A . n 
A 1 57 ASP 57 310 310 ASP ASP A . n 
A 1 58 GLY 58 311 311 GLY GLY A . n 
A 1 59 GLY 59 312 312 GLY GLY A . n 
A 1 60 LEU 60 313 313 LEU LEU A . n 
A 1 61 ARG 61 314 314 ARG ARG A . n 
A 1 62 CYS 62 315 315 CYS CYS A . n 
A 1 63 TRP 63 316 316 TRP TRP A . n 
A 1 64 GLU 64 317 317 GLU GLU A . n 
A 1 65 SER 65 318 318 SER SER A . n 
A 1 66 GLY 66 319 319 GLY GLY A . n 
A 1 67 ASP 67 320 320 ASP ASP A . n 
A 1 68 ASP 68 321 321 ASP ASP A . n 
A 1 69 PRO 69 322 322 PRO PRO A . n 
A 1 70 TRP 70 323 323 TRP TRP A . n 
A 1 71 VAL 71 324 324 VAL VAL A . n 
A 1 72 GLU 72 325 325 GLU GLU A . n 
A 1 73 HIS 73 326 326 HIS HIS A . n 
A 1 74 ALA 74 327 327 ALA ALA A . n 
A 1 75 LYS 75 328 328 LYS LYS A . n 
A 1 76 TRP 76 329 329 TRP TRP A . n 
A 1 77 PHE 77 330 330 PHE PHE A . n 
A 1 78 PRO 78 331 331 PRO PRO A . n 
A 1 79 ARG 79 332 332 ARG ARG A . n 
A 1 80 CYS 80 333 333 CYS CYS A . n 
A 1 81 GLU 81 334 334 GLU GLU A . n 
A 1 82 PHE 82 335 335 PHE PHE A . n 
A 1 83 LEU 83 336 336 LEU LEU A . n 
A 1 84 ILE 84 337 337 ILE ILE A . n 
A 1 85 ARG 85 338 338 ARG ARG A . n 
A 1 86 MET 86 339 339 MET MET A . n 
A 1 87 LYS 87 340 340 LYS LYS A . n 
A 1 88 GLY 88 341 341 GLY GLY A . n 
A 1 89 GLN 89 342 342 GLN GLN A . n 
A 1 90 GLU 90 343 343 GLU GLU A . n 
A 1 91 PHE 91 344 344 PHE PHE A . n 
A 1 92 VAL 92 345 345 VAL VAL A . n 
A 1 93 ASP 93 346 346 ASP ASP A . n 
A 1 94 GLU 94 347 347 GLU GLU A . n 
A 1 95 ILE 95 348 348 ILE ILE A . n 
A 1 96 GLN 96 349 349 GLN GLN A . n 
A 1 97 GLY 97 350 350 GLY GLY A . n 
A 1 98 ARG 98 351 351 ARG ARG A . n 
A 1 99 TYR 99 352 352 TYR TYR A . n 
# 
loop_
_pdbx_nonpoly_scheme.asym_id 
_pdbx_nonpoly_scheme.entity_id 
_pdbx_nonpoly_scheme.mon_id 
_pdbx_nonpoly_scheme.ndb_seq_num 
_pdbx_nonpoly_scheme.pdb_seq_num 
_pdbx_nonpoly_scheme.auth_seq_num 
_pdbx_nonpoly_scheme.pdb_mon_id 
_pdbx_nonpoly_scheme.auth_mon_id 
_pdbx_nonpoly_scheme.pdb_strand_id 
_pdbx_nonpoly_scheme.pdb_ins_code 
B 2 ZN  1  401 401 ZN  ZN  A . 
C 3 TKY 1  402 501 TKY PFE A . 
D 4 HOH 1  501 22  HOH HOH A . 
D 4 HOH 2  502 51  HOH HOH A . 
D 4 HOH 3  503 6   HOH HOH A . 
D 4 HOH 4  504 2   HOH HOH A . 
D 4 HOH 5  505 28  HOH HOH A . 
D 4 HOH 6  506 44  HOH HOH A . 
D 4 HOH 7  507 27  HOH HOH A . 
D 4 HOH 8  508 20  HOH HOH A . 
D 4 HOH 9  509 4   HOH HOH A . 
D 4 HOH 10 510 49  HOH HOH A . 
D 4 HOH 11 511 23  HOH HOH A . 
D 4 HOH 12 512 35  HOH HOH A . 
D 4 HOH 13 513 52  HOH HOH A . 
D 4 HOH 14 514 12  HOH HOH A . 
D 4 HOH 15 515 18  HOH HOH A . 
D 4 HOH 16 516 25  HOH HOH A . 
D 4 HOH 17 517 1   HOH HOH A . 
D 4 HOH 18 518 11  HOH HOH A . 
D 4 HOH 19 519 33  HOH HOH A . 
D 4 HOH 20 520 15  HOH HOH A . 
D 4 HOH 21 521 5   HOH HOH A . 
D 4 HOH 22 522 14  HOH HOH A . 
D 4 HOH 23 523 32  HOH HOH A . 
D 4 HOH 24 524 40  HOH HOH A . 
D 4 HOH 25 525 31  HOH HOH A . 
D 4 HOH 26 526 9   HOH HOH A . 
D 4 HOH 27 527 3   HOH HOH A . 
D 4 HOH 28 528 46  HOH HOH A . 
D 4 HOH 29 529 39  HOH HOH A . 
D 4 HOH 30 530 43  HOH HOH A . 
D 4 HOH 31 531 8   HOH HOH A . 
D 4 HOH 32 532 19  HOH HOH A . 
D 4 HOH 33 533 34  HOH HOH A . 
D 4 HOH 34 534 13  HOH HOH A . 
D 4 HOH 35 535 26  HOH HOH A . 
D 4 HOH 36 536 42  HOH HOH A . 
D 4 HOH 37 537 36  HOH HOH A . 
D 4 HOH 38 538 41  HOH HOH A . 
D 4 HOH 39 539 37  HOH HOH A . 
D 4 HOH 40 540 16  HOH HOH A . 
D 4 HOH 41 541 45  HOH HOH A . 
D 4 HOH 42 542 7   HOH HOH A . 
D 4 HOH 43 543 50  HOH HOH A . 
D 4 HOH 44 544 24  HOH HOH A . 
D 4 HOH 45 545 21  HOH HOH A . 
D 4 HOH 46 546 10  HOH HOH A . 
D 4 HOH 47 547 17  HOH HOH A . 
D 4 HOH 48 548 38  HOH HOH A . 
D 4 HOH 49 549 48  HOH HOH A . 
D 4 HOH 50 550 47  HOH HOH A . 
D 4 HOH 51 551 30  HOH HOH A . 
# 
_pdbx_struct_assembly.id                   1 
_pdbx_struct_assembly.details              author_defined_assembly 
_pdbx_struct_assembly.method_details       ? 
_pdbx_struct_assembly.oligomeric_details   monomeric 
_pdbx_struct_assembly.oligomeric_count     1 
# 
_pdbx_struct_assembly_gen.assembly_id       1 
_pdbx_struct_assembly_gen.oper_expression   1 
_pdbx_struct_assembly_gen.asym_id_list      A,B,C,D 
# 
_pdbx_struct_oper_list.id                   1 
_pdbx_struct_oper_list.type                 'identity operation' 
_pdbx_struct_oper_list.name                 1_555 
_pdbx_struct_oper_list.symmetry_operation   x,y,z 
_pdbx_struct_oper_list.matrix[1][1]         1.0000000000 
_pdbx_struct_oper_list.matrix[1][2]         0.0000000000 
_pdbx_struct_oper_list.matrix[1][3]         0.0000000000 
_pdbx_struct_oper_list.vector[1]            0.0000000000 
_pdbx_struct_oper_list.matrix[2][1]         0.0000000000 
_pdbx_struct_oper_list.matrix[2][2]         1.0000000000 
_pdbx_struct_oper_list.matrix[2][3]         0.0000000000 
_pdbx_struct_oper_list.vector[2]            0.0000000000 
_pdbx_struct_oper_list.matrix[3][1]         0.0000000000 
_pdbx_struct_oper_list.matrix[3][2]         0.0000000000 
_pdbx_struct_oper_list.matrix[3][3]         1.0000000000 
_pdbx_struct_oper_list.vector[3]            0.0000000000 
# 
loop_
_pdbx_struct_conn_angle.id 
_pdbx_struct_conn_angle.ptnr1_label_atom_id 
_pdbx_struct_conn_angle.ptnr1_label_alt_id 
_pdbx_struct_conn_angle.ptnr1_label_asym_id 
_pdbx_struct_conn_angle.ptnr1_label_comp_id 
_pdbx_struct_conn_angle.ptnr1_label_seq_id 
_pdbx_struct_conn_angle.ptnr1_auth_atom_id 
_pdbx_struct_conn_angle.ptnr1_auth_asym_id 
_pdbx_struct_conn_angle.ptnr1_auth_comp_id 
_pdbx_struct_conn_angle.ptnr1_auth_seq_id 
_pdbx_struct_conn_angle.ptnr1_PDB_ins_code 
_pdbx_struct_conn_angle.ptnr1_symmetry 
_pdbx_struct_conn_angle.ptnr2_label_atom_id 
_pdbx_struct_conn_angle.ptnr2_label_alt_id 
_pdbx_struct_conn_angle.ptnr2_label_asym_id 
_pdbx_struct_conn_angle.ptnr2_label_comp_id 
_pdbx_struct_conn_angle.ptnr2_label_seq_id 
_pdbx_struct_conn_angle.ptnr2_auth_atom_id 
_pdbx_struct_conn_angle.ptnr2_auth_asym_id 
_pdbx_struct_conn_angle.ptnr2_auth_comp_id 
_pdbx_struct_conn_angle.ptnr2_auth_seq_id 
_pdbx_struct_conn_angle.ptnr2_PDB_ins_code 
_pdbx_struct_conn_angle.ptnr2_symmetry 
_pdbx_struct_conn_angle.ptnr3_label_atom_id 
_pdbx_struct_conn_angle.ptnr3_label_alt_id 
_pdbx_struct_conn_angle.ptnr3_label_asym_id 
_pdbx_struct_conn_angle.ptnr3_label_comp_id 
_pdbx_struct_conn_angle.ptnr3_label_seq_id 
_pdbx_struct_conn_angle.ptnr3_auth_atom_id 
_pdbx_struct_conn_angle.ptnr3_auth_asym_id 
_pdbx_struct_conn_angle.ptnr3_auth_comp_id 
_pdbx_struct_conn_angle.ptnr3_auth_seq_id 
_pdbx_struct_conn_angle.ptnr3_PDB_ins_code 
_pdbx_struct_conn_angle.ptnr3_symmetry 
_pdbx_struct_conn_angle.value 
_pdbx_struct_conn_angle.value_esd 
1 SG  ? A CYS 53 ? A CYS 306 ? 1_555 ZN ? B ZN . ? A ZN 401 ? 1_555 SG  ? A CYS 56 ? A CYS 309 ? 1_555 104.2 ? 
2 SG  ? A CYS 53 ? A CYS 306 ? 1_555 ZN ? B ZN . ? A ZN 401 ? 1_555 NE2 ? A HIS 73 ? A HIS 326 ? 1_555 106.6 ? 
3 SG  ? A CYS 56 ? A CYS 309 ? 1_555 ZN ? B ZN . ? A ZN 401 ? 1_555 NE2 ? A HIS 73 ? A HIS 326 ? 1_555 117.8 ? 
4 SG  ? A CYS 53 ? A CYS 306 ? 1_555 ZN ? B ZN . ? A ZN 401 ? 1_555 SG  ? A CYS 80 ? A CYS 333 ? 1_555 111.5 ? 
5 SG  ? A CYS 56 ? A CYS 309 ? 1_555 ZN ? B ZN . ? A ZN 401 ? 1_555 SG  ? A CYS 80 ? A CYS 333 ? 1_555 107.8 ? 
6 NE2 ? A HIS 73 ? A HIS 326 ? 1_555 ZN ? B ZN . ? A ZN 401 ? 1_555 SG  ? A CYS 80 ? A CYS 333 ? 1_555 108.8 ? 
# 
loop_
_pdbx_audit_revision_history.ordinal 
_pdbx_audit_revision_history.data_content_type 
_pdbx_audit_revision_history.major_revision 
_pdbx_audit_revision_history.minor_revision 
_pdbx_audit_revision_history.revision_date 
1 'Structure model' 1 0 2020-11-18 
2 'Structure model' 1 1 2023-10-18 
# 
_pdbx_audit_revision_details.ordinal             1 
_pdbx_audit_revision_details.revision_ordinal    1 
_pdbx_audit_revision_details.data_content_type   'Structure model' 
_pdbx_audit_revision_details.provider            repository 
_pdbx_audit_revision_details.type                'Initial release' 
_pdbx_audit_revision_details.description         ? 
_pdbx_audit_revision_details.details             ? 
# 
loop_
_pdbx_audit_revision_group.ordinal 
_pdbx_audit_revision_group.revision_ordinal 
_pdbx_audit_revision_group.data_content_type 
_pdbx_audit_revision_group.group 
1 2 'Structure model' 'Data collection'        
2 2 'Structure model' 'Database references'    
3 2 'Structure model' 'Refinement description' 
# 
loop_
_pdbx_audit_revision_category.ordinal 
_pdbx_audit_revision_category.revision_ordinal 
_pdbx_audit_revision_category.data_content_type 
_pdbx_audit_revision_category.category 
1 2 'Structure model' chem_comp_atom                
2 2 'Structure model' chem_comp_bond                
3 2 'Structure model' database_2                    
4 2 'Structure model' pdbx_initial_refinement_model 
# 
loop_
_pdbx_audit_revision_item.ordinal 
_pdbx_audit_revision_item.revision_ordinal 
_pdbx_audit_revision_item.data_content_type 
_pdbx_audit_revision_item.item 
1 2 'Structure model' '_database_2.pdbx_DOI'                
2 2 'Structure model' '_database_2.pdbx_database_accession' 
# 
_pdbx_refine_tls.id               1 
_pdbx_refine_tls.pdbx_refine_id   'X-RAY DIFFRACTION' 
_pdbx_refine_tls.details          ? 
_pdbx_refine_tls.method           refined 
_pdbx_refine_tls.origin_x         -0.9009 
_pdbx_refine_tls.origin_y         0.0375 
_pdbx_refine_tls.origin_z         0.0639 
_pdbx_refine_tls.T[1][1]          -0.0746 
_pdbx_refine_tls.T[1][1]_esd      ? 
_pdbx_refine_tls.T[1][2]          0.0216 
_pdbx_refine_tls.T[1][2]_esd      ? 
_pdbx_refine_tls.T[1][3]          0.0561 
_pdbx_refine_tls.T[1][3]_esd      ? 
_pdbx_refine_tls.T[2][2]          -0.0651 
_pdbx_refine_tls.T[2][2]_esd      ? 
_pdbx_refine_tls.T[2][3]          -0.0244 
_pdbx_refine_tls.T[2][3]_esd      ? 
_pdbx_refine_tls.T[3][3]          -0.0346 
_pdbx_refine_tls.T[3][3]_esd      ? 
_pdbx_refine_tls.L[1][1]          2.7271 
_pdbx_refine_tls.L[1][1]_esd      ? 
_pdbx_refine_tls.L[1][2]          -0.8222 
_pdbx_refine_tls.L[1][2]_esd      ? 
_pdbx_refine_tls.L[1][3]          -1.1105 
_pdbx_refine_tls.L[1][3]_esd      ? 
_pdbx_refine_tls.L[2][2]          4.0196 
_pdbx_refine_tls.L[2][2]_esd      ? 
_pdbx_refine_tls.L[2][3]          0.5562 
_pdbx_refine_tls.L[2][3]_esd      ? 
_pdbx_refine_tls.L[3][3]          4.7187 
_pdbx_refine_tls.L[3][3]_esd      ? 
_pdbx_refine_tls.S[1][1]          -0.1825 
_pdbx_refine_tls.S[1][1]_esd      ? 
_pdbx_refine_tls.S[1][2]          0.1771 
_pdbx_refine_tls.S[1][2]_esd      ? 
_pdbx_refine_tls.S[1][3]          -0.2884 
_pdbx_refine_tls.S[1][3]_esd      ? 
_pdbx_refine_tls.S[2][1]          -0.2147 
_pdbx_refine_tls.S[2][1]_esd      ? 
_pdbx_refine_tls.S[2][2]          -0.1183 
_pdbx_refine_tls.S[2][2]_esd      ? 
_pdbx_refine_tls.S[2][3]          0.0035 
_pdbx_refine_tls.S[2][3]_esd      ? 
_pdbx_refine_tls.S[3][1]          0.3669 
_pdbx_refine_tls.S[3][1]_esd      ? 
_pdbx_refine_tls.S[3][2]          0.1027 
_pdbx_refine_tls.S[3][2]_esd      ? 
_pdbx_refine_tls.S[3][3]          0.3008 
_pdbx_refine_tls.S[3][3]_esd      ? 
# 
_pdbx_refine_tls_group.id                  1 
_pdbx_refine_tls_group.pdbx_refine_id      'X-RAY DIFFRACTION' 
_pdbx_refine_tls_group.refine_tls_id       1 
_pdbx_refine_tls_group.beg_label_asym_id   ? 
_pdbx_refine_tls_group.beg_label_seq_id    ? 
_pdbx_refine_tls_group.beg_auth_asym_id    A 
_pdbx_refine_tls_group.beg_auth_seq_id     266 
_pdbx_refine_tls_group.end_label_asym_id   ? 
_pdbx_refine_tls_group.end_label_seq_id    ? 
_pdbx_refine_tls_group.end_auth_asym_id    A 
_pdbx_refine_tls_group.end_auth_seq_id     352 
_pdbx_refine_tls_group.selection           ? 
_pdbx_refine_tls_group.selection_details   '{ A|* }' 
# 
loop_
_software.citation_id 
_software.classification 
_software.compiler_name 
_software.compiler_version 
_software.contact_author 
_software.contact_author_email 
_software.date 
_software.description 
_software.dependencies 
_software.hardware 
_software.language 
_software.location 
_software.mods 
_software.name 
_software.os 
_software.os_version 
_software.type 
_software.version 
_software.pdbx_ordinal 
? 'data reduction'  ? ? ? ? ? ? ? ? ? ? ? XDS         ? ? ? .      1 
? refinement        ? ? ? ? ? ? ? ? ? ? ? BUSTER      ? ? ? 2.11.7 2 
? 'data extraction' ? ? ? ? ? ? ? ? ? ? ? PDB_EXTRACT ? ? ? 3.25   3 
? 'data scaling'    ? ? ? ? ? ? ? ? ? ? ? autoPROC    ? ? ? .      4 
? phasing           ? ? ? ? ? ? ? ? ? ? ? PHASER      ? ? ? .      5 
# 
_pdbx_entry_details.entry_id                 6W74 
_pdbx_entry_details.has_ligand_of_interest   Y 
_pdbx_entry_details.compound_details         ? 
_pdbx_entry_details.source_details           ? 
_pdbx_entry_details.nonpolymer_details       ? 
_pdbx_entry_details.sequence_details         ? 
# 
loop_
_pdbx_validate_torsion.id 
_pdbx_validate_torsion.PDB_model_num 
_pdbx_validate_torsion.auth_comp_id 
_pdbx_validate_torsion.auth_asym_id 
_pdbx_validate_torsion.auth_seq_id 
_pdbx_validate_torsion.PDB_ins_code 
_pdbx_validate_torsion.label_alt_id 
_pdbx_validate_torsion.phi 
_pdbx_validate_torsion.psi 
1 1 PRO A 284 ? ? -85.87 39.00   
2 1 ASN A 301 ? ? 53.03  -109.28 
# 
loop_
_pdbx_unobs_or_zero_occ_atoms.id 
_pdbx_unobs_or_zero_occ_atoms.PDB_model_num 
_pdbx_unobs_or_zero_occ_atoms.polymer_flag 
_pdbx_unobs_or_zero_occ_atoms.occupancy_flag 
_pdbx_unobs_or_zero_occ_atoms.auth_asym_id 
_pdbx_unobs_or_zero_occ_atoms.auth_comp_id 
_pdbx_unobs_or_zero_occ_atoms.auth_seq_id 
_pdbx_unobs_or_zero_occ_atoms.PDB_ins_code 
_pdbx_unobs_or_zero_occ_atoms.auth_atom_id 
_pdbx_unobs_or_zero_occ_atoms.label_alt_id 
_pdbx_unobs_or_zero_occ_atoms.label_asym_id 
_pdbx_unobs_or_zero_occ_atoms.label_comp_id 
_pdbx_unobs_or_zero_occ_atoms.label_seq_id 
_pdbx_unobs_or_zero_occ_atoms.label_atom_id 
1  1 Y 1 A ARG 274 ? CG  ? A ARG 21 CG  
2  1 Y 1 A ARG 274 ? CD  ? A ARG 21 CD  
3  1 Y 1 A ARG 274 ? NE  ? A ARG 21 NE  
4  1 Y 1 A ARG 274 ? CZ  ? A ARG 21 CZ  
5  1 Y 1 A ARG 274 ? NH1 ? A ARG 21 NH1 
6  1 Y 1 A ARG 274 ? NH2 ? A ARG 21 NH2 
7  1 Y 1 A MET 277 ? CG  ? A MET 24 CG  
8  1 Y 1 A MET 277 ? SD  ? A MET 24 SD  
9  1 Y 1 A MET 277 ? CE  ? A MET 24 CE  
10 1 Y 1 A GLN 286 ? CG  ? A GLN 33 CG  
11 1 Y 1 A GLN 286 ? CD  ? A GLN 33 CD  
12 1 Y 1 A GLN 286 ? OE1 ? A GLN 33 OE1 
13 1 Y 1 A GLN 286 ? NE2 ? A GLN 33 NE2 
14 1 Y 1 A GLN 289 ? CG  ? A GLN 36 CG  
15 1 Y 1 A GLN 289 ? CD  ? A GLN 36 CD  
16 1 Y 1 A GLN 289 ? OE1 ? A GLN 36 OE1 
17 1 Y 1 A GLN 289 ? NE2 ? A GLN 36 NE2 
18 1 Y 1 A ARG 300 ? CG  ? A ARG 47 CG  
19 1 Y 1 A ARG 300 ? CD  ? A ARG 47 CD  
20 1 Y 1 A ARG 300 ? NE  ? A ARG 47 NE  
21 1 Y 1 A ARG 300 ? CZ  ? A ARG 47 CZ  
22 1 Y 1 A ARG 300 ? NH1 ? A ARG 47 NH1 
23 1 Y 1 A ARG 300 ? NH2 ? A ARG 47 NH2 
24 1 Y 1 A GLU 317 ? CG  ? A GLU 64 CG  
25 1 Y 1 A GLU 317 ? CD  ? A GLU 64 CD  
26 1 Y 1 A GLU 317 ? OE1 ? A GLU 64 OE1 
27 1 Y 1 A GLU 317 ? OE2 ? A GLU 64 OE2 
28 1 Y 1 A GLU 334 ? CG  ? A GLU 81 CG  
29 1 Y 1 A GLU 334 ? CD  ? A GLU 81 CD  
30 1 Y 1 A GLU 334 ? OE1 ? A GLU 81 OE1 
31 1 Y 1 A GLU 334 ? OE2 ? A GLU 81 OE2 
32 1 Y 1 A GLU 343 ? CG  ? A GLU 90 CG  
33 1 Y 1 A GLU 343 ? CD  ? A GLU 90 CD  
34 1 Y 1 A GLU 343 ? OE1 ? A GLU 90 OE1 
35 1 Y 1 A GLU 343 ? OE2 ? A GLU 90 OE2 
36 1 N 1 A TKY 402 ? C48 ? C TKY 1  C48 
37 1 N 1 A TKY 402 ? C43 ? C TKY 1  C43 
38 1 N 1 A TKY 402 ? C40 ? C TKY 1  C40 
39 1 N 1 A TKY 402 ? C36 ? C TKY 1  C36 
40 1 N 1 A TKY 402 ? C37 ? C TKY 1  C37 
41 1 N 1 A TKY 402 ? C34 ? C TKY 1  C34 
42 1 N 1 A TKY 402 ? C39 ? C TKY 1  C39 
43 1 N 1 A TKY 402 ? C42 ? C TKY 1  C42 
44 1 N 1 A TKY 402 ? C45 ? C TKY 1  C45 
45 1 N 1 A TKY 402 ? C46 ? C TKY 1  C46 
46 1 N 1 A TKY 402 ? C51 ? C TKY 1  C51 
47 1 N 1 A TKY 402 ? C52 ? C TKY 1  C52 
48 1 N 1 A TKY 402 ? C53 ? C TKY 1  C53 
49 1 N 1 A TKY 402 ? C54 ? C TKY 1  C54 
50 1 N 1 A TKY 402 ? C55 ? C TKY 1  C55 
51 1 N 1 A TKY 402 ? C57 ? C TKY 1  C57 
52 1 N 1 A TKY 402 ? C58 ? C TKY 1  C58 
53 1 N 1 A TKY 402 ? C59 ? C TKY 1  C59 
54 1 N 1 A TKY 402 ? C61 ? C TKY 1  C61 
55 1 N 1 A TKY 402 ? C62 ? C TKY 1  C62 
56 1 N 1 A TKY 402 ? C63 ? C TKY 1  C63 
57 1 N 1 A TKY 402 ? C64 ? C TKY 1  C64 
58 1 N 1 A TKY 402 ? C65 ? C TKY 1  C65 
59 1 N 1 A TKY 402 ? C66 ? C TKY 1  C66 
60 1 N 1 A TKY 402 ? C68 ? C TKY 1  C68 
61 1 N 1 A TKY 402 ? C69 ? C TKY 1  C69 
62 1 N 1 A TKY 402 ? C70 ? C TKY 1  C70 
63 1 N 1 A TKY 402 ? C71 ? C TKY 1  C71 
64 1 N 1 A TKY 402 ? C72 ? C TKY 1  C72 
65 1 N 1 A TKY 402 ? C73 ? C TKY 1  C73 
66 1 N 1 A TKY 402 ? C76 ? C TKY 1  C76 
67 1 N 1 A TKY 402 ? F74 ? C TKY 1  F74 
68 1 N 1 A TKY 402 ? F75 ? C TKY 1  F75 
69 1 N 1 A TKY 402 ? N50 ? C TKY 1  N50 
70 1 N 1 A TKY 402 ? N56 ? C TKY 1  N56 
71 1 N 1 A TKY 402 ? N60 ? C TKY 1  N60 
72 1 N 1 A TKY 402 ? N78 ? C TKY 1  N78 
73 1 N 1 A TKY 402 ? N79 ? C TKY 1  N79 
74 1 N 1 A TKY 402 ? O35 ? C TKY 1  O35 
75 1 N 1 A TKY 402 ? O38 ? C TKY 1  O38 
76 1 N 1 A TKY 402 ? O41 ? C TKY 1  O41 
77 1 N 1 A TKY 402 ? O44 ? C TKY 1  O44 
78 1 N 1 A TKY 402 ? O47 ? C TKY 1  O47 
79 1 N 1 A TKY 402 ? O49 ? C TKY 1  O49 
80 1 N 1 A TKY 402 ? O67 ? C TKY 1  O67 
81 1 N 1 A TKY 402 ? O77 ? C TKY 1  O77 
# 
loop_
_pdbx_unobs_or_zero_occ_residues.id 
_pdbx_unobs_or_zero_occ_residues.PDB_model_num 
_pdbx_unobs_or_zero_occ_residues.polymer_flag 
_pdbx_unobs_or_zero_occ_residues.occupancy_flag 
_pdbx_unobs_or_zero_occ_residues.auth_asym_id 
_pdbx_unobs_or_zero_occ_residues.auth_comp_id 
_pdbx_unobs_or_zero_occ_residues.auth_seq_id 
_pdbx_unobs_or_zero_occ_residues.PDB_ins_code 
_pdbx_unobs_or_zero_occ_residues.label_asym_id 
_pdbx_unobs_or_zero_occ_residues.label_comp_id 
_pdbx_unobs_or_zero_occ_residues.label_seq_id 
1  1 Y 1 A GLY 254 ? A GLY 1  
2  1 Y 1 A SER 255 ? A SER 2  
3  1 Y 1 A GLY 256 ? A GLY 3  
4  1 Y 1 A PRO 257 ? A PRO 4  
5  1 Y 1 A GLY 258 ? A GLY 5  
6  1 Y 1 A SER 259 ? A SER 6  
7  1 Y 1 A SER 260 ? A SER 7  
8  1 Y 1 A ILE 261 ? A ILE 8  
9  1 Y 1 A SER 262 ? A SER 9  
10 1 Y 1 A ASN 263 ? A ASN 10 
11 1 Y 1 A LEU 264 ? A LEU 11 
12 1 Y 1 A SER 265 ? A SER 12 
# 
loop_
_chem_comp_atom.comp_id 
_chem_comp_atom.atom_id 
_chem_comp_atom.type_symbol 
_chem_comp_atom.pdbx_aromatic_flag 
_chem_comp_atom.pdbx_stereo_config 
_chem_comp_atom.pdbx_ordinal 
ALA N    N  N N 1   
ALA CA   C  N S 2   
ALA C    C  N N 3   
ALA O    O  N N 4   
ALA CB   C  N N 5   
ALA OXT  O  N N 6   
ALA H    H  N N 7   
ALA H2   H  N N 8   
ALA HA   H  N N 9   
ALA HB1  H  N N 10  
ALA HB2  H  N N 11  
ALA HB3  H  N N 12  
ALA HXT  H  N N 13  
ARG N    N  N N 14  
ARG CA   C  N S 15  
ARG C    C  N N 16  
ARG O    O  N N 17  
ARG CB   C  N N 18  
ARG CG   C  N N 19  
ARG CD   C  N N 20  
ARG NE   N  N N 21  
ARG CZ   C  N N 22  
ARG NH1  N  N N 23  
ARG NH2  N  N N 24  
ARG OXT  O  N N 25  
ARG H    H  N N 26  
ARG H2   H  N N 27  
ARG HA   H  N N 28  
ARG HB2  H  N N 29  
ARG HB3  H  N N 30  
ARG HG2  H  N N 31  
ARG HG3  H  N N 32  
ARG HD2  H  N N 33  
ARG HD3  H  N N 34  
ARG HE   H  N N 35  
ARG HH11 H  N N 36  
ARG HH12 H  N N 37  
ARG HH21 H  N N 38  
ARG HH22 H  N N 39  
ARG HXT  H  N N 40  
ASN N    N  N N 41  
ASN CA   C  N S 42  
ASN C    C  N N 43  
ASN O    O  N N 44  
ASN CB   C  N N 45  
ASN CG   C  N N 46  
ASN OD1  O  N N 47  
ASN ND2  N  N N 48  
ASN OXT  O  N N 49  
ASN H    H  N N 50  
ASN H2   H  N N 51  
ASN HA   H  N N 52  
ASN HB2  H  N N 53  
ASN HB3  H  N N 54  
ASN HD21 H  N N 55  
ASN HD22 H  N N 56  
ASN HXT  H  N N 57  
ASP N    N  N N 58  
ASP CA   C  N S 59  
ASP C    C  N N 60  
ASP O    O  N N 61  
ASP CB   C  N N 62  
ASP CG   C  N N 63  
ASP OD1  O  N N 64  
ASP OD2  O  N N 65  
ASP OXT  O  N N 66  
ASP H    H  N N 67  
ASP H2   H  N N 68  
ASP HA   H  N N 69  
ASP HB2  H  N N 70  
ASP HB3  H  N N 71  
ASP HD2  H  N N 72  
ASP HXT  H  N N 73  
CYS N    N  N N 74  
CYS CA   C  N R 75  
CYS C    C  N N 76  
CYS O    O  N N 77  
CYS CB   C  N N 78  
CYS SG   S  N N 79  
CYS OXT  O  N N 80  
CYS H    H  N N 81  
CYS H2   H  N N 82  
CYS HA   H  N N 83  
CYS HB2  H  N N 84  
CYS HB3  H  N N 85  
CYS HG   H  N N 86  
CYS HXT  H  N N 87  
GLN N    N  N N 88  
GLN CA   C  N S 89  
GLN C    C  N N 90  
GLN O    O  N N 91  
GLN CB   C  N N 92  
GLN CG   C  N N 93  
GLN CD   C  N N 94  
GLN OE1  O  N N 95  
GLN NE2  N  N N 96  
GLN OXT  O  N N 97  
GLN H    H  N N 98  
GLN H2   H  N N 99  
GLN HA   H  N N 100 
GLN HB2  H  N N 101 
GLN HB3  H  N N 102 
GLN HG2  H  N N 103 
GLN HG3  H  N N 104 
GLN HE21 H  N N 105 
GLN HE22 H  N N 106 
GLN HXT  H  N N 107 
GLU N    N  N N 108 
GLU CA   C  N S 109 
GLU C    C  N N 110 
GLU O    O  N N 111 
GLU CB   C  N N 112 
GLU CG   C  N N 113 
GLU CD   C  N N 114 
GLU OE1  O  N N 115 
GLU OE2  O  N N 116 
GLU OXT  O  N N 117 
GLU H    H  N N 118 
GLU H2   H  N N 119 
GLU HA   H  N N 120 
GLU HB2  H  N N 121 
GLU HB3  H  N N 122 
GLU HG2  H  N N 123 
GLU HG3  H  N N 124 
GLU HE2  H  N N 125 
GLU HXT  H  N N 126 
GLY N    N  N N 127 
GLY CA   C  N N 128 
GLY C    C  N N 129 
GLY O    O  N N 130 
GLY OXT  O  N N 131 
GLY H    H  N N 132 
GLY H2   H  N N 133 
GLY HA2  H  N N 134 
GLY HA3  H  N N 135 
GLY HXT  H  N N 136 
HIS N    N  N N 137 
HIS CA   C  N S 138 
HIS C    C  N N 139 
HIS O    O  N N 140 
HIS CB   C  N N 141 
HIS CG   C  Y N 142 
HIS ND1  N  Y N 143 
HIS CD2  C  Y N 144 
HIS CE1  C  Y N 145 
HIS NE2  N  Y N 146 
HIS OXT  O  N N 147 
HIS H    H  N N 148 
HIS H2   H  N N 149 
HIS HA   H  N N 150 
HIS HB2  H  N N 151 
HIS HB3  H  N N 152 
HIS HD1  H  N N 153 
HIS HD2  H  N N 154 
HIS HE1  H  N N 155 
HIS HE2  H  N N 156 
HIS HXT  H  N N 157 
HOH O    O  N N 158 
HOH H1   H  N N 159 
HOH H2   H  N N 160 
ILE N    N  N N 161 
ILE CA   C  N S 162 
ILE C    C  N N 163 
ILE O    O  N N 164 
ILE CB   C  N S 165 
ILE CG1  C  N N 166 
ILE CG2  C  N N 167 
ILE CD1  C  N N 168 
ILE OXT  O  N N 169 
ILE H    H  N N 170 
ILE H2   H  N N 171 
ILE HA   H  N N 172 
ILE HB   H  N N 173 
ILE HG12 H  N N 174 
ILE HG13 H  N N 175 
ILE HG21 H  N N 176 
ILE HG22 H  N N 177 
ILE HG23 H  N N 178 
ILE HD11 H  N N 179 
ILE HD12 H  N N 180 
ILE HD13 H  N N 181 
ILE HXT  H  N N 182 
LEU N    N  N N 183 
LEU CA   C  N S 184 
LEU C    C  N N 185 
LEU O    O  N N 186 
LEU CB   C  N N 187 
LEU CG   C  N N 188 
LEU CD1  C  N N 189 
LEU CD2  C  N N 190 
LEU OXT  O  N N 191 
LEU H    H  N N 192 
LEU H2   H  N N 193 
LEU HA   H  N N 194 
LEU HB2  H  N N 195 
LEU HB3  H  N N 196 
LEU HG   H  N N 197 
LEU HD11 H  N N 198 
LEU HD12 H  N N 199 
LEU HD13 H  N N 200 
LEU HD21 H  N N 201 
LEU HD22 H  N N 202 
LEU HD23 H  N N 203 
LEU HXT  H  N N 204 
LYS N    N  N N 205 
LYS CA   C  N S 206 
LYS C    C  N N 207 
LYS O    O  N N 208 
LYS CB   C  N N 209 
LYS CG   C  N N 210 
LYS CD   C  N N 211 
LYS CE   C  N N 212 
LYS NZ   N  N N 213 
LYS OXT  O  N N 214 
LYS H    H  N N 215 
LYS H2   H  N N 216 
LYS HA   H  N N 217 
LYS HB2  H  N N 218 
LYS HB3  H  N N 219 
LYS HG2  H  N N 220 
LYS HG3  H  N N 221 
LYS HD2  H  N N 222 
LYS HD3  H  N N 223 
LYS HE2  H  N N 224 
LYS HE3  H  N N 225 
LYS HZ1  H  N N 226 
LYS HZ2  H  N N 227 
LYS HZ3  H  N N 228 
LYS HXT  H  N N 229 
MET N    N  N N 230 
MET CA   C  N S 231 
MET C    C  N N 232 
MET O    O  N N 233 
MET CB   C  N N 234 
MET CG   C  N N 235 
MET SD   S  N N 236 
MET CE   C  N N 237 
MET OXT  O  N N 238 
MET H    H  N N 239 
MET H2   H  N N 240 
MET HA   H  N N 241 
MET HB2  H  N N 242 
MET HB3  H  N N 243 
MET HG2  H  N N 244 
MET HG3  H  N N 245 
MET HE1  H  N N 246 
MET HE2  H  N N 247 
MET HE3  H  N N 248 
MET HXT  H  N N 249 
PHE N    N  N N 250 
PHE CA   C  N S 251 
PHE C    C  N N 252 
PHE O    O  N N 253 
PHE CB   C  N N 254 
PHE CG   C  Y N 255 
PHE CD1  C  Y N 256 
PHE CD2  C  Y N 257 
PHE CE1  C  Y N 258 
PHE CE2  C  Y N 259 
PHE CZ   C  Y N 260 
PHE OXT  O  N N 261 
PHE H    H  N N 262 
PHE H2   H  N N 263 
PHE HA   H  N N 264 
PHE HB2  H  N N 265 
PHE HB3  H  N N 266 
PHE HD1  H  N N 267 
PHE HD2  H  N N 268 
PHE HE1  H  N N 269 
PHE HE2  H  N N 270 
PHE HZ   H  N N 271 
PHE HXT  H  N N 272 
PRO N    N  N N 273 
PRO CA   C  N S 274 
PRO C    C  N N 275 
PRO O    O  N N 276 
PRO CB   C  N N 277 
PRO CG   C  N N 278 
PRO CD   C  N N 279 
PRO OXT  O  N N 280 
PRO H    H  N N 281 
PRO HA   H  N N 282 
PRO HB2  H  N N 283 
PRO HB3  H  N N 284 
PRO HG2  H  N N 285 
PRO HG3  H  N N 286 
PRO HD2  H  N N 287 
PRO HD3  H  N N 288 
PRO HXT  H  N N 289 
SER N    N  N N 290 
SER CA   C  N S 291 
SER C    C  N N 292 
SER O    O  N N 293 
SER CB   C  N N 294 
SER OG   O  N N 295 
SER OXT  O  N N 296 
SER H    H  N N 297 
SER H2   H  N N 298 
SER HA   H  N N 299 
SER HB2  H  N N 300 
SER HB3  H  N N 301 
SER HG   H  N N 302 
SER HXT  H  N N 303 
THR N    N  N N 304 
THR CA   C  N S 305 
THR C    C  N N 306 
THR O    O  N N 307 
THR CB   C  N R 308 
THR OG1  O  N N 309 
THR CG2  C  N N 310 
THR OXT  O  N N 311 
THR H    H  N N 312 
THR H2   H  N N 313 
THR HA   H  N N 314 
THR HB   H  N N 315 
THR HG1  H  N N 316 
THR HG21 H  N N 317 
THR HG22 H  N N 318 
THR HG23 H  N N 319 
THR HXT  H  N N 320 
TKY C48  C  N N 321 
TKY C43  C  N N 322 
TKY C40  C  N N 323 
TKY C36  C  N N 324 
TKY C33  C  N N 325 
TKY C37  C  N N 326 
TKY C34  C  N N 327 
TKY C7   C  N N 328 
TKY C6   C  N S 329 
TKY C13  C  Y N 330 
TKY N5   N  N N 331 
TKY C18  C  N S 332 
TKY C16  C  Y N 333 
TKY C19  C  N N 334 
TKY C26  C  Y N 335 
TKY C1   C  N N 336 
TKY C10  C  N N 337 
TKY C11  C  Y N 338 
TKY C12  C  Y N 339 
TKY C14  C  Y N 340 
TKY C15  C  Y N 341 
TKY C17  C  N N 342 
TKY C2   C  N S 343 
TKY C22  C  N R 344 
TKY C23  C  N N 345 
TKY C24  C  N N 346 
TKY C25  C  N N 347 
TKY C27  C  Y N 348 
TKY C28  C  Y N 349 
TKY C29  C  Y N 350 
TKY C3   C  N N 351 
TKY C30  C  Y N 352 
TKY C31  C  Y N 353 
TKY C39  C  N N 354 
TKY C42  C  N N 355 
TKY C45  C  N N 356 
TKY C46  C  N N 357 
TKY C51  C  N N 358 
TKY C52  C  N N 359 
TKY C53  C  N N 360 
TKY C54  C  N R 361 
TKY C55  C  N N 362 
TKY C57  C  Y N 363 
TKY C58  C  Y N 364 
TKY C59  C  Y N 365 
TKY C61  C  Y N 366 
TKY C62  C  Y N 367 
TKY C63  C  Y N 368 
TKY C64  C  Y N 369 
TKY C65  C  Y N 370 
TKY C66  C  Y N 371 
TKY C68  C  Y N 372 
TKY C69  C  Y N 373 
TKY C70  C  Y N 374 
TKY C71  C  Y N 375 
TKY C72  C  Y N 376 
TKY C73  C  Y N 377 
TKY C76  C  N N 378 
TKY C80  C  N N 379 
TKY C81  C  N N 380 
TKY C82  C  N N 381 
TKY C83  C  N N 382 
TKY C85  C  N N 383 
TKY F74  F  N N 384 
TKY F75  F  N N 385 
TKY N21  N  N N 386 
TKY N50  N  N N 387 
TKY N56  N  Y N 388 
TKY N60  N  Y N 389 
TKY N78  N  N N 390 
TKY N79  N  N N 391 
TKY N84  N  N N 392 
TKY N9   N  N N 393 
TKY O20  O  N N 394 
TKY O32  O  N N 395 
TKY O35  O  N N 396 
TKY O38  O  N N 397 
TKY O4   O  N N 398 
TKY O41  O  N N 399 
TKY O44  O  N N 400 
TKY O47  O  N N 401 
TKY O49  O  N N 402 
TKY O67  O  N N 403 
TKY O77  O  N N 404 
TKY O8   O  N N 405 
TKY H1   H  N N 406 
TKY H2   H  N N 407 
TKY H3   H  N N 408 
TKY H4   H  N N 409 
TKY H5   H  N N 410 
TKY H6   H  N N 411 
TKY H7   H  N N 412 
TKY H8   H  N N 413 
TKY H9   H  N N 414 
TKY H10  H  N N 415 
TKY H11  H  N N 416 
TKY H12  H  N N 417 
TKY H13  H  N N 418 
TKY H14  H  N N 419 
TKY H15  H  N N 420 
TKY H16  H  N N 421 
TKY H17  H  N N 422 
TKY H18  H  N N 423 
TKY H19  H  N N 424 
TKY H20  H  N N 425 
TKY H21  H  N N 426 
TKY H22  H  N N 427 
TKY H23  H  N N 428 
TKY H24  H  N N 429 
TKY H25  H  N N 430 
TKY H26  H  N N 431 
TKY H27  H  N N 432 
TKY H28  H  N N 433 
TKY H29  H  N N 434 
TKY H30  H  N N 435 
TKY H31  H  N N 436 
TKY H32  H  N N 437 
TKY H33  H  N N 438 
TKY H34  H  N N 439 
TKY H35  H  N N 440 
TKY H36  H  N N 441 
TKY H37  H  N N 442 
TKY H38  H  N N 443 
TKY H39  H  N N 444 
TKY H40  H  N N 445 
TKY H41  H  N N 446 
TKY H42  H  N N 447 
TKY H43  H  N N 448 
TKY H44  H  N N 449 
TKY H45  H  N N 450 
TKY H46  H  N N 451 
TKY H47  H  N N 452 
TKY H48  H  N N 453 
TKY H49  H  N N 454 
TKY H50  H  N N 455 
TKY H51  H  N N 456 
TKY H52  H  N N 457 
TKY H53  H  N N 458 
TKY H54  H  N N 459 
TKY H55  H  N N 460 
TKY H56  H  N N 461 
TKY H57  H  N N 462 
TKY H58  H  N N 463 
TKY H59  H  N N 464 
TKY H60  H  N N 465 
TKY H61  H  N N 466 
TKY H62  H  N N 467 
TKY H63  H  N N 468 
TKY H64  H  N N 469 
TKY H65  H  N N 470 
TKY H66  H  N N 471 
TKY H67  H  N N 472 
TKY H68  H  N N 473 
TKY H69  H  N N 474 
TKY H70  H  N N 475 
TKY H71  H  N N 476 
TKY H72  H  N N 477 
TKY H73  H  N N 478 
TKY H74  H  N N 479 
TKY H75  H  N N 480 
TKY H76  H  N N 481 
TKY H77  H  N N 482 
TKY H78  H  N N 483 
TKY H79  H  N N 484 
TRP N    N  N N 485 
TRP CA   C  N S 486 
TRP C    C  N N 487 
TRP O    O  N N 488 
TRP CB   C  N N 489 
TRP CG   C  Y N 490 
TRP CD1  C  Y N 491 
TRP CD2  C  Y N 492 
TRP NE1  N  Y N 493 
TRP CE2  C  Y N 494 
TRP CE3  C  Y N 495 
TRP CZ2  C  Y N 496 
TRP CZ3  C  Y N 497 
TRP CH2  C  Y N 498 
TRP OXT  O  N N 499 
TRP H    H  N N 500 
TRP H2   H  N N 501 
TRP HA   H  N N 502 
TRP HB2  H  N N 503 
TRP HB3  H  N N 504 
TRP HD1  H  N N 505 
TRP HE1  H  N N 506 
TRP HE3  H  N N 507 
TRP HZ2  H  N N 508 
TRP HZ3  H  N N 509 
TRP HH2  H  N N 510 
TRP HXT  H  N N 511 
TYR N    N  N N 512 
TYR CA   C  N S 513 
TYR C    C  N N 514 
TYR O    O  N N 515 
TYR CB   C  N N 516 
TYR CG   C  Y N 517 
TYR CD1  C  Y N 518 
TYR CD2  C  Y N 519 
TYR CE1  C  Y N 520 
TYR CE2  C  Y N 521 
TYR CZ   C  Y N 522 
TYR OH   O  N N 523 
TYR OXT  O  N N 524 
TYR H    H  N N 525 
TYR H2   H  N N 526 
TYR HA   H  N N 527 
TYR HB2  H  N N 528 
TYR HB3  H  N N 529 
TYR HD1  H  N N 530 
TYR HD2  H  N N 531 
TYR HE1  H  N N 532 
TYR HE2  H  N N 533 
TYR HH   H  N N 534 
TYR HXT  H  N N 535 
VAL N    N  N N 536 
VAL CA   C  N S 537 
VAL C    C  N N 538 
VAL O    O  N N 539 
VAL CB   C  N N 540 
VAL CG1  C  N N 541 
VAL CG2  C  N N 542 
VAL OXT  O  N N 543 
VAL H    H  N N 544 
VAL H2   H  N N 545 
VAL HA   H  N N 546 
VAL HB   H  N N 547 
VAL HG11 H  N N 548 
VAL HG12 H  N N 549 
VAL HG13 H  N N 550 
VAL HG21 H  N N 551 
VAL HG22 H  N N 552 
VAL HG23 H  N N 553 
VAL HXT  H  N N 554 
ZN  ZN   ZN N N 555 
# 
loop_
_chem_comp_bond.comp_id 
_chem_comp_bond.atom_id_1 
_chem_comp_bond.atom_id_2 
_chem_comp_bond.value_order 
_chem_comp_bond.pdbx_aromatic_flag 
_chem_comp_bond.pdbx_stereo_config 
_chem_comp_bond.pdbx_ordinal 
ALA N   CA   sing N N 1   
ALA N   H    sing N N 2   
ALA N   H2   sing N N 3   
ALA CA  C    sing N N 4   
ALA CA  CB   sing N N 5   
ALA CA  HA   sing N N 6   
ALA C   O    doub N N 7   
ALA C   OXT  sing N N 8   
ALA CB  HB1  sing N N 9   
ALA CB  HB2  sing N N 10  
ALA CB  HB3  sing N N 11  
ALA OXT HXT  sing N N 12  
ARG N   CA   sing N N 13  
ARG N   H    sing N N 14  
ARG N   H2   sing N N 15  
ARG CA  C    sing N N 16  
ARG CA  CB   sing N N 17  
ARG CA  HA   sing N N 18  
ARG C   O    doub N N 19  
ARG C   OXT  sing N N 20  
ARG CB  CG   sing N N 21  
ARG CB  HB2  sing N N 22  
ARG CB  HB3  sing N N 23  
ARG CG  CD   sing N N 24  
ARG CG  HG2  sing N N 25  
ARG CG  HG3  sing N N 26  
ARG CD  NE   sing N N 27  
ARG CD  HD2  sing N N 28  
ARG CD  HD3  sing N N 29  
ARG NE  CZ   sing N N 30  
ARG NE  HE   sing N N 31  
ARG CZ  NH1  sing N N 32  
ARG CZ  NH2  doub N N 33  
ARG NH1 HH11 sing N N 34  
ARG NH1 HH12 sing N N 35  
ARG NH2 HH21 sing N N 36  
ARG NH2 HH22 sing N N 37  
ARG OXT HXT  sing N N 38  
ASN N   CA   sing N N 39  
ASN N   H    sing N N 40  
ASN N   H2   sing N N 41  
ASN CA  C    sing N N 42  
ASN CA  CB   sing N N 43  
ASN CA  HA   sing N N 44  
ASN C   O    doub N N 45  
ASN C   OXT  sing N N 46  
ASN CB  CG   sing N N 47  
ASN CB  HB2  sing N N 48  
ASN CB  HB3  sing N N 49  
ASN CG  OD1  doub N N 50  
ASN CG  ND2  sing N N 51  
ASN ND2 HD21 sing N N 52  
ASN ND2 HD22 sing N N 53  
ASN OXT HXT  sing N N 54  
ASP N   CA   sing N N 55  
ASP N   H    sing N N 56  
ASP N   H2   sing N N 57  
ASP CA  C    sing N N 58  
ASP CA  CB   sing N N 59  
ASP CA  HA   sing N N 60  
ASP C   O    doub N N 61  
ASP C   OXT  sing N N 62  
ASP CB  CG   sing N N 63  
ASP CB  HB2  sing N N 64  
ASP CB  HB3  sing N N 65  
ASP CG  OD1  doub N N 66  
ASP CG  OD2  sing N N 67  
ASP OD2 HD2  sing N N 68  
ASP OXT HXT  sing N N 69  
CYS N   CA   sing N N 70  
CYS N   H    sing N N 71  
CYS N   H2   sing N N 72  
CYS CA  C    sing N N 73  
CYS CA  CB   sing N N 74  
CYS CA  HA   sing N N 75  
CYS C   O    doub N N 76  
CYS C   OXT  sing N N 77  
CYS CB  SG   sing N N 78  
CYS CB  HB2  sing N N 79  
CYS CB  HB3  sing N N 80  
CYS SG  HG   sing N N 81  
CYS OXT HXT  sing N N 82  
GLN N   CA   sing N N 83  
GLN N   H    sing N N 84  
GLN N   H2   sing N N 85  
GLN CA  C    sing N N 86  
GLN CA  CB   sing N N 87  
GLN CA  HA   sing N N 88  
GLN C   O    doub N N 89  
GLN C   OXT  sing N N 90  
GLN CB  CG   sing N N 91  
GLN CB  HB2  sing N N 92  
GLN CB  HB3  sing N N 93  
GLN CG  CD   sing N N 94  
GLN CG  HG2  sing N N 95  
GLN CG  HG3  sing N N 96  
GLN CD  OE1  doub N N 97  
GLN CD  NE2  sing N N 98  
GLN NE2 HE21 sing N N 99  
GLN NE2 HE22 sing N N 100 
GLN OXT HXT  sing N N 101 
GLU N   CA   sing N N 102 
GLU N   H    sing N N 103 
GLU N   H2   sing N N 104 
GLU CA  C    sing N N 105 
GLU CA  CB   sing N N 106 
GLU CA  HA   sing N N 107 
GLU C   O    doub N N 108 
GLU C   OXT  sing N N 109 
GLU CB  CG   sing N N 110 
GLU CB  HB2  sing N N 111 
GLU CB  HB3  sing N N 112 
GLU CG  CD   sing N N 113 
GLU CG  HG2  sing N N 114 
GLU CG  HG3  sing N N 115 
GLU CD  OE1  doub N N 116 
GLU CD  OE2  sing N N 117 
GLU OE2 HE2  sing N N 118 
GLU OXT HXT  sing N N 119 
GLY N   CA   sing N N 120 
GLY N   H    sing N N 121 
GLY N   H2   sing N N 122 
GLY CA  C    sing N N 123 
GLY CA  HA2  sing N N 124 
GLY CA  HA3  sing N N 125 
GLY C   O    doub N N 126 
GLY C   OXT  sing N N 127 
GLY OXT HXT  sing N N 128 
HIS N   CA   sing N N 129 
HIS N   H    sing N N 130 
HIS N   H2   sing N N 131 
HIS CA  C    sing N N 132 
HIS CA  CB   sing N N 133 
HIS CA  HA   sing N N 134 
HIS C   O    doub N N 135 
HIS C   OXT  sing N N 136 
HIS CB  CG   sing N N 137 
HIS CB  HB2  sing N N 138 
HIS CB  HB3  sing N N 139 
HIS CG  ND1  sing Y N 140 
HIS CG  CD2  doub Y N 141 
HIS ND1 CE1  doub Y N 142 
HIS ND1 HD1  sing N N 143 
HIS CD2 NE2  sing Y N 144 
HIS CD2 HD2  sing N N 145 
HIS CE1 NE2  sing Y N 146 
HIS CE1 HE1  sing N N 147 
HIS NE2 HE2  sing N N 148 
HIS OXT HXT  sing N N 149 
HOH O   H1   sing N N 150 
HOH O   H2   sing N N 151 
ILE N   CA   sing N N 152 
ILE N   H    sing N N 153 
ILE N   H2   sing N N 154 
ILE CA  C    sing N N 155 
ILE CA  CB   sing N N 156 
ILE CA  HA   sing N N 157 
ILE C   O    doub N N 158 
ILE C   OXT  sing N N 159 
ILE CB  CG1  sing N N 160 
ILE CB  CG2  sing N N 161 
ILE CB  HB   sing N N 162 
ILE CG1 CD1  sing N N 163 
ILE CG1 HG12 sing N N 164 
ILE CG1 HG13 sing N N 165 
ILE CG2 HG21 sing N N 166 
ILE CG2 HG22 sing N N 167 
ILE CG2 HG23 sing N N 168 
ILE CD1 HD11 sing N N 169 
ILE CD1 HD12 sing N N 170 
ILE CD1 HD13 sing N N 171 
ILE OXT HXT  sing N N 172 
LEU N   CA   sing N N 173 
LEU N   H    sing N N 174 
LEU N   H2   sing N N 175 
LEU CA  C    sing N N 176 
LEU CA  CB   sing N N 177 
LEU CA  HA   sing N N 178 
LEU C   O    doub N N 179 
LEU C   OXT  sing N N 180 
LEU CB  CG   sing N N 181 
LEU CB  HB2  sing N N 182 
LEU CB  HB3  sing N N 183 
LEU CG  CD1  sing N N 184 
LEU CG  CD2  sing N N 185 
LEU CG  HG   sing N N 186 
LEU CD1 HD11 sing N N 187 
LEU CD1 HD12 sing N N 188 
LEU CD1 HD13 sing N N 189 
LEU CD2 HD21 sing N N 190 
LEU CD2 HD22 sing N N 191 
LEU CD2 HD23 sing N N 192 
LEU OXT HXT  sing N N 193 
LYS N   CA   sing N N 194 
LYS N   H    sing N N 195 
LYS N   H2   sing N N 196 
LYS CA  C    sing N N 197 
LYS CA  CB   sing N N 198 
LYS CA  HA   sing N N 199 
LYS C   O    doub N N 200 
LYS C   OXT  sing N N 201 
LYS CB  CG   sing N N 202 
LYS CB  HB2  sing N N 203 
LYS CB  HB3  sing N N 204 
LYS CG  CD   sing N N 205 
LYS CG  HG2  sing N N 206 
LYS CG  HG3  sing N N 207 
LYS CD  CE   sing N N 208 
LYS CD  HD2  sing N N 209 
LYS CD  HD3  sing N N 210 
LYS CE  NZ   sing N N 211 
LYS CE  HE2  sing N N 212 
LYS CE  HE3  sing N N 213 
LYS NZ  HZ1  sing N N 214 
LYS NZ  HZ2  sing N N 215 
LYS NZ  HZ3  sing N N 216 
LYS OXT HXT  sing N N 217 
MET N   CA   sing N N 218 
MET N   H    sing N N 219 
MET N   H2   sing N N 220 
MET CA  C    sing N N 221 
MET CA  CB   sing N N 222 
MET CA  HA   sing N N 223 
MET C   O    doub N N 224 
MET C   OXT  sing N N 225 
MET CB  CG   sing N N 226 
MET CB  HB2  sing N N 227 
MET CB  HB3  sing N N 228 
MET CG  SD   sing N N 229 
MET CG  HG2  sing N N 230 
MET CG  HG3  sing N N 231 
MET SD  CE   sing N N 232 
MET CE  HE1  sing N N 233 
MET CE  HE2  sing N N 234 
MET CE  HE3  sing N N 235 
MET OXT HXT  sing N N 236 
PHE N   CA   sing N N 237 
PHE N   H    sing N N 238 
PHE N   H2   sing N N 239 
PHE CA  C    sing N N 240 
PHE CA  CB   sing N N 241 
PHE CA  HA   sing N N 242 
PHE C   O    doub N N 243 
PHE C   OXT  sing N N 244 
PHE CB  CG   sing N N 245 
PHE CB  HB2  sing N N 246 
PHE CB  HB3  sing N N 247 
PHE CG  CD1  doub Y N 248 
PHE CG  CD2  sing Y N 249 
PHE CD1 CE1  sing Y N 250 
PHE CD1 HD1  sing N N 251 
PHE CD2 CE2  doub Y N 252 
PHE CD2 HD2  sing N N 253 
PHE CE1 CZ   doub Y N 254 
PHE CE1 HE1  sing N N 255 
PHE CE2 CZ   sing Y N 256 
PHE CE2 HE2  sing N N 257 
PHE CZ  HZ   sing N N 258 
PHE OXT HXT  sing N N 259 
PRO N   CA   sing N N 260 
PRO N   CD   sing N N 261 
PRO N   H    sing N N 262 
PRO CA  C    sing N N 263 
PRO CA  CB   sing N N 264 
PRO CA  HA   sing N N 265 
PRO C   O    doub N N 266 
PRO C   OXT  sing N N 267 
PRO CB  CG   sing N N 268 
PRO CB  HB2  sing N N 269 
PRO CB  HB3  sing N N 270 
PRO CG  CD   sing N N 271 
PRO CG  HG2  sing N N 272 
PRO CG  HG3  sing N N 273 
PRO CD  HD2  sing N N 274 
PRO CD  HD3  sing N N 275 
PRO OXT HXT  sing N N 276 
SER N   CA   sing N N 277 
SER N   H    sing N N 278 
SER N   H2   sing N N 279 
SER CA  C    sing N N 280 
SER CA  CB   sing N N 281 
SER CA  HA   sing N N 282 
SER C   O    doub N N 283 
SER C   OXT  sing N N 284 
SER CB  OG   sing N N 285 
SER CB  HB2  sing N N 286 
SER CB  HB3  sing N N 287 
SER OG  HG   sing N N 288 
SER OXT HXT  sing N N 289 
THR N   CA   sing N N 290 
THR N   H    sing N N 291 
THR N   H2   sing N N 292 
THR CA  C    sing N N 293 
THR CA  CB   sing N N 294 
THR CA  HA   sing N N 295 
THR C   O    doub N N 296 
THR C   OXT  sing N N 297 
THR CB  OG1  sing N N 298 
THR CB  CG2  sing N N 299 
THR CB  HB   sing N N 300 
THR OG1 HG1  sing N N 301 
THR CG2 HG21 sing N N 302 
THR CG2 HG22 sing N N 303 
THR CG2 HG23 sing N N 304 
THR OXT HXT  sing N N 305 
TKY C52 C53  sing N N 306 
TKY C52 C51  sing N N 307 
TKY C36 C37  sing N N 308 
TKY C36 O35  sing N N 309 
TKY C37 O38  sing N N 310 
TKY C53 C54  sing N N 311 
TKY C43 C42  sing N N 312 
TKY C43 O44  sing N N 313 
TKY C51 N50  sing N N 314 
TKY C42 O41  sing N N 315 
TKY O35 C34  sing N N 316 
TKY O38 C39  sing N N 317 
TKY C15 C14  doub Y N 318 
TKY C15 C16  sing Y N 319 
TKY C14 C13  sing Y N 320 
TKY C34 C33  sing N N 321 
TKY O49 C48  doub N N 322 
TKY C54 N56  sing N N 323 
TKY C54 C55  sing N N 324 
TKY O41 C40  sing N N 325 
TKY O32 C13  sing N N 326 
TKY O32 C33  sing N N 327 
TKY C16 C17  sing N N 328 
TKY C16 C11  doub Y N 329 
TKY O44 C45  sing N N 330 
TKY C17 C18  sing N N 331 
TKY C13 C12  doub Y N 332 
TKY N56 N60  sing Y N 333 
TKY N56 C57  sing Y N 334 
TKY N50 C48  sing N N 335 
TKY N50 C55  sing N N 336 
TKY C66 C65  doub Y N 337 
TKY C66 C61  sing Y N 338 
TKY N79 C57  sing N N 339 
TKY C48 O47  sing N N 340 
TKY N60 C59  doub Y N 341 
TKY C57 C58  doub Y N 342 
TKY C65 C64  sing Y N 343 
TKY C39 C40  sing N N 344 
TKY O77 C76  doub N N 345 
TKY C11 C12  sing Y N 346 
TKY C11 C10  sing N N 347 
TKY C59 C58  sing Y N 348 
TKY C59 C61  sing N N 349 
TKY C58 C76  sing N N 350 
TKY F74 C73  sing N N 351 
TKY C61 C62  doub Y N 352 
TKY C76 N78  sing N N 353 
TKY C45 C46  sing N N 354 
TKY C10 N9   sing N N 355 
TKY C64 O67  sing N N 356 
TKY C64 C63  doub Y N 357 
TKY O47 C46  sing N N 358 
TKY C18 N9   sing N N 359 
TKY C18 C19  sing N N 360 
TKY O67 C68  sing N N 361 
TKY C24 C25  sing N N 362 
TKY C24 C23  sing N N 363 
TKY C62 C63  sing Y N 364 
TKY N9  C7   sing N N 365 
TKY C25 C26  sing N N 366 
TKY C73 C68  doub Y N 367 
TKY C73 C72  sing Y N 368 
TKY N21 C19  sing N N 369 
TKY N21 C22  sing N N 370 
TKY O4  C3   doub N N 371 
TKY C19 O20  doub N N 372 
TKY C68 C69  sing Y N 373 
TKY C23 C22  sing N N 374 
TKY C26 C31  doub Y N 375 
TKY C26 C27  sing Y N 376 
TKY C31 C30  sing Y N 377 
TKY C1  C2   sing N N 378 
TKY C7  O8   doub N N 379 
TKY C7  C6   sing N N 380 
TKY C72 C71  doub Y N 381 
TKY C22 C27  sing N N 382 
TKY C3  C2   sing N N 383 
TKY C3  N5   sing N N 384 
TKY C27 C28  doub Y N 385 
TKY C30 C29  doub Y N 386 
TKY C6  N5   sing N N 387 
TKY C6  C80  sing N N 388 
TKY N84 C2   sing N N 389 
TKY N84 C85  sing N N 390 
TKY C69 C70  doub Y N 391 
TKY C28 C29  sing Y N 392 
TKY C71 C70  sing Y N 393 
TKY C71 F75  sing N N 394 
TKY C82 C80  sing N N 395 
TKY C80 C83  sing N N 396 
TKY C80 C81  sing N N 397 
TKY C43 H1   sing N N 398 
TKY C43 H2   sing N N 399 
TKY C40 H3   sing N N 400 
TKY C40 H4   sing N N 401 
TKY C36 H5   sing N N 402 
TKY C36 H6   sing N N 403 
TKY C33 H7   sing N N 404 
TKY C33 H8   sing N N 405 
TKY C37 H9   sing N N 406 
TKY C37 H10  sing N N 407 
TKY C34 H11  sing N N 408 
TKY C34 H12  sing N N 409 
TKY C6  H13  sing N N 410 
TKY N5  H14  sing N N 411 
TKY C18 H15  sing N N 412 
TKY C1  H16  sing N N 413 
TKY C1  H17  sing N N 414 
TKY C1  H18  sing N N 415 
TKY C10 H19  sing N N 416 
TKY C10 H20  sing N N 417 
TKY C12 H21  sing N N 418 
TKY C14 H22  sing N N 419 
TKY C15 H23  sing N N 420 
TKY C17 H24  sing N N 421 
TKY C17 H25  sing N N 422 
TKY C2  H26  sing N N 423 
TKY C22 H27  sing N N 424 
TKY C23 H28  sing N N 425 
TKY C23 H29  sing N N 426 
TKY C24 H30  sing N N 427 
TKY C24 H31  sing N N 428 
TKY C25 H32  sing N N 429 
TKY C25 H33  sing N N 430 
TKY C28 H34  sing N N 431 
TKY C29 H35  sing N N 432 
TKY C30 H36  sing N N 433 
TKY C31 H37  sing N N 434 
TKY C39 H38  sing N N 435 
TKY C39 H39  sing N N 436 
TKY C42 H40  sing N N 437 
TKY C42 H41  sing N N 438 
TKY C45 H42  sing N N 439 
TKY C45 H43  sing N N 440 
TKY C46 H44  sing N N 441 
TKY C46 H45  sing N N 442 
TKY C51 H46  sing N N 443 
TKY C51 H47  sing N N 444 
TKY C52 H48  sing N N 445 
TKY C52 H49  sing N N 446 
TKY C53 H50  sing N N 447 
TKY C53 H51  sing N N 448 
TKY C54 H52  sing N N 449 
TKY C55 H53  sing N N 450 
TKY C55 H54  sing N N 451 
TKY C62 H55  sing N N 452 
TKY C63 H56  sing N N 453 
TKY C65 H57  sing N N 454 
TKY C66 H58  sing N N 455 
TKY C69 H59  sing N N 456 
TKY C70 H60  sing N N 457 
TKY C72 H61  sing N N 458 
TKY C81 H62  sing N N 459 
TKY C81 H63  sing N N 460 
TKY C81 H64  sing N N 461 
TKY C82 H65  sing N N 462 
TKY C82 H66  sing N N 463 
TKY C82 H67  sing N N 464 
TKY C83 H68  sing N N 465 
TKY C83 H69  sing N N 466 
TKY C83 H70  sing N N 467 
TKY C85 H71  sing N N 468 
TKY C85 H72  sing N N 469 
TKY C85 H73  sing N N 470 
TKY N21 H74  sing N N 471 
TKY N78 H75  sing N N 472 
TKY N78 H76  sing N N 473 
TKY N79 H77  sing N N 474 
TKY N79 H78  sing N N 475 
TKY N84 H79  sing N N 476 
TRP N   CA   sing N N 477 
TRP N   H    sing N N 478 
TRP N   H2   sing N N 479 
TRP CA  C    sing N N 480 
TRP CA  CB   sing N N 481 
TRP CA  HA   sing N N 482 
TRP C   O    doub N N 483 
TRP C   OXT  sing N N 484 
TRP CB  CG   sing N N 485 
TRP CB  HB2  sing N N 486 
TRP CB  HB3  sing N N 487 
TRP CG  CD1  doub Y N 488 
TRP CG  CD2  sing Y N 489 
TRP CD1 NE1  sing Y N 490 
TRP CD1 HD1  sing N N 491 
TRP CD2 CE2  doub Y N 492 
TRP CD2 CE3  sing Y N 493 
TRP NE1 CE2  sing Y N 494 
TRP NE1 HE1  sing N N 495 
TRP CE2 CZ2  sing Y N 496 
TRP CE3 CZ3  doub Y N 497 
TRP CE3 HE3  sing N N 498 
TRP CZ2 CH2  doub Y N 499 
TRP CZ2 HZ2  sing N N 500 
TRP CZ3 CH2  sing Y N 501 
TRP CZ3 HZ3  sing N N 502 
TRP CH2 HH2  sing N N 503 
TRP OXT HXT  sing N N 504 
TYR N   CA   sing N N 505 
TYR N   H    sing N N 506 
TYR N   H2   sing N N 507 
TYR CA  C    sing N N 508 
TYR CA  CB   sing N N 509 
TYR CA  HA   sing N N 510 
TYR C   O    doub N N 511 
TYR C   OXT  sing N N 512 
TYR CB  CG   sing N N 513 
TYR CB  HB2  sing N N 514 
TYR CB  HB3  sing N N 515 
TYR CG  CD1  doub Y N 516 
TYR CG  CD2  sing Y N 517 
TYR CD1 CE1  sing Y N 518 
TYR CD1 HD1  sing N N 519 
TYR CD2 CE2  doub Y N 520 
TYR CD2 HD2  sing N N 521 
TYR CE1 CZ   doub Y N 522 
TYR CE1 HE1  sing N N 523 
TYR CE2 CZ   sing Y N 524 
TYR CE2 HE2  sing N N 525 
TYR CZ  OH   sing N N 526 
TYR OH  HH   sing N N 527 
TYR OXT HXT  sing N N 528 
VAL N   CA   sing N N 529 
VAL N   H    sing N N 530 
VAL N   H2   sing N N 531 
VAL CA  C    sing N N 532 
VAL CA  CB   sing N N 533 
VAL CA  HA   sing N N 534 
VAL C   O    doub N N 535 
VAL C   OXT  sing N N 536 
VAL CB  CG1  sing N N 537 
VAL CB  CG2  sing N N 538 
VAL CB  HB   sing N N 539 
VAL CG1 HG11 sing N N 540 
VAL CG1 HG12 sing N N 541 
VAL CG1 HG13 sing N N 542 
VAL CG2 HG21 sing N N 543 
VAL CG2 HG22 sing N N 544 
VAL CG2 HG23 sing N N 545 
VAL OXT HXT  sing N N 546 
# 
_pdbx_entity_instance_feature.ordinal        1 
_pdbx_entity_instance_feature.comp_id        TKY 
_pdbx_entity_instance_feature.asym_id        ? 
_pdbx_entity_instance_feature.seq_num        ? 
_pdbx_entity_instance_feature.auth_comp_id   TKY 
_pdbx_entity_instance_feature.auth_asym_id   ? 
_pdbx_entity_instance_feature.auth_seq_num   ? 
_pdbx_entity_instance_feature.feature_type   'SUBJECT OF INVESTIGATION' 
_pdbx_entity_instance_feature.details        ? 
# 
loop_
_pdbx_entity_nonpoly.entity_id 
_pdbx_entity_nonpoly.name 
_pdbx_entity_nonpoly.comp_id 
2 'ZINC ION' ZN  
3 
;14-{[(3S)-2-(N-methyl-L-alanyl-3-methyl-L-valyl)-3-{[(1R)-1,2,3,4-tetrahydronaphthalen-1-yl]carbamoyl}-1,2,3,4-tetrahydroisoquinolin-7-yl]oxy}-3,6,9,12-tetraoxatetradecan-1-yl (3R)-3-{5-amino-4-carbamoyl-3-[4-(2,4-difluorophenoxy)phenyl]-1H-pyrazol-1-yl}piperidine-1-carboxylate
;
TKY 
4 water HOH 
# 
_pdbx_initial_refinement_model.id               1 
_pdbx_initial_refinement_model.entity_id_list   ? 
_pdbx_initial_refinement_model.type             'experimental model' 
_pdbx_initial_refinement_model.source_name      PDB 
_pdbx_initial_refinement_model.accession_code   4KMN 
_pdbx_initial_refinement_model.details          ? 
# 
_pdbx_struct_assembly_auth_evidence.id                     1 
_pdbx_struct_assembly_auth_evidence.assembly_id            1 
_pdbx_struct_assembly_auth_evidence.experimental_support   'gel filtration' 
_pdbx_struct_assembly_auth_evidence.details                ? 
# 
